data_4XZ3
#
_entry.id   4XZ3
#
_cell.length_a   100.170
_cell.length_b   111.880
_cell.length_c   127.590
_cell.angle_alpha   90.00
_cell.angle_beta   90.00
_cell.angle_gamma   90.00
#
_symmetry.space_group_name_H-M   'P 21 21 21'
#
loop_
_entity.id
_entity.type
_entity.pdbx_description
1 polymer 'Acyl-CoA synthetase (NDP forming)'
2 polymer 'Uncharacterized protein'
3 non-polymer 'COENZYME A'
4 non-polymer 'PHOSPHOMETHYLPHOSPHONIC ACID ADENYLATE ESTER'
5 non-polymer 'MAGNESIUM ION'
6 water water
#
loop_
_entity_poly.entity_id
_entity_poly.type
_entity_poly.pdbx_seq_one_letter_code
_entity_poly.pdbx_strand_id
1 'polypeptide(L)'
;(MSE)NDLERLFNPSAIAVVGASKDPSKIGSQILRNLLSYGFKGKVYPINPTADEL(MSE)GLKCYPKVSDVPDKVDVAV
ISVPSDKVLGVIDDCGKAGVKFAVVITSGFKEVGNEELEEELVRRAHSYG(MSE)RVLGPNIFGYLYAPARLNATFGPKD
VLSGNVAFISQSGALGIAL(MSE)GYTVVENIGISSIVSVGNKADLDDVDLLDFFDKDPNTGVI(MSE)IYLEGIAPGRG
R(MSE)FIDVASRVSLRKPIIVIKAGRTEVGARAAASHTGSIAGSVAIYESAFKQSGIL(MSE)AKSVEDAFDWTKALSW
NPIPEGERLIVLTNGGGAGVQSTDTFADNGIYLSKPPESLIQEIKKFVPPFASFANPIDITG(MSE)APDDWYY(MSE)G
TLAALKNPDVDALTVLYCQTAVTTPIGVAKGIVDAIKEAGNSKPVTVG(MSE)VGGPEVAEAVSFLNKQRIAAYPTPERA
SSA(MSE)SALYAYARARSYV(MSE)KSLAVR
;
A,C
2 'polypeptide(L)'
;(MSE)SSRDLLLKAKENGRKSLLEHEAKYFISSYGIPVTNIRLAKSEEEAVNFSREIGFPVVLKIVSPQVVHKSDVGGVK
VNLRSEEEVRKAYREIIENVKRNVPNAEIEGILVQEFAPPGVELIIGLLRDPQFGPTV(MSE)FGLGGVFVELFRDVSFR
VAPLSEQDAES(MSE)IKEVKAYKLLTGFRG(MSE)EPVDIEAIKDALIRAGRIGVENEEIAE(MSE)DLNPVIAYPKGI
KVVDARIILR
;
B,D
#
loop_
_chem_comp.id
_chem_comp.type
_chem_comp.name
_chem_comp.formula
ACP non-polymer 'PHOSPHOMETHYLPHOSPHONIC ACID ADENYLATE ESTER' 'C11 H18 N5 O12 P3'
COA non-polymer 'COENZYME A' 'C21 H36 N7 O16 P3 S'
MG non-polymer 'MAGNESIUM ION' 'Mg 2'
#
# COMPACT_ATOMS: atom_id res chain seq x y z
N ASN A 2 20.35 29.93 14.60
CA ASN A 2 21.67 30.53 14.42
C ASN A 2 22.66 29.51 13.83
N ASP A 3 23.97 29.72 14.07
CA ASP A 3 25.00 28.88 13.48
C ASP A 3 25.38 27.72 14.39
N LEU A 4 25.53 26.53 13.80
CA LEU A 4 25.88 25.32 14.54
C LEU A 4 27.21 24.75 14.07
N GLU A 5 28.00 25.58 13.39
CA GLU A 5 29.30 25.16 12.88
C GLU A 5 30.19 24.62 13.99
N ARG A 6 30.16 25.26 15.15
CA ARG A 6 31.05 24.86 16.23
C ARG A 6 30.50 23.67 17.03
N LEU A 7 29.24 23.33 16.81
CA LEU A 7 28.67 22.13 17.41
C LEU A 7 29.21 20.89 16.69
N PHE A 8 29.22 20.94 15.36
CA PHE A 8 29.69 19.79 14.57
C PHE A 8 31.20 19.82 14.33
N ASN A 9 31.77 21.02 14.42
CA ASN A 9 33.23 21.20 14.29
C ASN A 9 33.80 21.98 15.47
N PRO A 10 33.71 21.41 16.68
CA PRO A 10 34.27 22.02 17.89
C PRO A 10 35.78 21.87 18.00
N SER A 11 36.43 22.82 18.68
CA SER A 11 37.85 22.69 18.99
C SER A 11 38.03 21.91 20.29
N ALA A 12 37.05 22.05 21.19
CA ALA A 12 37.12 21.42 22.50
C ALA A 12 35.76 20.91 22.95
N ILE A 13 35.76 19.68 23.48
CA ILE A 13 34.55 19.03 23.96
C ILE A 13 34.81 18.51 25.35
N ALA A 14 33.82 18.64 26.23
CA ALA A 14 33.92 18.19 27.61
C ALA A 14 32.88 17.10 27.90
N VAL A 15 33.37 15.93 28.31
CA VAL A 15 32.47 14.83 28.64
C VAL A 15 32.22 14.76 30.14
N VAL A 16 31.17 15.46 30.57
CA VAL A 16 30.73 15.41 31.97
C VAL A 16 29.98 14.13 32.23
N GLY A 17 30.42 13.38 33.24
CA GLY A 17 29.79 12.13 33.61
C GLY A 17 30.67 10.92 33.36
N ALA A 18 31.87 11.15 32.83
CA ALA A 18 32.82 10.07 32.60
C ALA A 18 33.31 9.52 33.93
N SER A 19 33.64 8.24 33.97
CA SER A 19 34.04 7.60 35.22
C SER A 19 35.12 6.55 35.02
N LYS A 20 35.81 6.20 36.09
CA LYS A 20 36.75 5.08 36.09
C LYS A 20 35.97 3.83 35.70
N ASP A 21 34.72 3.74 36.16
CA ASP A 21 33.85 2.64 35.78
C ASP A 21 33.58 2.69 34.27
N PRO A 22 34.00 1.65 33.53
CA PRO A 22 33.75 1.70 32.08
C PRO A 22 32.28 1.50 31.70
N SER A 23 31.53 0.75 32.50
CA SER A 23 30.14 0.44 32.18
C SER A 23 29.24 1.69 32.12
N LYS A 24 29.73 2.80 32.67
CA LYS A 24 28.96 4.04 32.69
C LYS A 24 28.87 4.66 31.30
N ILE A 25 27.71 5.22 30.98
CA ILE A 25 27.43 5.79 29.66
C ILE A 25 28.43 6.89 29.29
N GLY A 26 28.73 7.76 30.25
CA GLY A 26 29.71 8.81 30.03
C GLY A 26 31.03 8.25 29.55
N SER A 27 31.44 7.13 30.14
CA SER A 27 32.69 6.47 29.79
C SER A 27 32.63 5.87 28.38
N GLN A 28 31.47 5.35 28.01
CA GLN A 28 31.28 4.82 26.66
C GLN A 28 31.44 5.92 25.63
N ILE A 29 30.87 7.08 25.91
CA ILE A 29 30.98 8.23 25.01
C ILE A 29 32.43 8.66 24.87
N LEU A 30 33.14 8.71 25.99
CA LEU A 30 34.54 9.11 25.97
C LEU A 30 35.38 8.15 25.12
N ARG A 31 35.12 6.85 25.28
CA ARG A 31 35.85 5.85 24.52
C ARG A 31 35.62 5.99 23.02
N ASN A 32 34.35 6.17 22.64
CA ASN A 32 34.01 6.37 21.23
C ASN A 32 34.69 7.61 20.68
N LEU A 33 34.74 8.67 21.48
CA LEU A 33 35.35 9.92 21.06
C LEU A 33 36.82 9.72 20.69
N LEU A 34 37.54 8.97 21.52
CA LEU A 34 38.95 8.73 21.29
C LEU A 34 39.18 7.73 20.16
N SER A 35 38.44 6.64 20.18
CA SER A 35 38.60 5.58 19.19
C SER A 35 38.31 6.09 17.78
N TYR A 36 37.31 6.96 17.65
CA TYR A 36 36.90 7.42 16.33
C TYR A 36 37.90 8.42 15.77
N GLY A 37 38.72 9.00 16.65
CA GLY A 37 39.85 9.82 16.23
C GLY A 37 39.62 11.33 16.25
N PHE A 38 38.98 11.83 17.29
CA PHE A 38 38.74 13.27 17.38
C PHE A 38 40.06 14.03 17.50
N LYS A 39 40.25 15.01 16.62
CA LYS A 39 41.50 15.79 16.58
C LYS A 39 41.59 16.87 17.64
N GLY A 40 40.45 17.40 18.07
CA GLY A 40 40.43 18.49 19.02
C GLY A 40 40.81 18.06 20.42
N LYS A 41 40.46 18.89 21.41
CA LYS A 41 40.71 18.59 22.81
C LYS A 41 39.50 17.93 23.44
N VAL A 42 39.75 16.92 24.26
CA VAL A 42 38.70 16.23 25.01
C VAL A 42 38.99 16.35 26.50
N TYR A 43 38.03 16.92 27.25
CA TYR A 43 38.21 17.16 28.67
C TYR A 43 37.24 16.35 29.52
N PRO A 44 37.66 15.15 29.94
CA PRO A 44 36.79 14.42 30.87
C PRO A 44 36.48 15.24 32.12
N ILE A 45 35.23 15.25 32.56
CA ILE A 45 34.85 15.96 33.77
C ILE A 45 34.24 15.01 34.81
N ASN A 46 34.88 14.95 35.98
CA ASN A 46 34.48 14.05 37.05
C ASN A 46 34.97 14.61 38.39
N PRO A 47 34.13 14.56 39.44
CA PRO A 47 34.51 15.13 40.75
C PRO A 47 35.82 14.60 41.32
N THR A 48 35.96 13.29 41.41
CA THR A 48 37.12 12.67 42.05
C THR A 48 38.23 12.32 41.05
N ALA A 49 37.86 11.73 39.92
CA ALA A 49 38.85 11.28 38.94
C ALA A 49 39.80 12.41 38.54
N ASP A 50 41.09 12.12 38.57
CA ASP A 50 42.12 13.08 38.17
C ASP A 50 42.61 12.82 36.74
N GLU A 51 42.43 11.59 36.28
CA GLU A 51 42.84 11.19 34.94
C GLU A 51 41.89 10.11 34.39
N LEU A 52 41.50 10.25 33.13
CA LEU A 52 40.61 9.28 32.49
C LEU A 52 41.03 9.06 31.04
N MSE A 53 41.25 7.79 30.69
CA MSE A 53 41.70 7.42 29.35
C MSE A 53 43.01 8.13 28.99
O MSE A 53 43.26 8.41 27.81
CB MSE A 53 40.61 7.73 28.32
CG MSE A 53 39.30 7.00 28.55
SE MSE A 53 39.52 5.07 28.52
CE MSE A 53 40.04 4.84 26.65
H MSE A 53 41.13 7.12 31.22
HA MSE A 53 41.86 6.46 29.34
HB2 MSE A 53 40.43 8.68 28.32
HB3 MSE A 53 40.94 7.48 27.44
HG2 MSE A 53 38.95 7.26 29.42
HG3 MSE A 53 38.67 7.25 27.85
HE1 MSE A 53 40.18 3.90 26.48
HE2 MSE A 53 39.32 5.18 26.08
HE3 MSE A 53 40.85 5.34 26.48
N GLY A 54 43.81 8.43 30.00
CA GLY A 54 45.09 9.08 29.79
C GLY A 54 44.93 10.57 29.51
N LEU A 55 43.79 11.14 29.89
CA LEU A 55 43.53 12.56 29.70
C LEU A 55 43.28 13.26 31.03
N LYS A 56 43.84 14.46 31.15
CA LYS A 56 43.66 15.26 32.35
C LYS A 56 42.18 15.52 32.61
N CYS A 57 41.68 14.99 33.72
CA CYS A 57 40.27 15.11 34.07
C CYS A 57 40.05 16.19 35.12
N TYR A 58 39.21 17.17 34.79
CA TYR A 58 38.88 18.27 35.72
C TYR A 58 37.57 17.97 36.45
N PRO A 59 37.34 18.63 37.59
CA PRO A 59 36.09 18.38 38.31
C PRO A 59 34.94 19.24 37.79
N LYS A 60 35.26 20.31 37.08
CA LYS A 60 34.25 21.22 36.53
C LYS A 60 34.73 21.87 35.24
N VAL A 61 33.79 22.16 34.34
CA VAL A 61 34.11 22.73 33.04
C VAL A 61 34.81 24.08 33.18
N SER A 62 34.41 24.86 34.18
CA SER A 62 34.99 26.18 34.40
C SER A 62 36.47 26.07 34.77
N ASP A 63 36.84 24.91 35.32
CA ASP A 63 38.23 24.69 35.73
C ASP A 63 39.12 24.31 34.53
N VAL A 64 38.51 24.22 33.34
CA VAL A 64 39.26 23.84 32.15
C VAL A 64 39.99 25.04 31.55
N PRO A 65 41.33 24.93 31.39
CA PRO A 65 42.09 26.04 30.81
C PRO A 65 41.97 26.12 29.29
N ASP A 66 40.75 26.26 28.78
CA ASP A 66 40.52 26.25 27.34
C ASP A 66 39.07 26.61 27.02
N LYS A 67 38.86 27.22 25.85
CA LYS A 67 37.53 27.59 25.41
C LYS A 67 36.74 26.37 24.95
N VAL A 68 35.89 25.83 25.82
CA VAL A 68 35.07 24.67 25.48
C VAL A 68 33.88 25.08 24.61
N ASP A 69 33.74 24.42 23.46
CA ASP A 69 32.65 24.70 22.53
C ASP A 69 31.40 23.88 22.88
N VAL A 70 31.61 22.62 23.24
CA VAL A 70 30.51 21.69 23.49
C VAL A 70 30.72 20.92 24.78
N ALA A 71 29.63 20.68 25.51
CA ALA A 71 29.65 19.86 26.71
C ALA A 71 28.64 18.73 26.59
N VAL A 72 29.14 17.50 26.56
CA VAL A 72 28.29 16.32 26.58
C VAL A 72 28.00 15.95 28.03
N ILE A 73 26.72 15.95 28.41
CA ILE A 73 26.33 15.79 29.80
C ILE A 73 25.64 14.46 30.06
N SER A 74 26.27 13.65 30.91
CA SER A 74 25.80 12.30 31.22
C SER A 74 25.69 12.09 32.73
N VAL A 75 25.03 13.02 33.41
CA VAL A 75 24.81 12.95 34.85
C VAL A 75 23.31 12.82 35.13
N PRO A 76 22.94 12.26 36.30
CA PRO A 76 21.51 12.15 36.65
C PRO A 76 20.75 13.46 36.53
N SER A 77 19.46 13.36 36.21
CA SER A 77 18.62 14.52 35.98
C SER A 77 18.61 15.48 37.16
N ASP A 78 18.89 14.94 38.35
CA ASP A 78 18.96 15.76 39.56
C ASP A 78 20.14 16.72 39.52
N LYS A 79 21.18 16.36 38.78
CA LYS A 79 22.44 17.09 38.79
C LYS A 79 22.69 17.89 37.51
N VAL A 80 21.80 17.75 36.53
CA VAL A 80 21.96 18.43 35.24
C VAL A 80 22.00 19.95 35.37
N LEU A 81 21.14 20.51 36.21
CA LEU A 81 21.06 21.96 36.35
C LEU A 81 22.35 22.53 36.95
N GLY A 82 22.94 21.80 37.88
CA GLY A 82 24.22 22.21 38.44
C GLY A 82 25.24 22.37 37.33
N VAL A 83 25.30 21.36 36.46
CA VAL A 83 26.25 21.37 35.35
C VAL A 83 25.93 22.47 34.33
N ILE A 84 24.64 22.77 34.15
CA ILE A 84 24.25 23.77 33.16
C ILE A 84 24.76 25.14 33.58
N ASP A 85 24.68 25.42 34.89
CA ASP A 85 25.19 26.69 35.42
C ASP A 85 26.70 26.81 35.20
N ASP A 86 27.42 25.73 35.48
CA ASP A 86 28.87 25.71 35.30
C ASP A 86 29.26 25.94 33.84
N CYS A 87 28.59 25.27 32.92
CA CYS A 87 28.86 25.44 31.50
C CYS A 87 28.59 26.88 31.07
N GLY A 88 27.59 27.49 31.70
CA GLY A 88 27.24 28.86 31.42
C GLY A 88 28.39 29.81 31.69
N LYS A 89 28.93 29.77 32.90
CA LYS A 89 30.01 30.68 33.27
C LYS A 89 31.30 30.34 32.52
N ALA A 90 31.40 29.10 32.03
CA ALA A 90 32.54 28.69 31.23
C ALA A 90 32.41 29.16 29.78
N GLY A 91 31.25 29.70 29.43
CA GLY A 91 31.03 30.26 28.11
C GLY A 91 30.79 29.19 27.05
N VAL A 92 30.34 28.02 27.48
CA VAL A 92 30.03 26.94 26.57
C VAL A 92 28.92 27.36 25.60
N LYS A 93 29.01 26.90 24.36
CA LYS A 93 28.04 27.26 23.33
C LYS A 93 26.92 26.22 23.20
N PHE A 94 27.24 24.95 23.44
CA PHE A 94 26.27 23.87 23.24
C PHE A 94 26.29 22.83 24.33
N ALA A 95 25.11 22.53 24.89
CA ALA A 95 24.96 21.46 25.87
C ALA A 95 24.22 20.27 25.26
N VAL A 96 24.93 19.15 25.14
CA VAL A 96 24.36 17.93 24.57
C VAL A 96 23.92 17.00 25.70
N VAL A 97 22.67 17.14 26.13
CA VAL A 97 22.19 16.44 27.31
C VAL A 97 21.74 15.01 27.05
N ILE A 98 22.61 14.05 27.34
CA ILE A 98 22.28 12.63 27.23
C ILE A 98 21.15 12.23 28.18
N THR A 99 21.07 12.90 29.32
CA THR A 99 20.23 12.48 30.44
C THR A 99 18.75 12.28 30.08
N SER A 100 18.13 11.29 30.73
CA SER A 100 16.70 11.05 30.59
C SER A 100 15.94 11.64 31.78
N GLY A 101 14.64 11.40 31.84
CA GLY A 101 13.84 11.84 32.96
C GLY A 101 13.42 13.29 32.89
N PHE A 102 12.88 13.69 31.74
CA PHE A 102 12.38 15.05 31.55
C PHE A 102 10.94 14.99 31.02
N LYS A 103 10.66 15.72 29.94
CA LYS A 103 9.31 15.82 29.40
C LYS A 103 8.75 14.44 29.04
N GLU A 104 9.60 13.57 28.51
CA GLU A 104 9.15 12.24 28.07
C GLU A 104 8.57 11.42 29.21
N VAL A 105 8.97 11.74 30.45
CA VAL A 105 8.50 10.99 31.62
C VAL A 105 7.57 11.86 32.48
N GLY A 106 7.31 13.09 32.03
CA GLY A 106 6.35 13.95 32.69
C GLY A 106 6.92 15.26 33.21
N ASN A 107 8.21 15.27 33.56
CA ASN A 107 8.82 16.44 34.22
C ASN A 107 9.13 17.59 33.26
N GLU A 108 8.10 18.10 32.60
CA GLU A 108 8.28 19.18 31.63
C GLU A 108 8.71 20.47 32.31
N GLU A 109 8.36 20.60 33.58
CA GLU A 109 8.75 21.76 34.37
C GLU A 109 10.27 21.90 34.38
N LEU A 110 10.94 20.81 34.70
CA LEU A 110 12.40 20.80 34.71
C LEU A 110 12.96 21.06 33.32
N GLU A 111 12.29 20.51 32.30
CA GLU A 111 12.79 20.69 30.93
C GLU A 111 12.78 22.16 30.51
N GLU A 112 11.69 22.87 30.77
CA GLU A 112 11.60 24.28 30.39
C GLU A 112 12.62 25.11 31.19
N GLU A 113 12.82 24.74 32.45
CA GLU A 113 13.83 25.41 33.28
C GLU A 113 15.23 25.24 32.69
N LEU A 114 15.54 24.02 32.29
CA LEU A 114 16.82 23.69 31.67
C LEU A 114 17.09 24.59 30.48
N VAL A 115 16.08 24.73 29.63
CA VAL A 115 16.22 25.56 28.43
C VAL A 115 16.40 27.03 28.80
N ARG A 116 15.66 27.51 29.80
CA ARG A 116 15.72 28.93 30.12
C ARG A 116 17.12 29.33 30.59
N ARG A 117 17.67 28.57 31.53
CA ARG A 117 19.02 28.86 32.02
C ARG A 117 20.03 28.81 30.87
N ALA A 118 19.95 27.75 30.07
CA ALA A 118 20.84 27.58 28.93
C ALA A 118 20.78 28.80 28.01
N HIS A 119 19.57 29.30 27.78
CA HIS A 119 19.38 30.46 26.92
C HIS A 119 19.91 31.72 27.60
N SER A 120 19.85 31.75 28.93
CA SER A 120 20.31 32.90 29.69
C SER A 120 21.80 33.15 29.43
N TYR A 121 22.56 32.07 29.30
CA TYR A 121 23.99 32.19 29.03
C TYR A 121 24.29 32.25 27.53
N GLY A 122 23.23 32.30 26.73
CA GLY A 122 23.39 32.37 25.28
C GLY A 122 23.97 31.10 24.69
N MSE A 123 23.49 29.96 25.19
CA MSE A 123 23.93 28.65 24.70
C MSE A 123 22.73 27.76 24.41
O MSE A 123 21.74 27.77 25.14
CB MSE A 123 24.86 28.00 25.72
CG MSE A 123 24.20 27.01 26.67
SE MSE A 123 25.46 26.28 27.95
CE MSE A 123 24.21 25.55 29.23
H MSE A 123 22.90 29.91 25.82
HA MSE A 123 24.43 28.78 23.88
HB2 MSE A 123 25.55 27.52 25.24
HB3 MSE A 123 25.27 28.68 26.26
HG2 MSE A 123 23.49 27.46 27.15
HG3 MSE A 123 23.83 26.27 26.15
HE1 MSE A 123 24.70 25.15 29.96
HE2 MSE A 123 23.65 26.28 29.57
HE3 MSE A 123 23.66 24.89 28.79
N ARG A 124 22.83 26.97 23.35
CA ARG A 124 21.73 26.13 22.91
C ARG A 124 21.78 24.76 23.56
N VAL A 125 20.67 24.03 23.53
CA VAL A 125 20.57 22.70 24.10
C VAL A 125 20.12 21.65 23.08
N LEU A 126 20.89 20.57 22.99
CA LEU A 126 20.52 19.43 22.17
C LEU A 126 19.98 18.31 23.07
N GLY A 127 18.74 17.90 22.82
CA GLY A 127 18.09 16.91 23.65
C GLY A 127 17.03 17.56 24.55
N PRO A 128 16.86 17.07 25.78
CA PRO A 128 17.55 15.93 26.41
C PRO A 128 16.95 14.59 26.00
N ASN A 129 17.51 13.51 26.53
CA ASN A 129 17.07 12.15 26.24
C ASN A 129 17.54 11.70 24.86
N ILE A 130 18.83 11.91 24.60
CA ILE A 130 19.45 11.56 23.33
C ILE A 130 20.65 10.64 23.56
N PHE A 131 21.12 9.99 22.50
CA PHE A 131 22.31 9.15 22.61
C PHE A 131 23.53 9.88 22.07
N GLY A 132 23.38 11.17 21.81
CA GLY A 132 24.48 12.00 21.35
C GLY A 132 24.38 12.30 19.85
N TYR A 133 25.52 12.53 19.23
CA TYR A 133 25.58 12.81 17.80
C TYR A 133 26.96 12.47 17.24
N LEU A 134 27.02 12.34 15.91
CA LEU A 134 28.25 12.02 15.20
C LEU A 134 28.44 12.94 14.01
N TYR A 135 29.70 13.27 13.72
CA TYR A 135 30.03 14.04 12.52
C TYR A 135 31.35 13.52 11.94
N ALA A 136 31.25 12.83 10.80
CA ALA A 136 32.40 12.13 10.22
C ALA A 136 33.47 13.08 9.69
N PRO A 137 33.07 14.18 9.03
CA PRO A 137 34.10 15.09 8.52
C PRO A 137 35.01 15.65 9.61
N ALA A 138 34.55 15.63 10.86
CA ALA A 138 35.34 16.11 11.99
C ALA A 138 35.84 14.95 12.85
N ARG A 139 35.67 13.73 12.37
CA ARG A 139 36.06 12.53 13.10
C ARG A 139 35.52 12.58 14.52
N LEU A 140 34.25 12.95 14.63
CA LEU A 140 33.60 13.17 15.91
C LEU A 140 32.48 12.16 16.15
N ASN A 141 32.65 11.31 17.15
CA ASN A 141 31.64 10.33 17.56
C ASN A 141 31.34 10.53 19.03
N ALA A 142 30.35 11.36 19.31
CA ALA A 142 29.97 11.68 20.69
C ALA A 142 28.71 10.93 21.07
N THR A 143 28.72 9.61 20.84
CA THR A 143 27.60 8.76 21.18
C THR A 143 28.10 7.54 21.93
N PHE A 144 27.18 6.79 22.53
CA PHE A 144 27.53 5.50 23.10
C PHE A 144 27.00 4.38 22.22
N GLY A 145 26.93 4.65 20.91
CA GLY A 145 26.57 3.65 19.94
C GLY A 145 27.81 2.94 19.41
N PRO A 146 27.74 2.41 18.19
CA PRO A 146 28.91 1.73 17.59
C PRO A 146 30.12 2.66 17.47
N LYS A 147 31.32 2.07 17.44
CA LYS A 147 32.55 2.83 17.36
C LYS A 147 32.68 3.60 16.06
N ASP A 148 32.09 3.07 15.00
CA ASP A 148 32.41 3.53 13.66
C ASP A 148 31.19 3.48 12.73
N VAL A 149 31.27 4.23 11.63
CA VAL A 149 30.32 4.13 10.54
C VAL A 149 31.09 4.30 9.23
N LEU A 150 30.48 3.90 8.12
CA LEU A 150 31.08 4.14 6.82
C LEU A 150 30.96 5.62 6.49
N SER A 151 32.01 6.20 5.92
CA SER A 151 31.99 7.61 5.55
C SER A 151 31.17 7.81 4.28
N GLY A 152 30.31 8.82 4.29
CA GLY A 152 29.50 9.18 3.14
C GLY A 152 28.78 10.50 3.31
N ASN A 153 27.80 10.75 2.46
CA ASN A 153 27.15 12.06 2.39
C ASN A 153 25.73 12.06 2.94
N VAL A 154 25.38 11.03 3.72
CA VAL A 154 24.04 10.95 4.30
C VAL A 154 24.04 11.47 5.73
N ALA A 155 23.06 12.32 6.03
CA ALA A 155 22.84 12.82 7.38
C ALA A 155 21.56 12.17 7.90
N PHE A 156 21.62 11.64 9.11
CA PHE A 156 20.49 10.92 9.68
C PHE A 156 20.11 11.54 11.02
N ILE A 157 18.87 12.05 11.08
CA ILE A 157 18.35 12.72 12.27
C ILE A 157 17.23 11.89 12.89
N SER A 158 17.44 11.38 14.09
CA SER A 158 16.45 10.51 14.74
C SER A 158 15.87 11.13 16.00
N GLN A 159 14.54 11.14 16.08
CA GLN A 159 13.83 11.54 17.27
C GLN A 159 13.79 10.39 18.26
N SER A 160 13.89 9.16 17.75
CA SER A 160 13.89 7.97 18.59
C SER A 160 15.32 7.53 18.90
N GLY A 161 15.55 7.15 20.15
CA GLY A 161 16.88 6.81 20.59
C GLY A 161 17.26 5.36 20.39
N ALA A 162 16.43 4.44 20.88
CA ALA A 162 16.69 3.01 20.74
C ALA A 162 16.79 2.64 19.28
N LEU A 163 15.78 3.05 18.52
CA LEU A 163 15.77 2.76 17.09
C LEU A 163 16.87 3.55 16.37
N GLY A 164 17.10 4.78 16.81
CA GLY A 164 18.14 5.60 16.22
C GLY A 164 19.52 4.95 16.31
N ILE A 165 19.85 4.46 17.51
CA ILE A 165 21.15 3.85 17.74
C ILE A 165 21.28 2.53 16.99
N ALA A 166 20.21 1.74 16.99
CA ALA A 166 20.22 0.49 16.24
C ALA A 166 20.45 0.76 14.75
N LEU A 167 19.72 1.73 14.20
CA LEU A 167 19.85 2.07 12.79
C LEU A 167 21.25 2.56 12.47
N MSE A 168 21.89 3.21 13.44
CA MSE A 168 23.26 3.66 13.28
C MSE A 168 24.15 2.48 12.88
O MSE A 168 24.94 2.58 11.95
CB MSE A 168 23.78 4.32 14.56
CG MSE A 168 25.17 4.87 14.48
SE MSE A 168 25.63 5.88 16.10
CE MSE A 168 27.57 5.91 15.90
H MSE A 168 21.54 3.40 14.21
HA MSE A 168 23.30 4.32 12.57
HB2 MSE A 168 23.18 5.04 14.79
HB3 MSE A 168 23.76 3.65 15.27
HG2 MSE A 168 25.81 4.15 14.39
HG3 MSE A 168 25.24 5.47 13.72
HE1 MSE A 168 27.95 6.38 16.65
HE2 MSE A 168 27.90 5.00 15.88
HE3 MSE A 168 27.79 6.36 15.08
N GLY A 169 23.97 1.35 13.56
CA GLY A 169 24.69 0.14 13.18
C GLY A 169 24.19 -0.44 11.86
N TYR A 170 22.89 -0.32 11.62
CA TYR A 170 22.28 -0.90 10.42
C TYR A 170 22.79 -0.27 9.14
N THR A 171 23.22 0.99 9.20
CA THR A 171 23.76 1.67 8.02
C THR A 171 24.99 0.94 7.50
N VAL A 172 25.75 0.32 8.40
CA VAL A 172 26.94 -0.43 8.00
C VAL A 172 26.53 -1.63 7.16
N VAL A 173 25.57 -2.40 7.65
CA VAL A 173 25.10 -3.59 6.95
C VAL A 173 24.58 -3.25 5.55
N GLU A 174 23.82 -2.15 5.44
CA GLU A 174 23.25 -1.76 4.15
C GLU A 174 24.18 -0.85 3.33
N ASN A 175 25.45 -0.76 3.75
CA ASN A 175 26.46 0.00 3.01
C ASN A 175 26.07 1.46 2.74
N ILE A 176 25.42 2.08 3.72
CA ILE A 176 25.07 3.50 3.63
C ILE A 176 26.14 4.37 4.26
N GLY A 177 26.73 5.23 3.44
CA GLY A 177 27.76 6.14 3.90
C GLY A 177 27.20 7.35 4.61
N ILE A 178 27.62 7.53 5.86
CA ILE A 178 27.09 8.57 6.73
C ILE A 178 28.04 9.76 6.79
N SER A 179 27.45 10.96 6.75
CA SER A 179 28.17 12.18 7.06
C SER A 179 27.92 12.55 8.52
N SER A 180 26.72 12.25 9.00
CA SER A 180 26.34 12.67 10.35
C SER A 180 25.17 11.85 10.94
N ILE A 181 25.28 11.56 12.24
CA ILE A 181 24.17 11.00 13.00
C ILE A 181 23.82 11.97 14.11
N VAL A 182 22.56 12.38 14.18
CA VAL A 182 22.14 13.30 15.23
C VAL A 182 20.88 12.81 15.93
N SER A 183 21.00 12.56 17.23
CA SER A 183 19.84 12.27 18.07
C SER A 183 19.27 13.58 18.61
N VAL A 184 17.97 13.80 18.42
CA VAL A 184 17.33 15.03 18.87
C VAL A 184 16.40 14.81 20.06
N GLY A 185 16.08 13.55 20.34
CA GLY A 185 15.30 13.17 21.50
C GLY A 185 14.07 14.02 21.77
N ASN A 186 14.05 14.67 22.93
CA ASN A 186 12.89 15.44 23.37
C ASN A 186 12.69 16.75 22.62
N LYS A 187 13.68 17.17 21.85
CA LYS A 187 13.58 18.40 21.07
C LYS A 187 13.21 19.60 21.94
N ALA A 188 13.86 19.73 23.09
CA ALA A 188 13.54 20.80 24.02
C ALA A 188 13.88 22.17 23.43
N ASP A 189 15.01 22.26 22.74
CA ASP A 189 15.48 23.52 22.18
C ASP A 189 15.81 23.38 20.70
N LEU A 190 16.96 22.79 20.38
CA LEU A 190 17.31 22.52 18.98
C LEU A 190 16.43 21.40 18.42
N ASP A 191 16.02 21.56 17.16
CA ASP A 191 15.16 20.58 16.50
C ASP A 191 15.55 20.41 15.04
N ASP A 192 14.66 19.77 14.28
CA ASP A 192 14.94 19.41 12.89
C ASP A 192 15.13 20.64 12.02
N VAL A 193 14.43 21.72 12.33
CA VAL A 193 14.54 22.96 11.57
C VAL A 193 15.97 23.51 11.65
N ASP A 194 16.47 23.61 12.87
CA ASP A 194 17.84 24.10 13.10
C ASP A 194 18.86 23.19 12.40
N LEU A 195 18.68 21.89 12.53
CA LEU A 195 19.61 20.94 11.92
C LEU A 195 19.53 20.97 10.40
N LEU A 196 18.33 21.17 9.88
CA LEU A 196 18.12 21.28 8.44
C LEU A 196 18.87 22.48 7.89
N ASP A 197 18.83 23.59 8.62
CA ASP A 197 19.58 24.77 8.23
C ASP A 197 21.06 24.44 8.08
N PHE A 198 21.63 23.80 9.10
CA PHE A 198 23.04 23.44 9.03
C PHE A 198 23.36 22.53 7.85
N PHE A 199 22.58 21.46 7.68
CA PHE A 199 22.86 20.48 6.65
C PHE A 199 22.65 21.06 5.26
N ASP A 200 21.85 22.11 5.15
CA ASP A 200 21.67 22.82 3.89
C ASP A 200 23.02 23.35 3.41
N LYS A 201 23.78 23.90 4.35
CA LYS A 201 25.07 24.54 4.04
C LYS A 201 26.22 23.54 3.99
N ASP A 202 26.11 22.45 4.73
CA ASP A 202 27.22 21.50 4.83
C ASP A 202 27.54 20.82 3.51
N PRO A 203 28.67 21.19 2.87
CA PRO A 203 29.01 20.58 1.58
C PRO A 203 29.28 19.08 1.69
N ASN A 204 29.45 18.56 2.91
CA ASN A 204 29.70 17.14 3.11
C ASN A 204 28.42 16.30 3.05
N THR A 205 27.28 16.96 3.20
CA THR A 205 25.99 16.29 3.23
C THR A 205 25.20 16.51 1.93
N GLY A 206 24.73 15.41 1.35
CA GLY A 206 23.99 15.44 0.10
C GLY A 206 22.59 14.88 0.21
N VAL A 207 22.36 14.06 1.25
CA VAL A 207 21.05 13.50 1.50
C VAL A 207 20.74 13.56 2.98
N ILE A 208 19.49 13.83 3.32
CA ILE A 208 19.05 13.93 4.70
C ILE A 208 17.90 12.96 4.95
N MSE A 209 18.01 12.21 6.04
CA MSE A 209 17.02 11.22 6.42
C MSE A 209 16.58 11.50 7.85
O MSE A 209 17.42 11.60 8.73
CB MSE A 209 17.59 9.81 6.29
CG MSE A 209 16.62 8.70 6.64
SE MSE A 209 17.35 6.92 6.21
CE MSE A 209 19.25 7.30 6.34
H MSE A 209 18.67 12.26 6.59
HA MSE A 209 16.25 11.30 5.84
HB2 MSE A 209 17.87 9.68 5.36
HB3 MSE A 209 18.36 9.74 6.88
HG2 MSE A 209 16.44 8.72 7.59
HG3 MSE A 209 15.80 8.82 6.13
HE1 MSE A 209 19.75 6.49 6.15
HE2 MSE A 209 19.49 7.99 5.69
HE3 MSE A 209 19.46 7.61 7.23
N ILE A 210 15.28 11.64 8.07
CA ILE A 210 14.75 12.02 9.38
C ILE A 210 13.72 11.05 9.90
N TYR A 211 13.97 10.49 11.08
CA TYR A 211 12.94 9.74 11.80
C TYR A 211 12.18 10.71 12.70
N LEU A 212 10.94 10.98 12.33
CA LEU A 212 10.14 12.03 12.94
C LEU A 212 8.90 11.48 13.64
N GLU A 213 8.80 11.69 14.95
CA GLU A 213 7.60 11.32 15.70
C GLU A 213 6.60 12.47 15.64
N GLY A 214 7.11 13.69 15.64
CA GLY A 214 6.26 14.87 15.55
C GLY A 214 7.04 16.14 15.79
N ILE A 215 6.41 17.29 15.50
CA ILE A 215 7.05 18.58 15.72
C ILE A 215 6.28 19.41 16.75
N ALA A 216 6.95 20.42 17.29
CA ALA A 216 6.38 21.26 18.33
C ALA A 216 5.33 22.22 17.76
N PRO A 217 4.27 22.50 18.55
CA PRO A 217 3.22 23.41 18.06
C PRO A 217 3.76 24.77 17.63
N GLY A 218 3.28 25.27 16.49
CA GLY A 218 3.70 26.55 15.96
C GLY A 218 5.01 26.49 15.19
N ARG A 219 5.55 25.28 15.02
CA ARG A 219 6.85 25.11 14.39
C ARG A 219 6.72 24.61 12.95
N GLY A 220 5.52 24.16 12.59
CA GLY A 220 5.27 23.55 11.30
C GLY A 220 5.46 24.44 10.09
N ARG A 221 5.00 25.68 10.19
CA ARG A 221 5.13 26.60 9.08
C ARG A 221 6.60 26.83 8.76
N MSE A 222 7.40 27.01 9.81
CA MSE A 222 8.83 27.20 9.64
C MSE A 222 9.48 25.94 9.07
O MSE A 222 10.39 26.03 8.26
CB MSE A 222 9.47 27.57 10.98
CG MSE A 222 10.94 27.98 10.88
SE MSE A 222 11.23 29.92 10.71
CE MSE A 222 9.99 30.31 9.26
H MSE A 222 7.13 27.01 10.62
HA MSE A 222 8.98 27.94 9.02
HB2 MSE A 222 8.99 28.32 11.36
HB3 MSE A 222 9.42 26.82 11.58
HG2 MSE A 222 11.40 27.68 11.68
HG3 MSE A 222 11.33 27.56 10.09
HE1 MSE A 222 10.02 31.25 9.06
HE2 MSE A 222 10.23 29.80 8.47
HE3 MSE A 222 9.08 30.07 9.54
N PHE A 223 9.00 24.79 9.52
CA PHE A 223 9.52 23.52 9.02
C PHE A 223 9.35 23.45 7.51
N ILE A 224 8.16 23.80 7.02
CA ILE A 224 7.87 23.80 5.59
C ILE A 224 8.73 24.80 4.85
N ASP A 225 8.85 26.02 5.41
CA ASP A 225 9.60 27.08 4.74
C ASP A 225 11.05 26.67 4.52
N VAL A 226 11.65 26.08 5.54
CA VAL A 226 13.04 25.64 5.47
C VAL A 226 13.20 24.40 4.59
N ALA A 227 12.37 23.40 4.83
CA ALA A 227 12.52 22.11 4.15
C ALA A 227 12.31 22.24 2.64
N SER A 228 11.45 23.15 2.23
CA SER A 228 11.17 23.33 0.80
C SER A 228 12.41 23.90 0.11
N ARG A 229 13.00 24.91 0.73
CA ARG A 229 14.24 25.50 0.26
C ARG A 229 15.32 24.43 0.14
N VAL A 230 15.53 23.67 1.22
CA VAL A 230 16.53 22.61 1.22
C VAL A 230 16.26 21.62 0.11
N SER A 231 15.00 21.23 -0.02
CA SER A 231 14.59 20.20 -0.97
C SER A 231 15.00 20.52 -2.39
N LEU A 232 15.12 21.80 -2.72
CA LEU A 232 15.48 22.16 -4.09
C LEU A 232 16.88 21.68 -4.46
N ARG A 233 17.75 21.47 -3.46
CA ARG A 233 19.13 21.12 -3.70
C ARG A 233 19.47 19.73 -3.17
N LYS A 234 18.84 19.36 -2.05
CA LYS A 234 19.16 18.10 -1.37
C LYS A 234 17.89 17.35 -1.00
N PRO A 235 17.78 16.06 -1.37
CA PRO A 235 16.58 15.29 -1.03
C PRO A 235 16.45 15.01 0.47
N ILE A 236 15.23 15.12 0.97
CA ILE A 236 14.91 14.85 2.38
C ILE A 236 13.90 13.71 2.48
N ILE A 237 14.33 12.59 3.06
CA ILE A 237 13.46 11.46 3.34
C ILE A 237 13.02 11.47 4.80
N VAL A 238 11.72 11.36 5.02
CA VAL A 238 11.17 11.33 6.37
C VAL A 238 10.47 10.01 6.65
N ILE A 239 10.84 9.38 7.75
CA ILE A 239 10.12 8.22 8.26
C ILE A 239 9.13 8.70 9.32
N LYS A 240 7.89 8.93 8.94
CA LYS A 240 6.89 9.42 9.89
C LYS A 240 6.46 8.32 10.86
N ALA A 241 6.90 8.45 12.12
CA ALA A 241 6.46 7.55 13.17
C ALA A 241 5.06 7.91 13.65
N GLY A 242 4.19 6.92 13.73
CA GLY A 242 2.81 7.15 14.12
C GLY A 242 2.06 7.81 12.98
N ARG A 243 1.64 7.00 12.02
CA ARG A 243 0.94 7.48 10.84
C ARG A 243 -0.41 6.79 10.70
N THR A 244 -0.89 6.24 11.81
CA THR A 244 -2.18 5.56 11.83
C THR A 244 -3.19 6.36 12.64
N GLU A 245 -4.19 6.89 11.93
CA GLU A 245 -5.18 7.78 12.52
C GLU A 245 -6.00 7.13 13.62
N VAL A 246 -6.36 7.93 14.62
CA VAL A 246 -7.27 7.50 15.67
C VAL A 246 -8.68 7.32 15.09
N GLY A 247 -9.04 8.21 14.16
CA GLY A 247 -10.28 8.08 13.43
C GLY A 247 -11.50 8.59 14.18
N ALA A 248 -12.45 9.16 13.42
CA ALA A 248 -13.72 9.63 13.98
C ALA A 248 -13.50 10.62 15.14
N ARG A 249 -13.14 11.85 14.80
CA ARG A 249 -12.87 12.87 15.82
C ARG A 249 -14.17 13.39 16.44
N ALA A 250 -15.23 13.42 15.66
CA ALA A 250 -16.54 13.89 16.12
C ALA A 250 -16.46 15.30 16.69
N ALA A 251 -16.11 16.25 15.83
CA ALA A 251 -15.94 17.65 16.24
C ALA A 251 -17.22 18.45 15.99
N ALA A 252 -17.12 19.77 16.15
CA ALA A 252 -18.25 20.66 15.94
C ALA A 252 -18.43 21.01 14.46
N SER A 253 -17.69 20.31 13.61
CA SER A 253 -17.75 20.55 12.17
C SER A 253 -17.21 19.34 11.40
N HIS A 254 -17.60 19.23 10.13
CA HIS A 254 -17.13 18.13 9.30
C HIS A 254 -15.63 18.21 9.10
N THR A 255 -15.11 19.41 8.93
CA THR A 255 -13.67 19.59 8.73
C THR A 255 -12.94 19.09 9.96
N GLY A 256 -13.39 19.51 11.13
CA GLY A 256 -12.80 19.09 12.38
C GLY A 256 -12.82 17.58 12.55
N SER A 257 -13.87 16.95 12.05
CA SER A 257 -14.09 15.52 12.29
C SER A 257 -13.29 14.60 11.36
N ILE A 258 -13.17 14.97 10.09
CA ILE A 258 -12.50 14.09 9.12
C ILE A 258 -11.01 14.45 9.02
N ALA A 259 -10.65 15.69 9.28
CA ALA A 259 -9.26 16.09 9.21
C ALA A 259 -8.47 15.48 10.36
N GLY A 260 -7.40 14.76 10.03
CA GLY A 260 -6.51 14.17 11.01
C GLY A 260 -5.07 14.64 10.87
N SER A 261 -4.35 14.65 11.98
CA SER A 261 -2.97 15.12 12.00
C SER A 261 -2.08 14.36 11.03
N VAL A 262 -2.37 13.08 10.86
CA VAL A 262 -1.62 12.24 9.93
C VAL A 262 -1.70 12.78 8.52
N ALA A 263 -2.93 13.02 8.06
CA ALA A 263 -3.17 13.50 6.70
C ALA A 263 -2.56 14.89 6.49
N ILE A 264 -2.50 15.68 7.57
CA ILE A 264 -1.95 17.03 7.46
C ILE A 264 -0.44 16.96 7.35
N TYR A 265 0.19 16.04 8.09
CA TYR A 265 1.64 15.86 7.99
C TYR A 265 2.01 15.44 6.58
N GLU A 266 1.22 14.55 5.99
CA GLU A 266 1.47 14.10 4.62
C GLU A 266 1.45 15.26 3.65
N SER A 267 0.48 16.16 3.81
CA SER A 267 0.34 17.33 2.95
C SER A 267 1.51 18.29 3.15
N ALA A 268 1.88 18.50 4.41
CA ALA A 268 3.02 19.35 4.75
C ALA A 268 4.29 18.82 4.09
N PHE A 269 4.45 17.50 4.09
CA PHE A 269 5.63 16.88 3.49
C PHE A 269 5.60 17.04 1.97
N LYS A 270 4.42 16.93 1.39
CA LYS A 270 4.27 17.14 -0.04
C LYS A 270 4.67 18.58 -0.41
N GLN A 271 4.15 19.54 0.34
CA GLN A 271 4.44 20.95 0.08
C GLN A 271 5.90 21.31 0.32
N SER A 272 6.60 20.49 1.10
CA SER A 272 8.01 20.74 1.41
C SER A 272 8.95 20.00 0.47
N GLY A 273 8.39 19.26 -0.48
CA GLY A 273 9.20 18.49 -1.40
C GLY A 273 9.87 17.31 -0.72
N ILE A 274 9.29 16.85 0.39
CA ILE A 274 9.83 15.73 1.15
C ILE A 274 9.27 14.39 0.68
N LEU A 275 10.12 13.37 0.67
CA LEU A 275 9.68 12.00 0.41
C LEU A 275 9.34 11.28 1.71
N MSE A 276 8.13 10.74 1.79
CA MSE A 276 7.69 10.05 3.00
C MSE A 276 7.82 8.53 2.85
O MSE A 276 7.26 7.95 1.92
CB MSE A 276 6.25 10.41 3.32
CG MSE A 276 6.01 10.67 4.79
SE MSE A 276 4.16 10.41 5.32
CE MSE A 276 4.14 8.46 5.35
H MSE A 276 7.55 10.77 1.16
HA MSE A 276 8.24 10.34 3.74
HB2 MSE A 276 6.01 11.21 2.83
HB3 MSE A 276 5.66 9.68 3.05
HG2 MSE A 276 6.56 10.07 5.31
HG3 MSE A 276 6.25 11.59 4.99
HE1 MSE A 276 3.25 8.15 5.61
HE2 MSE A 276 4.35 8.12 4.47
HE3 MSE A 276 4.78 8.14 6.00
N ALA A 277 8.55 7.92 3.77
CA ALA A 277 8.74 6.47 3.78
C ALA A 277 7.88 5.82 4.85
N LYS A 278 7.27 4.69 4.51
CA LYS A 278 6.40 3.98 5.45
C LYS A 278 7.20 2.95 6.25
N SER A 279 8.41 2.67 5.81
CA SER A 279 9.23 1.63 6.44
C SER A 279 10.71 1.98 6.40
N VAL A 280 11.44 1.43 7.37
CA VAL A 280 12.88 1.63 7.45
C VAL A 280 13.57 1.10 6.20
N GLU A 281 13.11 -0.04 5.70
CA GLU A 281 13.71 -0.64 4.51
C GLU A 281 13.58 0.27 3.30
N ASP A 282 12.38 0.83 3.11
CA ASP A 282 12.16 1.76 2.02
C ASP A 282 13.06 2.98 2.18
N ALA A 283 13.12 3.50 3.39
CA ALA A 283 13.92 4.69 3.67
C ALA A 283 15.37 4.46 3.30
N PHE A 284 15.89 3.28 3.64
CA PHE A 284 17.29 2.96 3.39
C PHE A 284 17.53 2.68 1.92
N ASP A 285 16.60 1.98 1.29
CA ASP A 285 16.69 1.71 -0.14
C ASP A 285 16.73 2.99 -0.96
N TRP A 286 15.88 3.95 -0.62
CA TRP A 286 15.80 5.21 -1.37
C TRP A 286 16.99 6.10 -1.08
N THR A 287 17.42 6.13 0.18
CA THR A 287 18.56 6.93 0.58
C THR A 287 19.79 6.54 -0.22
N LYS A 288 19.97 5.23 -0.37
CA LYS A 288 21.12 4.70 -1.07
C LYS A 288 21.16 5.20 -2.51
N ALA A 289 20.03 5.10 -3.20
CA ALA A 289 19.93 5.53 -4.60
C ALA A 289 20.06 7.05 -4.71
N LEU A 290 19.53 7.78 -3.74
CA LEU A 290 19.58 9.23 -3.79
C LEU A 290 20.99 9.75 -3.50
N SER A 291 21.73 8.99 -2.70
CA SER A 291 23.09 9.38 -2.33
C SER A 291 24.09 9.13 -3.45
N TRP A 292 23.82 8.13 -4.28
CA TRP A 292 24.79 7.67 -5.27
C TRP A 292 24.44 8.06 -6.71
N ASN A 293 23.28 8.68 -6.91
CA ASN A 293 22.85 9.05 -8.25
C ASN A 293 22.39 10.49 -8.37
N PRO A 294 22.60 11.11 -9.55
CA PRO A 294 21.95 12.39 -9.83
C PRO A 294 20.49 12.16 -10.17
N ILE A 295 19.66 13.19 -10.10
CA ILE A 295 18.26 13.04 -10.45
C ILE A 295 18.13 12.92 -11.96
N PRO A 296 17.16 12.12 -12.43
CA PRO A 296 16.98 11.99 -13.87
C PRO A 296 16.52 13.30 -14.50
N GLU A 297 17.03 13.60 -15.70
CA GLU A 297 16.69 14.85 -16.37
C GLU A 297 15.39 14.74 -17.16
N GLY A 298 14.95 13.51 -17.41
CA GLY A 298 13.72 13.29 -18.15
C GLY A 298 13.08 11.94 -17.83
N GLU A 299 11.99 11.64 -18.53
CA GLU A 299 11.20 10.45 -18.23
C GLU A 299 11.64 9.24 -19.07
N ARG A 300 12.72 9.39 -19.83
CA ARG A 300 13.15 8.30 -20.71
C ARG A 300 13.91 7.24 -19.91
N LEU A 301 13.16 6.53 -19.08
CA LEU A 301 13.68 5.44 -18.27
C LEU A 301 13.66 4.13 -19.05
N ILE A 302 14.80 3.44 -19.05
CA ILE A 302 14.93 2.13 -19.69
C ILE A 302 15.13 1.06 -18.62
N VAL A 303 14.41 -0.05 -18.77
CA VAL A 303 14.63 -1.24 -17.95
C VAL A 303 15.24 -2.31 -18.85
N LEU A 304 16.29 -2.96 -18.35
CA LEU A 304 17.02 -3.96 -19.13
C LEU A 304 17.09 -5.26 -18.33
N THR A 305 16.50 -6.33 -18.87
CA THR A 305 16.40 -7.58 -18.15
C THR A 305 16.71 -8.79 -19.03
N ASN A 306 17.23 -9.85 -18.42
CA ASN A 306 17.43 -11.11 -19.11
C ASN A 306 16.27 -12.07 -18.85
N GLY A 307 15.25 -11.60 -18.11
CA GLY A 307 14.11 -12.41 -17.79
C GLY A 307 12.80 -11.63 -17.84
N GLY A 308 11.86 -12.12 -18.63
CA GLY A 308 10.57 -11.48 -18.77
C GLY A 308 9.83 -11.39 -17.45
N GLY A 309 9.97 -12.42 -16.64
CA GLY A 309 9.31 -12.47 -15.35
C GLY A 309 9.75 -11.35 -14.43
N ALA A 310 11.05 -11.11 -14.37
CA ALA A 310 11.58 -10.01 -13.58
C ALA A 310 11.15 -8.68 -14.18
N GLY A 311 11.10 -8.63 -15.51
CA GLY A 311 10.68 -7.42 -16.19
C GLY A 311 9.26 -7.02 -15.87
N VAL A 312 8.39 -8.00 -15.65
CA VAL A 312 6.99 -7.72 -15.35
C VAL A 312 6.85 -7.23 -13.90
N GLN A 313 7.60 -7.85 -12.99
CA GLN A 313 7.61 -7.42 -11.60
C GLN A 313 8.03 -5.96 -11.52
N SER A 314 9.00 -5.58 -12.35
CA SER A 314 9.49 -4.23 -12.39
C SER A 314 8.42 -3.26 -12.87
N THR A 315 7.76 -3.62 -13.96
CA THR A 315 6.72 -2.79 -14.56
C THR A 315 5.58 -2.56 -13.58
N ASP A 316 5.17 -3.62 -12.88
CA ASP A 316 4.11 -3.51 -11.90
C ASP A 316 4.51 -2.53 -10.79
N THR A 317 5.73 -2.65 -10.31
CA THR A 317 6.23 -1.78 -9.24
C THR A 317 6.31 -0.32 -9.68
N PHE A 318 6.83 -0.08 -10.89
CA PHE A 318 6.90 1.29 -11.40
C PHE A 318 5.50 1.88 -11.51
N ALA A 319 4.57 1.12 -12.10
CA ALA A 319 3.19 1.55 -12.23
C ALA A 319 2.57 1.91 -10.89
N ASP A 320 2.86 1.12 -9.86
CA ASP A 320 2.38 1.43 -8.50
C ASP A 320 2.86 2.81 -8.05
N ASN A 321 4.03 3.22 -8.53
CA ASN A 321 4.57 4.55 -8.21
C ASN A 321 4.28 5.59 -9.28
N GLY A 322 3.32 5.31 -10.16
CA GLY A 322 2.94 6.24 -11.20
C GLY A 322 4.02 6.49 -12.24
N ILE A 323 4.79 5.45 -12.55
CA ILE A 323 5.81 5.52 -13.58
C ILE A 323 5.49 4.49 -14.66
N TYR A 324 5.30 4.97 -15.88
CA TYR A 324 4.93 4.10 -17.00
C TYR A 324 6.00 4.17 -18.07
N LEU A 325 6.45 3.00 -18.51
CA LEU A 325 7.54 2.90 -19.46
C LEU A 325 7.05 3.11 -20.89
N SER A 326 7.77 3.95 -21.63
CA SER A 326 7.47 4.21 -23.03
C SER A 326 8.36 3.36 -23.94
N LYS A 327 8.00 3.29 -25.21
CA LYS A 327 8.80 2.57 -26.19
C LYS A 327 10.23 3.13 -26.23
N PRO A 328 11.24 2.25 -26.22
CA PRO A 328 12.60 2.80 -26.24
C PRO A 328 12.94 3.42 -27.58
N PRO A 329 13.88 4.38 -27.59
CA PRO A 329 14.28 5.02 -28.86
C PRO A 329 14.83 4.01 -29.88
N GLU A 330 14.49 4.25 -31.15
CA GLU A 330 14.86 3.33 -32.22
C GLU A 330 16.38 3.20 -32.32
N SER A 331 17.10 4.27 -32.02
CA SER A 331 18.56 4.24 -32.04
C SER A 331 19.08 3.16 -31.10
N LEU A 332 18.50 3.11 -29.90
CA LEU A 332 18.91 2.12 -28.92
C LEU A 332 18.51 0.71 -29.37
N ILE A 333 17.31 0.57 -29.91
CA ILE A 333 16.84 -0.74 -30.36
C ILE A 333 17.80 -1.32 -31.39
N GLN A 334 18.14 -0.53 -32.40
CA GLN A 334 19.06 -0.96 -33.44
C GLN A 334 20.41 -1.30 -32.85
N GLU A 335 20.92 -0.42 -31.99
CA GLU A 335 22.22 -0.62 -31.36
C GLU A 335 22.28 -1.96 -30.62
N ILE A 336 21.17 -2.36 -29.99
CA ILE A 336 21.12 -3.59 -29.23
C ILE A 336 20.92 -4.82 -30.13
N LYS A 337 20.21 -4.62 -31.24
CA LYS A 337 19.93 -5.73 -32.15
C LYS A 337 21.19 -6.27 -32.84
N LYS A 338 22.33 -5.62 -32.60
CA LYS A 338 23.59 -6.03 -33.19
C LYS A 338 24.15 -7.29 -32.54
N PHE A 339 23.65 -7.67 -31.38
CA PHE A 339 24.11 -8.87 -30.68
C PHE A 339 22.97 -9.70 -30.09
N VAL A 340 21.78 -9.12 -30.02
CA VAL A 340 20.64 -9.81 -29.43
C VAL A 340 19.89 -10.63 -30.50
N PRO A 341 19.34 -11.80 -30.12
CA PRO A 341 18.59 -12.60 -31.10
C PRO A 341 17.27 -11.95 -31.49
N PRO A 342 16.72 -12.33 -32.65
CA PRO A 342 15.53 -11.66 -33.17
C PRO A 342 14.26 -11.94 -32.36
N PHE A 343 14.27 -12.99 -31.55
CA PHE A 343 13.12 -13.31 -30.71
C PHE A 343 13.20 -12.61 -29.35
N ALA A 344 14.10 -11.64 -29.24
CA ALA A 344 14.15 -10.79 -28.05
C ALA A 344 13.09 -9.70 -28.10
N SER A 345 12.79 -9.10 -26.95
CA SER A 345 11.76 -8.06 -26.85
C SER A 345 12.34 -6.67 -26.71
N PHE A 346 11.63 -5.70 -27.26
CA PHE A 346 12.05 -4.30 -27.23
C PHE A 346 10.86 -3.42 -26.85
N ALA A 347 9.96 -3.96 -26.05
CA ALA A 347 8.77 -3.23 -25.64
C ALA A 347 9.06 -2.29 -24.47
N ASN A 348 10.24 -2.46 -23.86
CA ASN A 348 10.59 -1.83 -22.58
C ASN A 348 9.70 -2.36 -21.46
N PRO A 349 10.24 -3.21 -20.58
CA PRO A 349 11.63 -3.68 -20.45
C PRO A 349 12.20 -4.34 -21.70
N ILE A 350 13.44 -4.00 -22.02
CA ILE A 350 14.14 -4.64 -23.12
C ILE A 350 14.60 -6.02 -22.71
N ASP A 351 13.83 -7.05 -23.07
CA ASP A 351 14.20 -8.42 -22.71
C ASP A 351 15.30 -8.92 -23.64
N ILE A 352 16.50 -9.14 -23.11
CA ILE A 352 17.60 -9.71 -23.90
C ILE A 352 17.70 -11.23 -23.74
N THR A 353 16.63 -11.86 -23.26
CA THR A 353 16.49 -13.32 -23.13
C THR A 353 17.41 -13.95 -22.07
N GLY A 354 16.95 -15.07 -21.52
CA GLY A 354 17.63 -15.75 -20.41
C GLY A 354 19.03 -16.25 -20.75
N MSE A 355 19.23 -16.63 -22.01
CA MSE A 355 20.51 -17.19 -22.43
C MSE A 355 21.60 -16.12 -22.59
O MSE A 355 22.75 -16.44 -22.88
CB MSE A 355 20.34 -17.97 -23.75
CG MSE A 355 19.60 -17.21 -24.83
SE MSE A 355 20.58 -17.11 -26.52
CE MSE A 355 22.06 -15.99 -25.94
H MSE A 355 18.65 -16.56 -22.64
HA MSE A 355 20.81 -17.82 -21.76
HB2 MSE A 355 21.22 -18.18 -24.08
HB3 MSE A 355 19.85 -18.77 -23.56
HG2 MSE A 355 18.75 -17.65 -25.00
HG3 MSE A 355 19.44 -16.29 -24.52
HE1 MSE A 355 22.65 -15.84 -26.69
HE2 MSE A 355 21.70 -15.14 -25.63
HE3 MSE A 355 22.53 -16.43 -25.22
N ALA A 356 21.24 -14.86 -22.39
CA ALA A 356 22.22 -13.78 -22.50
C ALA A 356 23.46 -14.03 -21.62
N PRO A 357 24.66 -14.06 -22.22
CA PRO A 357 25.89 -14.14 -21.41
C PRO A 357 26.27 -12.80 -20.76
N ASP A 358 27.33 -12.82 -19.95
CA ASP A 358 27.75 -11.65 -19.19
C ASP A 358 28.05 -10.48 -20.11
N ASP A 359 28.61 -10.78 -21.28
CA ASP A 359 29.07 -9.75 -22.20
C ASP A 359 27.94 -8.83 -22.65
N TRP A 360 26.74 -9.41 -22.81
CA TRP A 360 25.59 -8.63 -23.26
C TRP A 360 25.18 -7.59 -22.23
N TYR A 361 25.43 -7.88 -20.96
CA TYR A 361 25.06 -6.94 -19.91
C TYR A 361 25.94 -5.71 -20.01
N TYR A 362 27.20 -5.91 -20.38
CA TYR A 362 28.11 -4.80 -20.60
C TYR A 362 27.67 -3.97 -21.81
N MSE A 363 27.44 -4.64 -22.94
CA MSE A 363 27.07 -3.94 -24.17
C MSE A 363 25.73 -3.23 -24.05
O MSE A 363 25.60 -2.09 -24.47
CB MSE A 363 27.03 -4.93 -25.33
CG MSE A 363 28.41 -5.24 -25.91
SE MSE A 363 28.36 -6.54 -27.37
CE MSE A 363 27.30 -7.93 -26.52
H MSE A 363 27.49 -5.50 -23.01
HA MSE A 363 27.76 -3.29 -24.36
HB2 MSE A 363 26.63 -5.76 -25.03
HB3 MSE A 363 26.49 -4.55 -26.04
HG2 MSE A 363 28.80 -4.42 -26.24
HG3 MSE A 363 28.97 -5.60 -25.20
HE1 MSE A 363 27.19 -8.67 -27.14
HE2 MSE A 363 27.76 -8.24 -25.72
HE3 MSE A 363 26.43 -7.57 -26.27
N GLY A 364 24.74 -3.91 -23.50
CA GLY A 364 23.41 -3.34 -23.33
C GLY A 364 23.42 -2.12 -22.42
N THR A 365 24.04 -2.27 -21.26
CA THR A 365 24.15 -1.17 -20.29
C THR A 365 24.86 0.00 -20.95
N LEU A 366 25.96 -0.29 -21.64
CA LEU A 366 26.76 0.76 -22.27
C LEU A 366 25.98 1.49 -23.35
N ALA A 367 25.31 0.72 -24.21
CA ALA A 367 24.51 1.31 -25.29
C ALA A 367 23.46 2.25 -24.71
N ALA A 368 22.76 1.77 -23.69
CA ALA A 368 21.72 2.56 -23.05
C ALA A 368 22.26 3.86 -22.47
N LEU A 369 23.31 3.75 -21.66
CA LEU A 369 23.87 4.91 -20.97
C LEU A 369 24.38 5.97 -21.95
N LYS A 370 25.05 5.55 -23.02
CA LYS A 370 25.57 6.50 -23.99
C LYS A 370 24.46 7.13 -24.84
N ASN A 371 23.35 6.44 -25.00
CA ASN A 371 22.28 6.95 -25.85
C ASN A 371 21.69 8.26 -25.29
N PRO A 372 21.80 9.37 -26.06
CA PRO A 372 21.35 10.68 -25.57
C PRO A 372 19.84 10.78 -25.31
N ASP A 373 19.08 9.80 -25.76
CA ASP A 373 17.63 9.79 -25.53
C ASP A 373 17.24 8.87 -24.36
N VAL A 374 18.22 8.46 -23.57
CA VAL A 374 17.97 7.68 -22.35
C VAL A 374 18.39 8.48 -21.13
N ASP A 375 17.45 8.69 -20.20
CA ASP A 375 17.71 9.48 -19.01
C ASP A 375 18.07 8.62 -17.80
N ALA A 376 17.55 7.40 -17.75
CA ALA A 376 17.78 6.53 -16.59
C ALA A 376 17.76 5.05 -16.98
N LEU A 377 18.36 4.22 -16.13
CA LEU A 377 18.52 2.79 -16.43
C LEU A 377 18.37 1.90 -15.20
N THR A 378 17.45 0.94 -15.28
CA THR A 378 17.33 -0.10 -14.26
C THR A 378 17.70 -1.43 -14.89
N VAL A 379 18.67 -2.10 -14.30
CA VAL A 379 19.19 -3.36 -14.84
C VAL A 379 18.80 -4.54 -13.96
N LEU A 380 18.04 -5.46 -14.53
CA LEU A 380 17.56 -6.65 -13.82
C LEU A 380 18.29 -7.89 -14.30
N TYR A 381 18.69 -8.73 -13.36
CA TYR A 381 19.39 -9.96 -13.66
C TYR A 381 18.86 -11.13 -12.86
N CYS A 382 18.62 -12.24 -13.55
CA CYS A 382 18.20 -13.48 -12.92
C CYS A 382 19.31 -14.51 -13.10
N GLN A 383 19.84 -15.03 -11.99
CA GLN A 383 20.96 -15.96 -12.08
C GLN A 383 20.61 -17.19 -12.89
N THR A 384 21.40 -17.44 -13.93
CA THR A 384 21.30 -18.66 -14.72
C THR A 384 22.68 -19.29 -14.85
N ALA A 385 22.72 -20.57 -15.24
CA ALA A 385 23.96 -21.31 -15.37
C ALA A 385 24.85 -20.75 -16.48
N VAL A 386 24.21 -20.10 -17.46
CA VAL A 386 24.93 -19.51 -18.59
C VAL A 386 25.87 -18.40 -18.14
N THR A 387 25.56 -17.78 -17.01
CA THR A 387 26.25 -16.59 -16.56
C THR A 387 26.84 -16.73 -15.16
N THR A 388 27.68 -15.78 -14.79
CA THR A 388 28.13 -15.63 -13.40
C THR A 388 27.68 -14.27 -12.88
N PRO A 389 27.12 -14.22 -11.67
CA PRO A 389 26.72 -12.92 -11.10
C PRO A 389 27.85 -11.91 -11.06
N ILE A 390 29.05 -12.33 -10.67
CA ILE A 390 30.16 -11.41 -10.56
C ILE A 390 30.57 -10.90 -11.95
N GLY A 391 30.43 -11.76 -12.96
CA GLY A 391 30.70 -11.37 -14.33
C GLY A 391 29.77 -10.26 -14.78
N VAL A 392 28.49 -10.45 -14.51
CA VAL A 392 27.48 -9.45 -14.84
C VAL A 392 27.76 -8.16 -14.09
N ALA A 393 28.15 -8.29 -12.83
CA ALA A 393 28.41 -7.12 -11.99
C ALA A 393 29.57 -6.29 -12.57
N LYS A 394 30.67 -6.94 -12.92
CA LYS A 394 31.82 -6.20 -13.45
C LYS A 394 31.47 -5.58 -14.79
N GLY A 395 30.63 -6.25 -15.57
CA GLY A 395 30.18 -5.71 -16.84
C GLY A 395 29.45 -4.40 -16.65
N ILE A 396 28.55 -4.37 -15.68
CA ILE A 396 27.76 -3.18 -15.39
C ILE A 396 28.68 -2.03 -14.95
N VAL A 397 29.60 -2.34 -14.03
CA VAL A 397 30.53 -1.33 -13.52
C VAL A 397 31.38 -0.74 -14.64
N ASP A 398 31.92 -1.61 -15.49
CA ASP A 398 32.75 -1.18 -16.60
C ASP A 398 31.96 -0.29 -17.55
N ALA A 399 30.72 -0.67 -17.82
CA ALA A 399 29.87 0.09 -18.73
C ALA A 399 29.63 1.48 -18.17
N ILE A 400 29.43 1.57 -16.86
CA ILE A 400 29.20 2.86 -16.22
C ILE A 400 30.44 3.76 -16.33
N LYS A 401 31.62 3.17 -16.19
CA LYS A 401 32.86 3.93 -16.34
C LYS A 401 33.00 4.48 -17.75
N GLU A 402 32.85 3.61 -18.75
CA GLU A 402 33.05 4.00 -20.14
C GLU A 402 32.01 5.00 -20.62
N ALA A 403 30.79 4.90 -20.11
CA ALA A 403 29.74 5.86 -20.42
C ALA A 403 30.24 7.27 -20.13
N GLY A 404 31.11 7.37 -19.12
CA GLY A 404 31.76 8.62 -18.80
C GLY A 404 30.80 9.73 -18.39
N ASN A 405 29.54 9.38 -18.18
CA ASN A 405 28.54 10.34 -17.75
C ASN A 405 27.97 9.93 -16.40
N SER A 406 26.99 10.70 -15.93
CA SER A 406 26.29 10.39 -14.70
C SER A 406 24.80 10.35 -14.95
N LYS A 407 24.30 9.18 -15.32
CA LYS A 407 22.87 8.93 -15.42
C LYS A 407 22.47 7.97 -14.30
N PRO A 408 21.33 8.22 -13.65
CA PRO A 408 20.95 7.34 -12.53
C PRO A 408 20.84 5.88 -12.96
N VAL A 409 21.48 4.98 -12.21
CA VAL A 409 21.36 3.54 -12.43
C VAL A 409 20.98 2.82 -11.14
N THR A 410 20.06 1.86 -11.25
CA THR A 410 19.80 0.93 -10.15
C THR A 410 19.85 -0.49 -10.68
N VAL A 411 20.25 -1.42 -9.83
CA VAL A 411 20.43 -2.81 -10.25
C VAL A 411 19.65 -3.77 -9.35
N GLY A 412 18.99 -4.73 -9.98
CA GLY A 412 18.30 -5.78 -9.26
C GLY A 412 18.83 -7.13 -9.71
N MSE A 413 19.24 -7.95 -8.75
CA MSE A 413 19.76 -9.28 -9.03
C MSE A 413 19.07 -10.31 -8.15
O MSE A 413 18.87 -10.08 -6.96
CB MSE A 413 21.27 -9.33 -8.79
CG MSE A 413 22.05 -8.41 -9.71
SE MSE A 413 23.98 -8.56 -9.44
CE MSE A 413 24.44 -9.76 -10.92
H MSE A 413 19.21 -7.76 -7.91
HA MSE A 413 19.60 -9.50 -9.96
HB2 MSE A 413 21.45 -9.06 -7.88
HB3 MSE A 413 21.58 -10.24 -8.94
HG2 MSE A 413 21.86 -8.64 -10.63
HG3 MSE A 413 21.80 -7.49 -9.54
HE1 MSE A 413 25.39 -9.93 -10.91
HE2 MSE A 413 23.96 -10.59 -10.80
HE3 MSE A 413 24.18 -9.34 -11.75
N VAL A 414 18.68 -11.44 -8.74
CA VAL A 414 18.01 -12.51 -8.03
C VAL A 414 18.79 -13.81 -8.17
N GLY A 415 19.06 -14.45 -7.05
CA GLY A 415 19.79 -15.70 -7.06
C GLY A 415 20.31 -16.05 -5.68
N GLY A 416 21.21 -17.04 -5.64
CA GLY A 416 21.72 -17.55 -4.39
C GLY A 416 22.91 -16.79 -3.86
N PRO A 417 23.77 -17.47 -3.08
CA PRO A 417 24.93 -16.86 -2.41
C PRO A 417 25.80 -16.02 -3.34
N GLU A 418 26.02 -16.47 -4.57
CA GLU A 418 26.88 -15.75 -5.49
C GLU A 418 26.27 -14.40 -5.87
N VAL A 419 24.95 -14.37 -6.04
CA VAL A 419 24.26 -13.12 -6.31
C VAL A 419 24.35 -12.19 -5.10
N ALA A 420 24.20 -12.75 -3.90
CA ALA A 420 24.33 -11.95 -2.69
C ALA A 420 25.70 -11.28 -2.63
N GLU A 421 26.73 -12.04 -3.01
CA GLU A 421 28.08 -11.51 -3.04
C GLU A 421 28.21 -10.41 -4.09
N ALA A 422 27.58 -10.62 -5.24
CA ALA A 422 27.64 -9.66 -6.34
C ALA A 422 26.95 -8.34 -5.98
N VAL A 423 25.81 -8.43 -5.28
CA VAL A 423 25.09 -7.24 -4.88
C VAL A 423 25.93 -6.41 -3.90
N SER A 424 26.57 -7.10 -2.96
CA SER A 424 27.45 -6.43 -2.00
C SER A 424 28.63 -5.77 -2.70
N PHE A 425 29.18 -6.46 -3.69
CA PHE A 425 30.27 -5.94 -4.51
C PHE A 425 29.86 -4.63 -5.16
N LEU A 426 28.71 -4.61 -5.81
CA LEU A 426 28.21 -3.41 -6.46
C LEU A 426 27.96 -2.27 -5.48
N ASN A 427 27.37 -2.60 -4.33
CA ASN A 427 27.03 -1.58 -3.35
C ASN A 427 28.30 -0.98 -2.74
N LYS A 428 29.32 -1.81 -2.58
CA LYS A 428 30.59 -1.34 -2.05
C LYS A 428 31.30 -0.43 -3.04
N GLN A 429 30.86 -0.44 -4.30
CA GLN A 429 31.34 0.51 -5.29
C GLN A 429 30.36 1.66 -5.49
N ARG A 430 29.50 1.88 -4.52
CA ARG A 430 28.52 2.96 -4.57
C ARG A 430 27.63 2.84 -5.81
N ILE A 431 27.22 1.62 -6.12
CA ILE A 431 26.21 1.37 -7.14
C ILE A 431 24.99 0.71 -6.49
N ALA A 432 23.85 1.39 -6.56
CA ALA A 432 22.65 0.94 -5.86
C ALA A 432 22.15 -0.38 -6.40
N ALA A 433 22.46 -1.47 -5.69
CA ALA A 433 22.04 -2.81 -6.09
C ALA A 433 21.17 -3.44 -5.00
N TYR A 434 20.19 -4.24 -5.42
CA TYR A 434 19.22 -4.85 -4.52
C TYR A 434 18.96 -6.29 -4.92
N PRO A 435 18.55 -7.14 -3.96
CA PRO A 435 18.38 -8.57 -4.23
C PRO A 435 17.05 -8.95 -4.89
N THR A 436 16.22 -7.98 -5.22
CA THR A 436 14.98 -8.26 -5.96
C THR A 436 14.67 -7.15 -6.98
N PRO A 437 13.95 -7.50 -8.05
CA PRO A 437 13.56 -6.50 -9.05
C PRO A 437 12.66 -5.40 -8.50
N GLU A 438 11.77 -5.73 -7.58
CA GLU A 438 10.84 -4.74 -7.03
C GLU A 438 11.59 -3.65 -6.27
N ARG A 439 12.56 -4.05 -5.47
CA ARG A 439 13.30 -3.09 -4.65
C ARG A 439 14.16 -2.17 -5.53
N ALA A 440 14.74 -2.72 -6.58
CA ALA A 440 15.52 -1.92 -7.53
C ALA A 440 14.63 -0.88 -8.21
N SER A 441 13.42 -1.30 -8.57
CA SER A 441 12.48 -0.40 -9.25
C SER A 441 11.88 0.61 -8.30
N SER A 442 11.79 0.24 -7.03
CA SER A 442 11.30 1.16 -6.00
C SER A 442 12.34 2.25 -5.77
N ALA A 443 13.61 1.86 -5.71
CA ALA A 443 14.69 2.81 -5.56
C ALA A 443 14.71 3.82 -6.72
N MSE A 444 14.58 3.32 -7.94
CA MSE A 444 14.52 4.19 -9.11
C MSE A 444 13.31 5.12 -9.01
O MSE A 444 13.38 6.30 -9.38
CB MSE A 444 14.46 3.38 -10.40
CG MSE A 444 14.42 4.23 -11.66
SE MSE A 444 16.03 5.34 -11.87
CE MSE A 444 17.27 3.93 -12.45
H MSE A 444 14.53 2.48 -8.13
HA MSE A 444 15.33 4.73 -9.13
HB2 MSE A 444 15.25 2.82 -10.45
HB3 MSE A 444 13.66 2.83 -10.38
HG2 MSE A 444 14.34 3.65 -12.43
HG3 MSE A 444 13.65 4.82 -11.60
HE1 MSE A 444 18.14 4.34 -12.61
HE2 MSE A 444 17.34 3.26 -11.76
HE3 MSE A 444 16.94 3.54 -13.27
N SER A 445 12.20 4.59 -8.52
CA SER A 445 10.99 5.38 -8.35
C SER A 445 11.23 6.52 -7.35
N ALA A 446 12.14 6.30 -6.40
CA ALA A 446 12.46 7.33 -5.42
C ALA A 446 13.18 8.49 -6.09
N LEU A 447 14.10 8.17 -7.00
CA LEU A 447 14.76 9.22 -7.77
C LEU A 447 13.74 10.07 -8.53
N TYR A 448 12.80 9.43 -9.20
CA TYR A 448 11.77 10.17 -9.93
C TYR A 448 10.81 10.90 -9.00
N ALA A 449 10.51 10.28 -7.86
CA ALA A 449 9.66 10.90 -6.85
C ALA A 449 10.29 12.21 -6.35
N TYR A 450 11.60 12.17 -6.14
CA TYR A 450 12.31 13.37 -5.70
C TYR A 450 12.32 14.43 -6.79
N ALA A 451 12.54 14.02 -8.04
CA ALA A 451 12.46 14.95 -9.17
C ALA A 451 11.09 15.64 -9.19
N ARG A 452 10.03 14.86 -9.00
CA ARG A 452 8.68 15.40 -9.00
C ARG A 452 8.44 16.31 -7.80
N ALA A 453 8.99 15.94 -6.64
CA ALA A 453 8.90 16.75 -5.45
C ALA A 453 9.54 18.12 -5.66
N ARG A 454 10.76 18.12 -6.19
CA ARG A 454 11.49 19.35 -6.49
C ARG A 454 10.69 20.22 -7.45
N SER A 455 10.09 19.58 -8.45
CA SER A 455 9.28 20.29 -9.42
C SER A 455 8.07 20.95 -8.77
N TYR A 456 7.49 20.28 -7.78
CA TYR A 456 6.34 20.82 -7.05
C TYR A 456 6.71 22.14 -6.39
N VAL A 457 7.81 22.12 -5.65
CA VAL A 457 8.28 23.30 -4.93
C VAL A 457 8.57 24.43 -5.91
N MSE A 458 9.24 24.10 -7.02
CA MSE A 458 9.60 25.09 -8.04
C MSE A 458 8.36 25.79 -8.58
O MSE A 458 8.35 27.02 -8.70
CB MSE A 458 10.36 24.42 -9.18
CG MSE A 458 11.81 24.10 -8.84
SE MSE A 458 12.94 25.69 -8.73
CE MSE A 458 12.94 26.21 -10.61
H MSE A 458 9.50 23.30 -7.21
HA MSE A 458 10.19 25.74 -7.63
HB2 MSE A 458 9.92 23.59 -9.42
HB3 MSE A 458 10.36 25.02 -9.94
HG2 MSE A 458 11.85 23.64 -7.99
HG3 MSE A 458 12.18 23.52 -9.53
HE1 MSE A 458 13.47 27.01 -10.71
HE2 MSE A 458 13.31 25.49 -11.14
HE3 MSE A 458 12.02 26.38 -10.89
N LYS A 459 7.32 25.02 -8.88
CA LYS A 459 6.08 25.59 -9.40
C LYS A 459 5.45 26.55 -8.38
N SER A 460 5.39 26.13 -7.12
CA SER A 460 4.78 26.96 -6.08
C SER A 460 5.59 28.23 -5.80
N LEU A 461 6.89 28.21 -6.10
CA LEU A 461 7.74 29.39 -5.93
C LEU A 461 7.88 30.17 -7.24
N ALA A 462 7.20 29.71 -8.29
CA ALA A 462 7.30 30.34 -9.60
C ALA A 462 6.92 31.80 -9.53
N VAL A 463 7.82 32.68 -9.97
CA VAL A 463 7.55 34.11 -9.98
C VAL A 463 6.39 34.41 -10.93
N ARG A 464 5.20 34.65 -10.36
CA ARG A 464 4.01 34.94 -11.15
C ARG A 464 4.20 36.20 -11.99
N SER B 3 -19.62 42.06 8.37
CA SER B 3 -18.52 42.91 8.79
C SER B 3 -17.34 42.06 9.26
N ARG B 4 -16.13 42.56 9.05
CA ARG B 4 -14.93 41.82 9.39
C ARG B 4 -14.81 41.62 10.91
N ASP B 5 -15.39 42.53 11.67
CA ASP B 5 -15.33 42.50 13.14
C ASP B 5 -16.36 41.56 13.79
N LEU B 6 -17.19 40.90 12.99
CA LEU B 6 -18.22 40.00 13.53
C LEU B 6 -17.62 38.92 14.41
N LEU B 7 -16.41 38.45 14.08
CA LEU B 7 -15.73 37.47 14.92
C LEU B 7 -15.50 38.04 16.31
N LEU B 8 -15.11 39.31 16.37
CA LEU B 8 -14.85 39.97 17.64
C LEU B 8 -16.10 40.01 18.49
N LYS B 9 -17.20 40.50 17.92
CA LYS B 9 -18.45 40.64 18.67
C LYS B 9 -18.90 39.29 19.22
N ALA B 10 -18.76 38.26 18.40
CA ALA B 10 -19.13 36.91 18.82
C ALA B 10 -18.29 36.45 20.01
N LYS B 11 -16.99 36.66 19.96
CA LYS B 11 -16.10 36.23 21.03
C LYS B 11 -16.43 36.96 22.34
N GLU B 12 -16.71 38.26 22.26
CA GLU B 12 -16.97 39.04 23.47
C GLU B 12 -18.28 38.60 24.11
N ASN B 13 -19.18 38.07 23.30
CA ASN B 13 -20.47 37.57 23.80
C ASN B 13 -20.39 36.09 24.20
N GLY B 14 -19.18 35.62 24.48
CA GLY B 14 -18.97 34.24 24.90
C GLY B 14 -19.47 33.20 23.93
N ARG B 15 -19.56 33.57 22.64
CA ARG B 15 -20.06 32.68 21.60
C ARG B 15 -18.97 31.79 21.01
N LYS B 16 -19.28 30.50 20.88
CA LYS B 16 -18.32 29.52 20.38
C LYS B 16 -18.53 29.24 18.88
N SER B 17 -19.45 29.97 18.26
CA SER B 17 -19.74 29.77 16.85
C SER B 17 -20.58 30.91 16.28
N LEU B 18 -20.55 31.08 14.97
CA LEU B 18 -21.33 32.11 14.30
C LEU B 18 -22.61 31.54 13.70
N LEU B 19 -23.67 32.34 13.73
CA LEU B 19 -24.93 31.98 13.09
C LEU B 19 -24.79 32.02 11.58
N GLU B 20 -25.54 31.15 10.90
CA GLU B 20 -25.43 30.95 9.46
C GLU B 20 -25.32 32.27 8.67
N HIS B 21 -26.18 33.23 8.99
CA HIS B 21 -26.20 34.49 8.25
C HIS B 21 -24.96 35.33 8.55
N GLU B 22 -24.51 35.31 9.80
CA GLU B 22 -23.29 36.02 10.18
C GLU B 22 -22.08 35.44 9.47
N ALA B 23 -22.02 34.10 9.44
CA ALA B 23 -20.92 33.40 8.77
C ALA B 23 -20.89 33.76 7.30
N LYS B 24 -22.06 33.85 6.70
CA LYS B 24 -22.16 34.17 5.28
C LYS B 24 -21.74 35.61 4.99
N TYR B 25 -22.12 36.55 5.84
CA TYR B 25 -21.67 37.94 5.68
C TYR B 25 -20.15 38.00 5.77
N PHE B 26 -19.60 37.32 6.76
CA PHE B 26 -18.17 37.33 7.01
C PHE B 26 -17.38 36.71 5.87
N ILE B 27 -17.93 35.64 5.29
CA ILE B 27 -17.29 34.96 4.18
C ILE B 27 -17.36 35.83 2.92
N SER B 28 -18.51 36.47 2.74
CA SER B 28 -18.73 37.28 1.56
C SER B 28 -17.78 38.48 1.53
N SER B 29 -17.45 38.99 2.71
CA SER B 29 -16.58 40.16 2.80
C SER B 29 -15.15 39.84 2.39
N TYR B 30 -14.87 38.56 2.12
CA TYR B 30 -13.55 38.15 1.63
C TYR B 30 -13.59 37.82 0.14
N GLY B 31 -14.76 37.98 -0.47
CA GLY B 31 -14.88 37.82 -1.91
C GLY B 31 -15.23 36.41 -2.34
N ILE B 32 -15.77 35.62 -1.41
CA ILE B 32 -16.27 34.30 -1.73
C ILE B 32 -17.78 34.36 -1.95
N PRO B 33 -18.26 33.97 -3.15
CA PRO B 33 -19.70 34.04 -3.44
C PRO B 33 -20.58 33.24 -2.48
N VAL B 34 -21.71 33.81 -2.08
CA VAL B 34 -22.64 33.20 -1.15
C VAL B 34 -24.08 33.45 -1.56
N THR B 35 -24.96 32.48 -1.27
CA THR B 35 -26.39 32.66 -1.50
C THR B 35 -26.90 33.83 -0.65
N ASN B 36 -27.46 34.84 -1.30
CA ASN B 36 -27.98 36.01 -0.59
C ASN B 36 -28.93 35.58 0.54
N ILE B 37 -28.65 36.05 1.76
CA ILE B 37 -29.42 35.65 2.93
C ILE B 37 -29.85 36.83 3.81
N ARG B 38 -31.00 36.68 4.48
CA ARG B 38 -31.50 37.67 5.43
C ARG B 38 -32.07 36.96 6.67
N LEU B 39 -32.07 37.66 7.79
CA LEU B 39 -32.67 37.14 9.02
C LEU B 39 -33.99 37.85 9.30
N ALA B 40 -35.10 37.13 9.16
CA ALA B 40 -36.42 37.67 9.42
C ALA B 40 -36.80 37.42 10.87
N LYS B 41 -37.47 38.40 11.47
CA LYS B 41 -37.93 38.28 12.86
C LYS B 41 -39.44 38.46 12.92
N SER B 42 -40.09 38.34 11.76
CA SER B 42 -41.53 38.43 11.66
C SER B 42 -41.97 37.90 10.31
N GLU B 43 -43.23 37.48 10.23
CA GLU B 43 -43.80 37.01 8.97
C GLU B 43 -43.68 38.09 7.88
N GLU B 44 -43.88 39.34 8.28
CA GLU B 44 -43.87 40.43 7.31
C GLU B 44 -42.46 40.73 6.81
N GLU B 45 -41.49 40.77 7.72
CA GLU B 45 -40.10 40.94 7.34
C GLU B 45 -39.68 39.82 6.40
N ALA B 46 -40.20 38.62 6.65
CA ALA B 46 -39.87 37.47 5.81
C ALA B 46 -40.30 37.71 4.37
N VAL B 47 -41.57 38.07 4.18
CA VAL B 47 -42.10 38.35 2.84
C VAL B 47 -41.28 39.42 2.13
N ASN B 48 -40.98 40.49 2.85
CA ASN B 48 -40.21 41.60 2.29
C ASN B 48 -38.84 41.12 1.83
N PHE B 49 -38.16 40.36 2.69
CA PHE B 49 -36.85 39.82 2.36
C PHE B 49 -36.95 38.81 1.21
N SER B 50 -38.06 38.08 1.15
CA SER B 50 -38.27 37.11 0.09
C SER B 50 -38.27 37.79 -1.28
N ARG B 51 -38.94 38.93 -1.36
CA ARG B 51 -38.98 39.69 -2.62
C ARG B 51 -37.67 40.43 -2.88
N GLU B 52 -36.97 40.78 -1.81
CA GLU B 52 -35.68 41.46 -1.96
C GLU B 52 -34.60 40.50 -2.46
N ILE B 53 -34.81 39.21 -2.21
CA ILE B 53 -33.88 38.17 -2.60
C ILE B 53 -34.26 37.56 -3.94
N GLY B 54 -35.57 37.45 -4.17
CA GLY B 54 -36.07 36.85 -5.41
C GLY B 54 -36.41 35.39 -5.20
N PHE B 55 -37.43 34.92 -5.89
CA PHE B 55 -37.90 33.55 -5.74
C PHE B 55 -37.20 32.62 -6.73
N PRO B 56 -37.14 31.32 -6.39
CA PRO B 56 -37.64 30.70 -5.15
C PRO B 56 -36.68 30.86 -3.97
N VAL B 57 -37.23 30.77 -2.76
CA VAL B 57 -36.46 30.98 -1.54
C VAL B 57 -36.54 29.78 -0.60
N VAL B 58 -35.70 29.81 0.43
CA VAL B 58 -35.62 28.76 1.43
C VAL B 58 -35.68 29.37 2.83
N LEU B 59 -36.41 28.71 3.73
CA LEU B 59 -36.56 29.17 5.12
C LEU B 59 -35.97 28.18 6.11
N LYS B 60 -35.18 28.70 7.05
CA LYS B 60 -34.57 27.90 8.12
C LYS B 60 -34.81 28.53 9.49
N ILE B 61 -35.20 27.71 10.46
CA ILE B 61 -35.32 28.18 11.85
C ILE B 61 -33.95 28.47 12.42
N VAL B 62 -33.87 29.43 13.35
CA VAL B 62 -32.61 29.72 14.06
C VAL B 62 -32.74 29.51 15.57
N SER B 63 -32.54 28.27 16.03
CA SER B 63 -32.55 28.00 17.47
C SER B 63 -31.30 27.27 17.98
N PRO B 64 -30.84 27.61 19.19
CA PRO B 64 -29.70 26.91 19.80
C PRO B 64 -30.04 25.45 20.14
N GLN B 65 -31.31 25.19 20.43
CA GLN B 65 -31.72 23.85 20.86
C GLN B 65 -32.11 22.96 19.69
N VAL B 66 -31.93 23.45 18.47
CA VAL B 66 -32.24 22.68 17.27
C VAL B 66 -31.00 22.41 16.41
N VAL B 67 -30.34 21.28 16.68
CA VAL B 67 -29.15 20.92 15.93
C VAL B 67 -29.55 20.46 14.53
N HIS B 68 -30.40 19.43 14.46
CA HIS B 68 -30.90 18.92 13.17
C HIS B 68 -32.28 19.46 12.82
N LYS B 69 -32.27 20.55 12.05
CA LYS B 69 -33.48 21.30 11.72
C LYS B 69 -34.50 20.43 10.99
N SER B 70 -34.05 19.82 9.90
CA SER B 70 -34.90 18.96 9.09
C SER B 70 -35.69 17.96 9.93
N ASP B 71 -35.07 17.43 10.98
CA ASP B 71 -35.69 16.40 11.79
C ASP B 71 -36.92 16.92 12.53
N VAL B 72 -36.89 18.21 12.88
CA VAL B 72 -37.98 18.85 13.60
C VAL B 72 -38.89 19.64 12.67
N GLY B 73 -38.63 19.57 11.37
CA GLY B 73 -39.42 20.30 10.39
C GLY B 73 -39.17 21.79 10.48
N GLY B 74 -37.90 22.15 10.69
CA GLY B 74 -37.51 23.54 10.83
C GLY B 74 -36.95 24.12 9.54
N VAL B 75 -37.20 23.43 8.42
CA VAL B 75 -36.72 23.88 7.12
C VAL B 75 -37.77 23.70 6.02
N LYS B 76 -37.97 24.76 5.24
CA LYS B 76 -38.90 24.73 4.11
C LYS B 76 -38.20 25.16 2.82
N VAL B 77 -38.25 24.30 1.81
CA VAL B 77 -37.51 24.50 0.57
C VAL B 77 -38.41 24.90 -0.61
N ASN B 78 -37.83 25.66 -1.53
CA ASN B 78 -38.49 26.06 -2.78
C ASN B 78 -39.85 26.71 -2.56
N LEU B 79 -39.82 27.93 -2.02
CA LEU B 79 -41.02 28.73 -1.83
C LEU B 79 -41.11 29.76 -2.97
N ARG B 80 -42.21 29.74 -3.70
CA ARG B 80 -42.30 30.46 -4.97
C ARG B 80 -43.14 31.71 -4.91
N SER B 81 -44.01 31.80 -3.90
CA SER B 81 -44.94 32.92 -3.77
C SER B 81 -44.98 33.46 -2.35
N GLU B 82 -45.38 34.73 -2.23
CA GLU B 82 -45.56 35.37 -0.94
C GLU B 82 -46.39 34.53 0.00
N GLU B 83 -47.53 34.03 -0.49
CA GLU B 83 -48.43 33.23 0.32
C GLU B 83 -47.76 31.93 0.75
N GLU B 84 -47.07 31.29 -0.19
CA GLU B 84 -46.39 30.04 0.12
C GLU B 84 -45.34 30.28 1.22
N VAL B 85 -44.74 31.47 1.19
CA VAL B 85 -43.74 31.83 2.19
C VAL B 85 -44.38 32.01 3.57
N ARG B 86 -45.55 32.66 3.61
CA ARG B 86 -46.22 32.89 4.89
C ARG B 86 -46.65 31.56 5.51
N LYS B 87 -47.09 30.64 4.65
CA LYS B 87 -47.47 29.31 5.08
C LYS B 87 -46.29 28.66 5.78
N ALA B 88 -45.15 28.69 5.11
CA ALA B 88 -43.93 28.05 5.62
C ALA B 88 -43.46 28.71 6.92
N TYR B 89 -43.53 30.03 6.96
CA TYR B 89 -43.08 30.79 8.14
C TYR B 89 -43.79 30.32 9.41
N ARG B 90 -45.11 30.17 9.30
CA ARG B 90 -45.90 29.78 10.45
C ARG B 90 -45.73 28.30 10.73
N GLU B 91 -45.62 27.51 9.68
CA GLU B 91 -45.55 26.06 9.84
C GLU B 91 -44.26 25.70 10.58
N ILE B 92 -43.18 26.41 10.28
CA ILE B 92 -41.91 26.16 10.94
C ILE B 92 -41.97 26.53 12.41
N ILE B 93 -42.55 27.69 12.71
CA ILE B 93 -42.64 28.13 14.10
C ILE B 93 -43.40 27.11 14.96
N GLU B 94 -44.61 26.78 14.52
CA GLU B 94 -45.45 25.83 15.26
C GLU B 94 -44.81 24.45 15.31
N ASN B 95 -44.11 24.08 14.23
CA ASN B 95 -43.42 22.79 14.18
C ASN B 95 -42.40 22.68 15.30
N VAL B 96 -41.59 23.72 15.44
CA VAL B 96 -40.55 23.75 16.46
C VAL B 96 -41.14 23.71 17.87
N LYS B 97 -42.23 24.43 18.10
CA LYS B 97 -42.84 24.45 19.43
C LYS B 97 -43.35 23.08 19.86
N ARG B 98 -43.90 22.33 18.90
CA ARG B 98 -44.46 21.01 19.21
C ARG B 98 -43.37 19.97 19.43
N ASN B 99 -42.37 19.98 18.57
CA ASN B 99 -41.30 18.98 18.61
C ASN B 99 -40.29 19.27 19.72
N VAL B 100 -40.07 20.55 20.02
CA VAL B 100 -39.15 20.97 21.08
C VAL B 100 -39.63 22.27 21.74
N PRO B 101 -40.58 22.15 22.70
CA PRO B 101 -41.18 23.34 23.31
C PRO B 101 -40.16 24.25 23.99
N ASN B 102 -39.29 23.67 24.81
CA ASN B 102 -38.24 24.41 25.50
C ASN B 102 -37.40 25.27 24.56
N ALA B 103 -37.28 24.84 23.32
CA ALA B 103 -36.45 25.55 22.35
C ALA B 103 -36.84 27.03 22.23
N GLU B 104 -35.85 27.90 22.39
CA GLU B 104 -36.04 29.33 22.15
C GLU B 104 -35.87 29.62 20.67
N ILE B 105 -36.60 30.63 20.17
CA ILE B 105 -36.55 31.01 18.76
C ILE B 105 -35.79 32.32 18.61
N GLU B 106 -34.77 32.32 17.74
CA GLU B 106 -33.99 33.52 17.47
C GLU B 106 -34.55 34.24 16.24
N GLY B 107 -35.01 33.48 15.26
CA GLY B 107 -35.58 34.04 14.06
C GLY B 107 -35.66 33.05 12.90
N ILE B 108 -36.06 33.54 11.73
CA ILE B 108 -36.15 32.73 10.53
C ILE B 108 -35.24 33.28 9.44
N LEU B 109 -34.47 32.40 8.81
CA LEU B 109 -33.50 32.75 7.79
C LEU B 109 -34.07 32.59 6.40
N VAL B 110 -34.11 33.68 5.63
CA VAL B 110 -34.56 33.62 4.26
C VAL B 110 -33.32 33.65 3.37
N GLN B 111 -33.20 32.70 2.46
CA GLN B 111 -32.03 32.63 1.59
C GLN B 111 -32.38 32.19 0.17
N GLU B 112 -31.63 32.72 -0.79
CA GLU B 112 -31.79 32.37 -2.20
C GLU B 112 -31.76 30.86 -2.38
N PHE B 113 -32.52 30.35 -3.35
CA PHE B 113 -32.53 28.92 -3.65
C PHE B 113 -31.41 28.56 -4.62
N ALA B 114 -30.64 27.53 -4.26
CA ALA B 114 -29.50 27.11 -5.08
C ALA B 114 -29.87 25.90 -5.94
N PRO B 115 -29.95 26.08 -7.28
CA PRO B 115 -30.25 24.93 -8.14
C PRO B 115 -29.17 23.85 -8.04
N PRO B 116 -29.50 22.60 -8.39
CA PRO B 116 -28.58 21.47 -8.27
C PRO B 116 -27.27 21.65 -9.06
N GLY B 117 -26.20 21.06 -8.54
CA GLY B 117 -24.90 21.11 -9.18
C GLY B 117 -23.89 20.30 -8.39
N VAL B 118 -22.63 20.34 -8.81
CA VAL B 118 -21.60 19.57 -8.12
C VAL B 118 -21.41 20.12 -6.71
N GLU B 119 -21.77 19.33 -5.71
CA GLU B 119 -21.60 19.73 -4.31
C GLU B 119 -20.17 19.48 -3.83
N LEU B 120 -19.51 20.53 -3.38
CA LEU B 120 -18.13 20.44 -2.90
C LEU B 120 -18.04 20.92 -1.46
N ILE B 121 -16.95 20.56 -0.78
CA ILE B 121 -16.70 21.10 0.55
C ILE B 121 -15.35 21.80 0.58
N ILE B 122 -15.33 22.94 1.25
CA ILE B 122 -14.10 23.70 1.48
C ILE B 122 -14.00 23.94 2.98
N GLY B 123 -12.97 23.37 3.59
CA GLY B 123 -12.79 23.46 5.02
C GLY B 123 -11.59 24.29 5.40
N LEU B 124 -11.53 24.65 6.67
CA LEU B 124 -10.41 25.38 7.22
C LEU B 124 -10.21 24.94 8.67
N LEU B 125 -9.05 24.39 8.97
CA LEU B 125 -8.77 23.88 10.30
C LEU B 125 -7.46 24.45 10.80
N ARG B 126 -7.42 24.75 12.10
CA ARG B 126 -6.19 25.24 12.71
C ARG B 126 -5.48 24.08 13.37
N ASP B 127 -4.36 23.68 12.77
CA ASP B 127 -3.54 22.60 13.33
C ASP B 127 -2.57 23.18 14.34
N PRO B 128 -2.28 22.44 15.42
CA PRO B 128 -1.32 22.96 16.40
C PRO B 128 0.07 23.17 15.82
N GLN B 129 0.47 22.31 14.89
CA GLN B 129 1.80 22.36 14.30
C GLN B 129 1.90 23.36 13.16
N PHE B 130 1.05 23.21 12.15
CA PHE B 130 1.18 23.97 10.91
C PHE B 130 0.25 25.18 10.83
N GLY B 131 -0.74 25.23 11.72
CA GLY B 131 -1.66 26.36 11.76
C GLY B 131 -2.73 26.26 10.67
N PRO B 132 -3.19 27.41 10.15
CA PRO B 132 -4.26 27.45 9.16
C PRO B 132 -4.06 26.47 8.01
N THR B 133 -4.99 25.52 7.89
CA THR B 133 -4.93 24.48 6.88
C THR B 133 -6.24 24.44 6.10
N VAL B 134 -6.15 24.27 4.78
CA VAL B 134 -7.33 24.25 3.92
C VAL B 134 -7.66 22.82 3.52
N MSE B 135 -8.95 22.52 3.46
CA MSE B 135 -9.43 21.21 3.03
C MSE B 135 -10.34 21.37 1.82
O MSE B 135 -11.11 22.32 1.75
CB MSE B 135 -10.17 20.52 4.16
CG MSE B 135 -10.65 19.11 3.85
SE MSE B 135 -11.63 18.33 5.32
CE MSE B 135 -13.45 18.70 4.73
H MSE B 135 -9.58 23.07 3.66
HA MSE B 135 -8.67 20.67 2.78
HB2 MSE B 135 -9.58 20.46 4.93
HB3 MSE B 135 -10.95 21.05 4.41
HG2 MSE B 135 -11.23 19.15 3.07
HG3 MSE B 135 -9.88 18.56 3.66
HE1 MSE B 135 -14.07 18.36 5.39
HE2 MSE B 135 -13.57 19.67 4.64
HE3 MSE B 135 -13.60 18.27 3.87
N PHE B 136 -10.26 20.42 0.89
CA PHE B 136 -11.14 20.41 -0.28
C PHE B 136 -11.59 19.00 -0.59
N GLY B 137 -12.74 18.87 -1.25
CA GLY B 137 -13.25 17.56 -1.63
C GLY B 137 -14.75 17.56 -1.90
N LEU B 138 -15.29 16.40 -2.24
CA LEU B 138 -16.73 16.30 -2.46
C LEU B 138 -17.47 16.64 -1.19
N GLY B 139 -18.42 17.57 -1.31
CA GLY B 139 -19.22 18.00 -0.18
C GLY B 139 -20.56 17.30 -0.19
N GLY B 140 -21.60 18.04 0.16
CA GLY B 140 -22.93 17.51 0.22
C GLY B 140 -23.18 16.81 1.53
N VAL B 141 -24.03 15.79 1.48
CA VAL B 141 -24.40 15.01 2.65
C VAL B 141 -23.45 13.84 2.84
N PHE B 142 -22.81 13.43 1.75
CA PHE B 142 -21.97 12.23 1.75
C PHE B 142 -20.49 12.55 1.86
N VAL B 143 -20.18 13.63 2.57
CA VAL B 143 -18.81 14.09 2.74
C VAL B 143 -18.01 13.04 3.51
N GLU B 144 -18.52 12.73 4.69
CA GLU B 144 -17.83 11.82 5.60
CA GLU B 144 -17.93 11.79 5.64
C GLU B 144 -17.81 10.38 5.09
N LEU B 145 -18.77 10.01 4.26
CA LEU B 145 -18.86 8.65 3.77
C LEU B 145 -17.62 8.27 2.94
N PHE B 146 -17.30 9.06 1.92
CA PHE B 146 -16.12 8.78 1.10
C PHE B 146 -14.86 9.38 1.69
N ARG B 147 -15.00 10.51 2.38
CA ARG B 147 -13.86 11.26 2.90
C ARG B 147 -12.86 11.57 1.78
N ASP B 148 -13.37 11.71 0.57
CA ASP B 148 -12.52 11.98 -0.59
C ASP B 148 -12.02 13.43 -0.55
N VAL B 149 -10.91 13.65 0.13
CA VAL B 149 -10.44 15.01 0.42
C VAL B 149 -8.93 15.20 0.23
N SER B 150 -8.51 16.46 0.26
CA SER B 150 -7.11 16.82 0.22
C SER B 150 -6.86 17.99 1.18
N PHE B 151 -5.61 18.13 1.65
CA PHE B 151 -5.25 19.17 2.60
C PHE B 151 -4.06 19.98 2.10
N ARG B 152 -4.01 21.25 2.48
CA ARG B 152 -2.87 22.11 2.19
C ARG B 152 -2.72 23.16 3.29
N VAL B 153 -1.48 23.42 3.69
CA VAL B 153 -1.20 24.43 4.70
C VAL B 153 -1.20 25.82 4.07
N ALA B 154 -1.93 26.75 4.67
CA ALA B 154 -2.05 28.11 4.19
C ALA B 154 -0.84 28.95 4.60
N PRO B 155 -0.55 30.05 3.86
CA PRO B 155 -1.27 30.50 2.66
C PRO B 155 -1.01 29.60 1.46
N LEU B 156 -2.00 29.50 0.58
CA LEU B 156 -1.93 28.62 -0.58
C LEU B 156 -1.43 29.33 -1.82
N SER B 157 -0.45 28.73 -2.48
CA SER B 157 -0.04 29.15 -3.81
C SER B 157 -1.03 28.62 -4.83
N GLU B 158 -0.97 29.13 -6.05
CA GLU B 158 -1.86 28.66 -7.10
C GLU B 158 -1.56 27.19 -7.38
N GLN B 159 -0.30 26.81 -7.21
CA GLN B 159 0.10 25.42 -7.37
C GLN B 159 -0.59 24.55 -6.34
N ASP B 160 -0.50 24.95 -5.06
CA ASP B 160 -1.16 24.25 -3.98
C ASP B 160 -2.64 24.03 -4.24
N ALA B 161 -3.34 25.11 -4.57
CA ALA B 161 -4.78 25.04 -4.79
C ALA B 161 -5.11 24.18 -6.01
N GLU B 162 -4.29 24.31 -7.05
CA GLU B 162 -4.54 23.57 -8.29
C GLU B 162 -4.28 22.08 -8.12
N SER B 163 -3.25 21.75 -7.33
CA SER B 163 -2.85 20.35 -7.18
C SER B 163 -3.77 19.61 -6.21
N MSE B 164 -4.28 20.33 -5.20
CA MSE B 164 -5.14 19.69 -4.22
C MSE B 164 -6.52 19.40 -4.82
O MSE B 164 -7.31 18.63 -4.26
CB MSE B 164 -5.27 20.56 -2.97
CG MSE B 164 -6.32 21.65 -3.02
SE MSE B 164 -6.24 22.85 -1.48
CE MSE B 164 -6.92 21.64 -0.10
H MSE B 164 -4.13 21.16 -5.07
HA MSE B 164 -4.74 18.85 -3.95
HB2 MSE B 164 -5.48 19.98 -2.21
HB3 MSE B 164 -4.41 20.99 -2.81
HG2 MSE B 164 -6.18 22.17 -3.83
HG3 MSE B 164 -7.20 21.24 -3.04
HE1 MSE B 164 -6.95 22.11 0.75
HE2 MSE B 164 -7.82 21.36 -0.34
HE3 MSE B 164 -6.34 20.86 -0.04
N ILE B 165 -6.80 20.01 -5.97
CA ILE B 165 -8.05 19.73 -6.69
C ILE B 165 -7.89 18.51 -7.59
N LYS B 166 -6.77 18.44 -8.30
CA LYS B 166 -6.55 17.32 -9.21
C LYS B 166 -6.31 16.00 -8.50
N GLU B 167 -5.94 16.05 -7.22
CA GLU B 167 -5.58 14.82 -6.51
C GLU B 167 -6.79 14.03 -6.01
N VAL B 168 -7.89 14.71 -5.70
CA VAL B 168 -9.07 14.00 -5.19
C VAL B 168 -9.71 13.17 -6.32
N LYS B 169 -10.16 11.98 -5.97
CA LYS B 169 -10.72 11.04 -6.94
C LYS B 169 -11.92 11.61 -7.68
N ALA B 170 -12.74 12.38 -6.97
CA ALA B 170 -13.97 12.91 -7.56
C ALA B 170 -13.70 14.04 -8.54
N TYR B 171 -12.44 14.47 -8.65
CA TYR B 171 -12.05 15.51 -9.60
C TYR B 171 -12.67 15.34 -11.00
N LYS B 172 -13.02 14.09 -11.33
CA LYS B 172 -13.59 13.75 -12.63
C LYS B 172 -14.90 14.48 -12.89
N LEU B 173 -15.65 14.78 -11.83
CA LEU B 173 -16.92 15.49 -11.94
C LEU B 173 -16.76 16.90 -12.49
N LEU B 174 -15.56 17.45 -12.34
CA LEU B 174 -15.33 18.86 -12.63
C LEU B 174 -14.89 19.10 -14.06
N THR B 175 -14.61 18.02 -14.77
CA THR B 175 -14.08 18.08 -16.13
C THR B 175 -15.09 17.54 -17.14
N GLY B 176 -16.33 17.41 -16.71
CA GLY B 176 -17.39 16.94 -17.59
C GLY B 176 -17.52 15.44 -17.51
N PHE B 177 -18.57 14.97 -16.84
CA PHE B 177 -18.78 13.55 -16.63
C PHE B 177 -20.18 13.19 -17.10
N ARG B 178 -20.31 12.07 -17.81
CA ARG B 178 -21.59 11.68 -18.39
C ARG B 178 -22.03 12.73 -19.40
N GLY B 179 -21.07 13.21 -20.18
CA GLY B 179 -21.33 14.25 -21.17
C GLY B 179 -21.60 15.60 -20.55
N MSE B 180 -21.61 15.66 -19.22
CA MSE B 180 -21.93 16.90 -18.51
C MSE B 180 -20.91 17.98 -18.82
O MSE B 180 -19.76 17.71 -19.18
CB MSE B 180 -21.99 16.66 -17.00
CG MSE B 180 -22.35 17.89 -16.19
SE MSE B 180 -23.46 17.49 -14.63
CE MSE B 180 -22.10 16.80 -13.42
H MSE B 180 -21.43 15.00 -18.70
HA MSE B 180 -22.81 17.20 -18.80
HB2 MSE B 180 -22.68 15.99 -16.82
HB3 MSE B 180 -21.13 16.35 -16.70
HG2 MSE B 180 -21.53 18.31 -15.88
HG3 MSE B 180 -22.84 18.51 -16.75
HE1 MSE B 180 -22.51 16.56 -12.58
HE2 MSE B 180 -21.68 16.03 -13.82
HE3 MSE B 180 -21.43 17.49 -13.26
N GLU B 181 -21.36 19.23 -18.70
CA GLU B 181 -20.52 20.40 -18.93
C GLU B 181 -19.53 20.57 -17.76
N PRO B 182 -18.25 20.82 -18.08
CA PRO B 182 -17.24 21.00 -17.03
C PRO B 182 -17.52 22.22 -16.16
N VAL B 183 -17.17 22.17 -14.87
CA VAL B 183 -17.49 23.27 -13.97
C VAL B 183 -16.34 24.29 -13.92
N ASP B 184 -16.60 25.43 -13.29
CA ASP B 184 -15.60 26.49 -13.20
C ASP B 184 -14.56 26.16 -12.15
N ILE B 185 -13.40 25.66 -12.60
CA ILE B 185 -12.33 25.27 -11.70
C ILE B 185 -11.60 26.49 -11.13
N GLU B 186 -11.48 27.54 -11.93
CA GLU B 186 -10.77 28.75 -11.51
C GLU B 186 -11.48 29.39 -10.32
N ALA B 187 -12.81 29.40 -10.36
CA ALA B 187 -13.58 29.93 -9.25
C ALA B 187 -13.28 29.15 -7.98
N ILE B 188 -13.19 27.83 -8.11
CA ILE B 188 -12.88 26.97 -6.97
C ILE B 188 -11.50 27.28 -6.42
N LYS B 189 -10.52 27.42 -7.29
CA LYS B 189 -9.15 27.73 -6.88
C LYS B 189 -9.12 29.03 -6.09
N ASP B 190 -9.82 30.03 -6.62
CA ASP B 190 -9.87 31.33 -5.98
C ASP B 190 -10.50 31.22 -4.60
N ALA B 191 -11.56 30.43 -4.50
CA ALA B 191 -12.24 30.22 -3.23
C ALA B 191 -11.31 29.57 -2.22
N LEU B 192 -10.52 28.61 -2.68
CA LEU B 192 -9.58 27.91 -1.81
C LEU B 192 -8.50 28.86 -1.29
N ILE B 193 -7.94 29.65 -2.18
CA ILE B 193 -6.90 30.61 -1.81
C ILE B 193 -7.45 31.61 -0.81
N ARG B 194 -8.67 32.11 -1.05
CA ARG B 194 -9.28 33.07 -0.15
C ARG B 194 -9.61 32.45 1.21
N ALA B 195 -10.03 31.19 1.20
CA ALA B 195 -10.29 30.46 2.43
C ALA B 195 -9.02 30.43 3.27
N GLY B 196 -7.89 30.18 2.60
CA GLY B 196 -6.60 30.18 3.28
C GLY B 196 -6.32 31.51 3.93
N ARG B 197 -6.63 32.60 3.22
CA ARG B 197 -6.40 33.95 3.72
C ARG B 197 -7.21 34.20 4.97
N ILE B 198 -8.45 33.72 4.98
CA ILE B 198 -9.31 33.86 6.15
C ILE B 198 -8.63 33.22 7.35
N GLY B 199 -8.05 32.05 7.13
CA GLY B 199 -7.36 31.35 8.19
C GLY B 199 -6.17 32.12 8.73
N VAL B 200 -5.34 32.64 7.83
CA VAL B 200 -4.13 33.34 8.22
C VAL B 200 -4.44 34.63 8.98
N GLU B 201 -5.45 35.37 8.54
CA GLU B 201 -5.74 36.69 9.09
C GLU B 201 -6.60 36.67 10.35
N ASN B 202 -7.33 35.58 10.56
CA ASN B 202 -8.27 35.47 11.68
C ASN B 202 -7.90 34.33 12.63
N GLU B 203 -7.15 34.70 13.67
CA GLU B 203 -6.56 33.75 14.60
C GLU B 203 -7.61 33.09 15.49
N GLU B 204 -8.77 33.74 15.63
CA GLU B 204 -9.83 33.26 16.52
C GLU B 204 -10.66 32.14 15.89
N ILE B 205 -10.45 31.89 14.60
CA ILE B 205 -11.17 30.82 13.92
C ILE B 205 -10.47 29.47 14.15
N ALA B 206 -11.20 28.51 14.71
CA ALA B 206 -10.67 27.19 14.97
C ALA B 206 -10.98 26.25 13.81
N GLU B 207 -12.24 26.19 13.43
CA GLU B 207 -12.70 25.35 12.34
C GLU B 207 -13.66 26.15 11.48
N MSE B 208 -13.70 25.85 10.19
CA MSE B 208 -14.69 26.43 9.29
C MSE B 208 -15.17 25.41 8.28
O MSE B 208 -14.38 24.62 7.75
CB MSE B 208 -14.13 27.66 8.57
CG MSE B 208 -15.11 28.31 7.62
SE MSE B 208 -14.49 30.01 6.90
CE MSE B 208 -13.77 29.40 5.20
H MSE B 208 -13.17 25.29 9.80
HA MSE B 208 -15.46 26.73 9.82
HB2 MSE B 208 -13.87 28.32 9.24
HB3 MSE B 208 -13.36 27.38 8.05
HG2 MSE B 208 -15.27 27.72 6.88
HG3 MSE B 208 -15.94 28.48 8.10
HE1 MSE B 208 -13.41 30.16 4.71
HE2 MSE B 208 -13.06 28.75 5.37
HE3 MSE B 208 -14.47 28.99 4.68
N ASP B 209 -16.47 25.43 8.01
CA ASP B 209 -17.10 24.51 7.08
C ASP B 209 -17.89 25.26 6.03
N LEU B 210 -17.40 25.25 4.80
CA LEU B 210 -18.19 25.71 3.66
C LEU B 210 -18.79 24.46 3.03
N ASN B 211 -20.03 24.16 3.41
CA ASN B 211 -20.66 22.91 3.02
C ASN B 211 -22.18 23.01 2.95
N PRO B 212 -22.77 22.84 1.76
CA PRO B 212 -22.16 22.55 0.46
C PRO B 212 -21.75 23.83 -0.28
N VAL B 213 -20.82 23.68 -1.21
CA VAL B 213 -20.42 24.73 -2.13
C VAL B 213 -20.74 24.27 -3.54
N ILE B 214 -21.83 24.77 -4.10
CA ILE B 214 -22.26 24.30 -5.41
C ILE B 214 -21.38 24.90 -6.50
N ALA B 215 -20.77 24.03 -7.29
CA ALA B 215 -19.98 24.47 -8.45
C ALA B 215 -20.78 24.33 -9.74
N TYR B 216 -20.92 25.44 -10.47
CA TYR B 216 -21.64 25.48 -11.74
C TYR B 216 -20.66 25.70 -12.88
N PRO B 217 -21.12 25.54 -14.13
CA PRO B 217 -20.28 25.84 -15.30
C PRO B 217 -19.64 27.23 -15.23
N LYS B 218 -20.33 28.18 -14.58
CA LYS B 218 -19.80 29.52 -14.38
C LYS B 218 -19.97 29.94 -12.93
N GLY B 219 -18.85 30.10 -12.22
CA GLY B 219 -18.88 30.53 -10.85
C GLY B 219 -19.36 29.46 -9.88
N ILE B 220 -19.33 29.79 -8.60
CA ILE B 220 -19.75 28.88 -7.52
C ILE B 220 -20.60 29.64 -6.52
N LYS B 221 -21.21 28.91 -5.58
CA LYS B 221 -22.03 29.52 -4.52
C LYS B 221 -21.95 28.77 -3.20
N VAL B 222 -21.65 29.47 -2.12
CA VAL B 222 -21.65 28.84 -0.80
C VAL B 222 -23.08 28.76 -0.30
N VAL B 223 -23.63 27.55 -0.21
CA VAL B 223 -25.00 27.38 0.25
C VAL B 223 -25.11 27.49 1.77
N ASP B 224 -24.21 26.84 2.49
CA ASP B 224 -24.26 26.85 3.96
C ASP B 224 -22.85 26.90 4.54
N ALA B 225 -22.68 27.72 5.57
CA ALA B 225 -21.38 27.91 6.19
C ALA B 225 -21.44 27.72 7.70
N ARG B 226 -20.33 27.29 8.28
CA ARG B 226 -20.24 27.02 9.71
C ARG B 226 -18.87 27.45 10.22
N ILE B 227 -18.83 28.43 11.13
CA ILE B 227 -17.58 28.93 11.66
C ILE B 227 -17.48 28.71 13.16
N ILE B 228 -16.55 27.85 13.56
CA ILE B 228 -16.33 27.54 14.96
C ILE B 228 -15.21 28.40 15.53
N LEU B 229 -15.51 29.15 16.59
CA LEU B 229 -14.54 30.03 17.22
C LEU B 229 -13.77 29.31 18.33
N ARG B 230 -12.74 29.97 18.84
CA ARG B 230 -12.00 29.46 20.00
C ARG B 230 -11.56 30.62 20.90
N ASP C 3 -3.11 -39.31 -11.46
CA ASP C 3 -2.30 -39.31 -10.25
C ASP C 3 -0.83 -39.07 -10.56
N LEU C 4 -0.27 -38.04 -9.92
CA LEU C 4 1.09 -37.59 -10.22
C LEU C 4 2.11 -38.15 -9.22
N GLU C 5 1.71 -39.18 -8.49
CA GLU C 5 2.59 -39.81 -7.51
C GLU C 5 3.83 -40.37 -8.20
N ARG C 6 3.63 -40.91 -9.40
CA ARG C 6 4.71 -41.50 -10.18
C ARG C 6 5.65 -40.44 -10.74
N LEU C 7 5.15 -39.21 -10.86
CA LEU C 7 5.97 -38.12 -11.36
C LEU C 7 6.95 -37.64 -10.30
N PHE C 8 6.46 -37.43 -9.08
CA PHE C 8 7.31 -36.89 -8.02
C PHE C 8 8.09 -37.99 -7.30
N ASN C 9 7.57 -39.21 -7.34
CA ASN C 9 8.25 -40.37 -6.77
C ASN C 9 8.43 -41.47 -7.79
N PRO C 10 9.22 -41.20 -8.84
CA PRO C 10 9.49 -42.21 -9.87
C PRO C 10 10.53 -43.23 -9.43
N SER C 11 10.42 -44.47 -9.91
CA SER C 11 11.41 -45.49 -9.64
C SER C 11 12.54 -45.43 -10.67
N ALA C 12 12.19 -45.00 -11.88
CA ALA C 12 13.17 -44.87 -12.96
C ALA C 12 12.91 -43.61 -13.78
N ILE C 13 13.99 -42.91 -14.12
CA ILE C 13 13.90 -41.67 -14.89
C ILE C 13 14.96 -41.63 -15.99
N ALA C 14 14.53 -41.24 -17.19
CA ALA C 14 15.42 -41.13 -18.33
C ALA C 14 15.75 -39.67 -18.63
N VAL C 15 16.97 -39.41 -19.07
CA VAL C 15 17.39 -38.07 -19.46
C VAL C 15 17.80 -38.08 -20.92
N VAL C 16 16.82 -37.80 -21.78
CA VAL C 16 17.05 -37.67 -23.21
C VAL C 16 17.68 -36.32 -23.52
N GLY C 17 18.82 -36.33 -24.20
CA GLY C 17 19.51 -35.11 -24.58
C GLY C 17 20.80 -34.89 -23.83
N ALA C 18 21.17 -35.83 -22.97
CA ALA C 18 22.44 -35.76 -22.27
C ALA C 18 23.57 -36.00 -23.26
N SER C 19 24.74 -35.45 -22.98
CA SER C 19 25.87 -35.53 -23.92
C SER C 19 27.21 -35.62 -23.23
N LYS C 20 28.22 -36.07 -23.96
CA LYS C 20 29.60 -36.04 -23.49
C LYS C 20 29.95 -34.59 -23.17
N ASP C 21 29.45 -33.67 -23.99
CA ASP C 21 29.60 -32.25 -23.72
C ASP C 21 28.90 -31.90 -22.40
N PRO C 22 29.67 -31.49 -21.38
CA PRO C 22 29.01 -31.16 -20.12
C PRO C 22 28.17 -29.87 -20.18
N SER C 23 28.61 -28.91 -20.98
CA SER C 23 27.96 -27.60 -21.03
C SER C 23 26.50 -27.64 -21.52
N LYS C 24 26.07 -28.77 -22.06
CA LYS C 24 24.72 -28.89 -22.59
C LYS C 24 23.69 -29.09 -21.47
N ILE C 25 22.48 -28.61 -21.71
CA ILE C 25 21.43 -28.57 -20.68
C ILE C 25 21.07 -29.96 -20.15
N GLY C 26 20.93 -30.93 -21.06
CA GLY C 26 20.66 -32.30 -20.66
C GLY C 26 21.70 -32.83 -19.70
N SER C 27 22.97 -32.52 -19.98
CA SER C 27 24.06 -32.97 -19.14
C SER C 27 24.01 -32.31 -17.76
N GLN C 28 23.63 -31.04 -17.73
CA GLN C 28 23.48 -30.33 -16.46
C GLN C 28 22.42 -31.01 -15.61
N ILE C 29 21.30 -31.36 -16.24
CA ILE C 29 20.22 -32.05 -15.55
C ILE C 29 20.71 -33.37 -14.97
N LEU C 30 21.44 -34.13 -15.79
CA LEU C 30 21.94 -35.42 -15.36
C LEU C 30 22.86 -35.27 -14.15
N ARG C 31 23.76 -34.29 -14.20
CA ARG C 31 24.68 -34.05 -13.10
C ARG C 31 23.92 -33.68 -11.82
N ASN C 32 22.84 -32.90 -11.96
CA ASN C 32 22.06 -32.53 -10.79
C ASN C 32 21.34 -33.74 -10.21
N LEU C 33 20.84 -34.61 -11.08
CA LEU C 33 20.15 -35.82 -10.62
C LEU C 33 21.06 -36.68 -9.77
N LEU C 34 22.31 -36.83 -10.20
CA LEU C 34 23.27 -37.63 -9.44
C LEU C 34 23.73 -36.90 -8.20
N SER C 35 24.12 -35.64 -8.38
CA SER C 35 24.63 -34.80 -7.30
C SER C 35 23.67 -34.73 -6.11
N TYR C 36 22.38 -34.57 -6.40
CA TYR C 36 21.38 -34.39 -5.36
C TYR C 36 21.08 -35.70 -4.62
N GLY C 37 21.39 -36.82 -5.25
CA GLY C 37 21.32 -38.13 -4.60
C GLY C 37 20.12 -38.97 -4.93
N PHE C 38 19.69 -38.96 -6.19
CA PHE C 38 18.53 -39.77 -6.56
C PHE C 38 18.86 -41.26 -6.41
N LYS C 39 17.99 -41.98 -5.71
CA LYS C 39 18.20 -43.40 -5.42
C LYS C 39 17.69 -44.34 -6.51
N GLY C 40 16.70 -43.91 -7.26
CA GLY C 40 16.12 -44.72 -8.31
C GLY C 40 17.08 -44.94 -9.47
N LYS C 41 16.61 -45.52 -10.55
CA LYS C 41 17.42 -45.75 -11.73
C LYS C 41 17.45 -44.51 -12.62
N VAL C 42 18.65 -44.13 -13.06
CA VAL C 42 18.82 -43.02 -14.01
C VAL C 42 19.39 -43.55 -15.31
N TYR C 43 18.67 -43.31 -16.42
CA TYR C 43 19.06 -43.82 -17.73
C TYR C 43 19.37 -42.70 -18.73
N PRO C 44 20.65 -42.33 -18.84
CA PRO C 44 21.00 -41.33 -19.87
C PRO C 44 20.65 -41.86 -21.25
N ILE C 45 20.05 -41.03 -22.10
CA ILE C 45 19.70 -41.42 -23.47
C ILE C 45 20.42 -40.53 -24.50
N ASN C 46 21.23 -41.15 -25.34
CA ASN C 46 22.01 -40.46 -26.36
C ASN C 46 22.34 -41.41 -27.51
N PRO C 47 22.21 -40.93 -28.76
CA PRO C 47 22.43 -41.79 -29.95
C PRO C 47 23.79 -42.50 -29.99
N THR C 48 24.87 -41.78 -29.74
CA THR C 48 26.21 -42.34 -29.87
C THR C 48 26.82 -42.76 -28.53
N ALA C 49 26.67 -41.92 -27.52
CA ALA C 49 27.28 -42.19 -26.22
C ALA C 49 26.92 -43.58 -25.68
N ASP C 50 27.94 -44.29 -25.21
CA ASP C 50 27.76 -45.60 -24.59
C ASP C 50 27.74 -45.50 -23.06
N GLU C 51 28.37 -44.45 -22.55
CA GLU C 51 28.46 -44.22 -21.11
C GLU C 51 28.45 -42.72 -20.81
N LEU C 52 27.71 -42.33 -19.79
CA LEU C 52 27.62 -40.94 -19.36
C LEU C 52 27.52 -40.85 -17.85
N MSE C 53 28.43 -40.08 -17.25
CA MSE C 53 28.47 -39.89 -15.80
C MSE C 53 28.64 -41.23 -15.08
O MSE C 53 28.23 -41.38 -13.93
CB MSE C 53 27.20 -39.19 -15.30
CG MSE C 53 26.87 -37.90 -16.04
SE MSE C 53 28.20 -36.50 -15.77
CE MSE C 53 27.50 -35.19 -17.03
H MSE C 53 29.04 -39.65 -17.67
HA MSE C 53 29.22 -39.33 -15.58
HB2 MSE C 53 26.45 -39.80 -15.42
HB3 MSE C 53 27.31 -38.98 -14.36
HG2 MSE C 53 26.82 -38.09 -16.98
HG3 MSE C 53 26.02 -37.57 -15.72
HE1 MSE C 53 28.07 -34.41 -17.02
HE2 MSE C 53 27.50 -35.58 -17.92
HE3 MSE C 53 26.60 -34.95 -16.77
N GLY C 54 29.26 -42.18 -15.76
CA GLY C 54 29.50 -43.50 -15.19
C GLY C 54 28.28 -44.39 -15.23
N LEU C 55 27.30 -44.03 -16.06
CA LEU C 55 26.06 -44.80 -16.17
C LEU C 55 25.87 -45.35 -17.58
N LYS C 56 25.35 -46.56 -17.67
CA LYS C 56 25.05 -47.17 -18.96
C LYS C 56 24.07 -46.32 -19.74
N CYS C 57 24.53 -45.76 -20.86
CA CYS C 57 23.70 -44.92 -21.70
C CYS C 57 23.10 -45.67 -22.88
N TYR C 58 21.79 -45.54 -23.07
CA TYR C 58 21.10 -46.18 -24.20
C TYR C 58 20.82 -45.13 -25.27
N PRO C 59 20.53 -45.58 -26.50
CA PRO C 59 20.20 -44.62 -27.57
C PRO C 59 18.72 -44.26 -27.63
N LYS C 60 17.87 -45.10 -27.04
CA LYS C 60 16.42 -44.84 -27.03
C LYS C 60 15.82 -45.35 -25.72
N VAL C 61 14.74 -44.71 -25.28
CA VAL C 61 14.07 -45.10 -24.05
C VAL C 61 13.56 -46.54 -24.15
N SER C 62 13.12 -46.94 -25.34
CA SER C 62 12.57 -48.27 -25.54
C SER C 62 13.64 -49.35 -25.46
N ASP C 63 14.91 -48.95 -25.54
CA ASP C 63 16.02 -49.88 -25.38
C ASP C 63 16.38 -50.08 -23.91
N VAL C 64 15.70 -49.37 -23.02
CA VAL C 64 15.99 -49.45 -21.60
C VAL C 64 15.30 -50.68 -20.96
N PRO C 65 16.08 -51.57 -20.33
CA PRO C 65 15.49 -52.76 -19.72
C PRO C 65 14.85 -52.46 -18.36
N ASP C 66 13.81 -51.64 -18.37
CA ASP C 66 13.19 -51.18 -17.13
C ASP C 66 12.00 -50.27 -17.45
N LYS C 67 10.93 -50.39 -16.66
CA LYS C 67 9.77 -49.53 -16.87
C LYS C 67 10.09 -48.10 -16.40
N VAL C 68 10.28 -47.21 -17.36
CA VAL C 68 10.56 -45.80 -17.05
C VAL C 68 9.28 -45.05 -16.73
N ASP C 69 9.30 -44.30 -15.63
CA ASP C 69 8.13 -43.53 -15.21
C ASP C 69 8.13 -42.15 -15.82
N VAL C 70 9.31 -41.52 -15.82
CA VAL C 70 9.45 -40.15 -16.29
C VAL C 70 10.61 -40.01 -17.28
N ALA C 71 10.37 -39.26 -18.34
CA ALA C 71 11.41 -38.96 -19.32
C ALA C 71 11.60 -37.46 -19.41
N VAL C 72 12.77 -36.99 -19.00
CA VAL C 72 13.13 -35.59 -19.12
C VAL C 72 13.72 -35.37 -20.50
N ILE C 73 13.11 -34.48 -21.27
CA ILE C 73 13.47 -34.32 -22.67
C ILE C 73 14.17 -32.99 -22.93
N SER C 74 15.40 -33.08 -23.42
CA SER C 74 16.24 -31.92 -23.66
C SER C 74 16.85 -31.96 -25.07
N VAL C 75 15.98 -32.17 -26.07
CA VAL C 75 16.39 -32.18 -27.47
C VAL C 75 15.67 -31.06 -28.22
N PRO C 76 16.25 -30.59 -29.34
CA PRO C 76 15.61 -29.52 -30.13
C PRO C 76 14.17 -29.83 -30.51
N SER C 77 13.37 -28.77 -30.66
CA SER C 77 11.93 -28.91 -30.86
C SER C 77 11.59 -29.83 -32.03
N ASP C 78 12.35 -29.71 -33.12
CA ASP C 78 12.08 -30.51 -34.31
C ASP C 78 12.24 -32.02 -34.04
N LYS C 79 12.99 -32.37 -33.01
CA LYS C 79 13.24 -33.77 -32.67
C LYS C 79 12.35 -34.27 -31.52
N VAL C 80 11.61 -33.35 -30.90
CA VAL C 80 10.80 -33.70 -29.74
C VAL C 80 9.76 -34.78 -30.04
N LEU C 81 9.01 -34.60 -31.13
CA LEU C 81 7.92 -35.52 -31.47
C LEU C 81 8.37 -36.97 -31.60
N GLY C 82 9.53 -37.16 -32.22
CA GLY C 82 10.10 -38.49 -32.36
C GLY C 82 10.31 -39.13 -31.00
N VAL C 83 10.90 -38.37 -30.09
CA VAL C 83 11.16 -38.87 -28.75
C VAL C 83 9.86 -39.21 -28.03
N ILE C 84 8.82 -38.42 -28.29
CA ILE C 84 7.52 -38.64 -27.66
C ILE C 84 6.97 -40.00 -28.08
N ASP C 85 7.08 -40.31 -29.37
CA ASP C 85 6.60 -41.59 -29.87
C ASP C 85 7.36 -42.75 -29.23
N ASP C 86 8.68 -42.60 -29.10
CA ASP C 86 9.51 -43.61 -28.47
C ASP C 86 9.04 -43.88 -27.04
N CYS C 87 8.90 -42.81 -26.26
CA CYS C 87 8.47 -42.91 -24.87
C CYS C 87 7.10 -43.55 -24.77
N GLY C 88 6.24 -43.28 -25.76
CA GLY C 88 4.93 -43.88 -25.82
C GLY C 88 5.02 -45.39 -25.92
N LYS C 89 5.81 -45.85 -26.88
CA LYS C 89 6.00 -47.28 -27.08
C LYS C 89 6.70 -47.93 -25.88
N ALA C 90 7.36 -47.12 -25.07
CA ALA C 90 8.08 -47.62 -23.90
C ALA C 90 7.18 -47.66 -22.66
N GLY C 91 6.03 -47.00 -22.73
CA GLY C 91 5.08 -47.01 -21.62
C GLY C 91 5.29 -45.87 -20.63
N VAL C 92 6.17 -44.92 -20.97
CA VAL C 92 6.45 -43.80 -20.09
C VAL C 92 5.17 -43.06 -19.68
N LYS C 93 5.07 -42.73 -18.40
CA LYS C 93 3.89 -42.07 -17.86
C LYS C 93 3.94 -40.55 -17.93
N PHE C 94 5.13 -39.97 -17.82
CA PHE C 94 5.29 -38.51 -17.82
C PHE C 94 6.44 -38.03 -18.69
N ALA C 95 6.16 -37.02 -19.51
CA ALA C 95 7.18 -36.39 -20.35
C ALA C 95 7.44 -34.95 -19.88
N VAL C 96 8.62 -34.73 -19.34
CA VAL C 96 9.02 -33.41 -18.86
C VAL C 96 9.80 -32.69 -19.96
N VAL C 97 9.11 -31.90 -20.77
CA VAL C 97 9.73 -31.27 -21.93
C VAL C 97 10.42 -29.95 -21.62
N ILE C 98 11.74 -30.00 -21.47
CA ILE C 98 12.53 -28.80 -21.26
C ILE C 98 12.46 -27.86 -22.48
N THR C 99 12.43 -28.45 -23.66
CA THR C 99 12.57 -27.72 -24.93
C THR C 99 11.71 -26.47 -25.08
N SER C 100 12.27 -25.46 -25.74
CA SER C 100 11.54 -24.23 -26.08
C SER C 100 11.15 -24.26 -27.55
N GLY C 101 10.53 -23.19 -28.03
CA GLY C 101 10.17 -23.07 -29.43
C GLY C 101 8.82 -23.67 -29.74
N PHE C 102 7.84 -23.39 -28.88
CA PHE C 102 6.47 -23.87 -29.06
C PHE C 102 5.51 -22.68 -29.07
N LYS C 103 4.41 -22.77 -28.32
CA LYS C 103 3.38 -21.74 -28.35
C LYS C 103 3.92 -20.37 -27.95
N GLU C 104 4.92 -20.34 -27.09
CA GLU C 104 5.45 -19.07 -26.59
C GLU C 104 6.12 -18.24 -27.70
N VAL C 105 6.44 -18.88 -28.82
CA VAL C 105 6.98 -18.18 -29.98
C VAL C 105 6.07 -18.31 -31.19
N GLY C 106 4.80 -18.61 -30.95
CA GLY C 106 3.81 -18.62 -32.01
C GLY C 106 3.48 -20.00 -32.57
N ASN C 107 4.35 -20.98 -32.35
CA ASN C 107 4.14 -22.31 -32.90
C ASN C 107 3.09 -23.10 -32.11
N GLU C 108 1.82 -22.71 -32.25
CA GLU C 108 0.74 -23.38 -31.55
C GLU C 108 0.55 -24.79 -32.09
N GLU C 109 0.78 -24.95 -33.39
CA GLU C 109 0.55 -26.22 -34.06
C GLU C 109 1.38 -27.32 -33.44
N LEU C 110 2.67 -27.06 -33.26
CA LEU C 110 3.60 -28.07 -32.76
C LEU C 110 3.25 -28.48 -31.34
N GLU C 111 2.92 -27.49 -30.51
CA GLU C 111 2.55 -27.75 -29.11
C GLU C 111 1.28 -28.59 -29.04
N GLU C 112 0.29 -28.23 -29.86
CA GLU C 112 -0.97 -28.96 -29.91
C GLU C 112 -0.73 -30.43 -30.26
N GLU C 113 0.08 -30.65 -31.29
CA GLU C 113 0.38 -31.99 -31.76
C GLU C 113 1.14 -32.78 -30.69
N LEU C 114 2.06 -32.10 -30.01
CA LEU C 114 2.84 -32.71 -28.95
C LEU C 114 1.91 -33.33 -27.89
N VAL C 115 0.94 -32.55 -27.44
CA VAL C 115 0.00 -33.01 -26.43
C VAL C 115 -0.84 -34.16 -26.95
N ARG C 116 -1.27 -34.08 -28.21
CA ARG C 116 -2.15 -35.11 -28.78
C ARG C 116 -1.49 -36.48 -28.76
N ARG C 117 -0.27 -36.58 -29.28
CA ARG C 117 0.43 -37.86 -29.32
C ARG C 117 0.67 -38.38 -27.91
N ALA C 118 1.12 -37.48 -27.02
CA ALA C 118 1.36 -37.86 -25.64
C ALA C 118 0.11 -38.46 -25.01
N HIS C 119 -1.04 -37.87 -25.31
CA HIS C 119 -2.30 -38.38 -24.79
C HIS C 119 -2.68 -39.71 -25.45
N SER C 120 -2.28 -39.88 -26.71
CA SER C 120 -2.58 -41.10 -27.44
C SER C 120 -1.97 -42.32 -26.75
N TYR C 121 -0.82 -42.14 -26.12
CA TYR C 121 -0.19 -43.22 -25.36
C TYR C 121 -0.62 -43.22 -23.90
N GLY C 122 -1.48 -42.27 -23.53
CA GLY C 122 -1.96 -42.16 -22.17
C GLY C 122 -0.93 -41.63 -21.20
N MSE C 123 -0.13 -40.66 -21.65
CA MSE C 123 0.88 -40.05 -20.79
C MSE C 123 0.73 -38.53 -20.74
O MSE C 123 0.30 -37.90 -21.70
CB MSE C 123 2.28 -40.43 -21.29
CG MSE C 123 2.96 -39.40 -22.18
SE MSE C 123 4.75 -39.99 -22.70
CE MSE C 123 4.96 -38.90 -24.29
H MSE C 123 -0.16 -40.35 -22.44
HA MSE C 123 0.79 -40.41 -19.90
HB2 MSE C 123 2.85 -40.57 -20.52
HB3 MSE C 123 2.21 -41.26 -21.80
HG2 MSE C 123 2.44 -39.27 -22.97
HG3 MSE C 123 3.05 -38.57 -21.68
HE1 MSE C 123 5.83 -39.09 -24.67
HE2 MSE C 123 4.26 -39.13 -24.92
HE3 MSE C 123 4.90 -37.97 -24.04
N ARG C 124 1.07 -37.94 -19.60
CA ARG C 124 0.91 -36.50 -19.40
C ARG C 124 2.19 -35.76 -19.76
N VAL C 125 2.06 -34.46 -20.05
CA VAL C 125 3.17 -33.62 -20.43
C VAL C 125 3.32 -32.44 -19.47
N LEU C 126 4.54 -32.27 -18.96
CA LEU C 126 4.88 -31.10 -18.18
C LEU C 126 5.63 -30.10 -19.06
N GLY C 127 5.13 -28.87 -19.14
CA GLY C 127 5.71 -27.85 -19.99
C GLY C 127 4.92 -27.69 -21.27
N PRO C 128 5.61 -27.50 -22.42
CA PRO C 128 7.06 -27.38 -22.57
C PRO C 128 7.57 -26.00 -22.17
N ASN C 129 8.88 -25.79 -22.31
CA ASN C 129 9.50 -24.49 -22.02
C ASN C 129 9.68 -24.31 -20.52
N ILE C 130 10.18 -25.36 -19.87
CA ILE C 130 10.38 -25.37 -18.43
C ILE C 130 11.83 -25.67 -18.11
N PHE C 131 12.23 -25.45 -16.86
CA PHE C 131 13.58 -25.80 -16.43
C PHE C 131 13.61 -27.10 -15.64
N GLY C 132 12.47 -27.79 -15.59
CA GLY C 132 12.37 -29.06 -14.90
C GLY C 132 11.58 -28.97 -13.61
N TYR C 133 11.91 -29.86 -12.67
CA TYR C 133 11.24 -29.89 -11.38
C TYR C 133 12.11 -30.62 -10.37
N LEU C 134 11.86 -30.32 -9.09
CA LEU C 134 12.61 -30.92 -7.99
C LEU C 134 11.64 -31.47 -6.95
N TYR C 135 12.02 -32.57 -6.31
CA TYR C 135 11.26 -33.12 -5.21
C TYR C 135 12.21 -33.63 -4.14
N ALA C 136 12.28 -32.92 -3.03
CA ALA C 136 13.25 -33.22 -1.98
C ALA C 136 12.99 -34.56 -1.27
N PRO C 137 11.72 -34.88 -1.00
CA PRO C 137 11.43 -36.17 -0.34
C PRO C 137 11.94 -37.38 -1.11
N ALA C 138 12.18 -37.22 -2.41
CA ALA C 138 12.67 -38.30 -3.25
C ALA C 138 14.11 -38.05 -3.69
N ARG C 139 14.73 -37.04 -3.09
CA ARG C 139 16.09 -36.64 -3.46
C ARG C 139 16.20 -36.50 -4.98
N LEU C 140 15.22 -35.82 -5.56
CA LEU C 140 15.10 -35.69 -7.01
C LEU C 140 15.29 -34.24 -7.46
N ASN C 141 16.34 -34.00 -8.25
CA ASN C 141 16.62 -32.68 -8.81
C ASN C 141 16.74 -32.81 -10.33
N ALA C 142 15.59 -32.78 -11.01
CA ALA C 142 15.57 -32.88 -12.46
C ALA C 142 15.49 -31.49 -13.09
N THR C 143 16.42 -30.61 -12.70
CA THR C 143 16.52 -29.29 -13.30
C THR C 143 17.97 -28.99 -13.65
N PHE C 144 18.20 -27.90 -14.36
CA PHE C 144 19.56 -27.41 -14.60
C PHE C 144 19.81 -26.14 -13.79
N GLY C 145 19.12 -26.05 -12.65
CA GLY C 145 19.35 -24.96 -11.72
C GLY C 145 20.46 -25.31 -10.74
N PRO C 146 20.43 -24.70 -9.54
CA PRO C 146 21.43 -25.03 -8.51
C PRO C 146 21.45 -26.50 -8.14
N LYS C 147 22.57 -26.98 -7.61
CA LYS C 147 22.72 -28.38 -7.25
C LYS C 147 21.79 -28.79 -6.12
N ASP C 148 21.54 -27.86 -5.20
CA ASP C 148 20.92 -28.19 -3.92
C ASP C 148 19.93 -27.12 -3.43
N VAL C 149 19.02 -27.54 -2.56
CA VAL C 149 18.15 -26.63 -1.83
C VAL C 149 18.00 -27.14 -0.40
N LEU C 150 17.62 -26.25 0.51
CA LEU C 150 17.35 -26.64 1.89
C LEU C 150 16.07 -27.45 1.94
N SER C 151 16.06 -28.53 2.72
CA SER C 151 14.88 -29.37 2.85
C SER C 151 13.81 -28.70 3.73
N GLY C 152 12.55 -28.81 3.33
CA GLY C 152 11.45 -28.25 4.08
C GLY C 152 10.11 -28.55 3.45
N ASN C 153 9.09 -27.82 3.86
CA ASN C 153 7.70 -28.14 3.49
C ASN C 153 7.07 -27.17 2.48
N VAL C 154 7.88 -26.37 1.80
CA VAL C 154 7.36 -25.39 0.85
C VAL C 154 7.41 -25.93 -0.57
N ALA C 155 6.33 -25.70 -1.30
CA ALA C 155 6.22 -26.12 -2.70
C ALA C 155 6.11 -24.89 -3.58
N PHE C 156 7.10 -24.68 -4.44
CA PHE C 156 7.17 -23.49 -5.28
C PHE C 156 6.90 -23.82 -6.75
N ILE C 157 5.85 -23.24 -7.31
CA ILE C 157 5.42 -23.47 -8.69
C ILE C 157 5.58 -22.21 -9.53
N SER C 158 6.45 -22.24 -10.53
CA SER C 158 6.73 -21.04 -11.34
C SER C 158 6.34 -21.19 -12.81
N GLN C 159 5.54 -20.24 -13.28
CA GLN C 159 5.20 -20.15 -14.69
C GLN C 159 6.35 -19.49 -15.45
N SER C 160 7.19 -18.76 -14.73
CA SER C 160 8.35 -18.08 -15.33
C SER C 160 9.61 -18.89 -15.11
N GLY C 161 10.40 -19.04 -16.18
CA GLY C 161 11.59 -19.86 -16.14
C GLY C 161 12.80 -19.15 -15.55
N ALA C 162 13.17 -18.02 -16.15
CA ALA C 162 14.35 -17.28 -15.70
C ALA C 162 14.20 -16.91 -14.23
N LEU C 163 13.07 -16.29 -13.90
CA LEU C 163 12.83 -15.88 -12.52
C LEU C 163 12.65 -17.09 -11.62
N GLY C 164 12.06 -18.16 -12.15
CA GLY C 164 11.87 -19.38 -11.39
C GLY C 164 13.18 -19.99 -10.92
N ILE C 165 14.10 -20.18 -11.85
CA ILE C 165 15.42 -20.72 -11.52
C ILE C 165 16.14 -19.80 -10.53
N ALA C 166 16.11 -18.50 -10.80
CA ALA C 166 16.78 -17.54 -9.93
C ALA C 166 16.24 -17.63 -8.51
N LEU C 167 14.92 -17.68 -8.39
CA LEU C 167 14.28 -17.76 -7.08
C LEU C 167 14.63 -19.06 -6.39
N MSE C 168 14.78 -20.13 -7.16
CA MSE C 168 15.17 -21.42 -6.61
C MSE C 168 16.47 -21.26 -5.83
O MSE C 168 16.58 -21.75 -4.71
CB MSE C 168 15.33 -22.46 -7.72
CG MSE C 168 15.79 -23.82 -7.25
SE MSE C 168 15.89 -25.07 -8.74
CE MSE C 168 16.97 -26.48 -7.90
H MSE C 168 14.65 -20.13 -8.01
HA MSE C 168 14.48 -21.73 -6.01
HB2 MSE C 168 14.47 -22.56 -8.16
HB3 MSE C 168 15.98 -22.12 -8.36
HG2 MSE C 168 16.67 -23.74 -6.85
HG3 MSE C 168 15.16 -24.17 -6.61
HE1 MSE C 168 17.11 -27.18 -8.54
HE2 MSE C 168 17.82 -26.10 -7.64
HE3 MSE C 168 16.49 -26.82 -7.13
N GLY C 169 17.43 -20.53 -6.39
CA GLY C 169 18.66 -20.24 -5.67
C GLY C 169 18.44 -19.30 -4.51
N TYR C 170 17.50 -18.36 -4.67
CA TYR C 170 17.24 -17.36 -3.66
C TYR C 170 16.68 -17.97 -2.37
N THR C 171 16.01 -19.12 -2.49
CA THR C 171 15.43 -19.76 -1.31
C THR C 171 16.51 -20.13 -0.32
N VAL C 172 17.70 -20.43 -0.82
CA VAL C 172 18.82 -20.79 0.06
C VAL C 172 19.22 -19.59 0.90
N VAL C 173 19.38 -18.45 0.26
CA VAL C 173 19.79 -17.23 0.92
C VAL C 173 18.79 -16.80 2.00
N GLU C 174 17.50 -17.00 1.74
CA GLU C 174 16.46 -16.64 2.70
C GLU C 174 16.04 -17.82 3.58
N ASN C 175 16.86 -18.88 3.59
CA ASN C 175 16.64 -20.02 4.49
C ASN C 175 15.26 -20.66 4.39
N ILE C 176 14.70 -20.70 3.19
CA ILE C 176 13.40 -21.33 2.96
C ILE C 176 13.56 -22.81 2.61
N GLY C 177 13.03 -23.68 3.46
CA GLY C 177 13.06 -25.10 3.24
C GLY C 177 12.04 -25.58 2.22
N ILE C 178 12.55 -26.15 1.13
CA ILE C 178 11.73 -26.55 0.00
C ILE C 178 11.38 -28.03 0.03
N SER C 179 10.11 -28.33 -0.23
CA SER C 179 9.69 -29.70 -0.48
C SER C 179 9.76 -29.98 -1.97
N SER C 180 9.45 -28.97 -2.78
CA SER C 180 9.37 -29.17 -4.22
C SER C 180 9.48 -27.87 -5.03
N ILE C 181 10.20 -27.95 -6.15
CA ILE C 181 10.21 -26.89 -7.16
C ILE C 181 9.60 -27.46 -8.43
N VAL C 182 8.60 -26.79 -8.99
CA VAL C 182 8.00 -27.24 -10.25
C VAL C 182 7.89 -26.08 -11.23
N SER C 183 8.52 -26.23 -12.38
CA SER C 183 8.38 -25.30 -13.49
C SER C 183 7.27 -25.79 -14.43
N VAL C 184 6.29 -24.93 -14.72
CA VAL C 184 5.14 -25.32 -15.52
C VAL C 184 5.16 -24.67 -16.91
N GLY C 185 5.98 -23.64 -17.06
CA GLY C 185 6.22 -23.00 -18.34
C GLY C 185 4.97 -22.73 -19.17
N ASN C 186 4.93 -23.33 -20.37
CA ASN C 186 3.85 -23.06 -21.33
C ASN C 186 2.52 -23.65 -20.91
N LYS C 187 2.54 -24.58 -19.96
CA LYS C 187 1.30 -25.03 -19.35
C LYS C 187 0.40 -25.71 -20.37
N ALA C 188 1.03 -26.43 -21.30
CA ALA C 188 0.31 -27.03 -22.43
C ALA C 188 -0.66 -28.12 -21.98
N ASP C 189 -0.26 -28.88 -20.97
CA ASP C 189 -1.08 -29.99 -20.46
C ASP C 189 -1.27 -29.87 -18.95
N LEU C 190 -0.27 -30.29 -18.18
CA LEU C 190 -0.33 -30.15 -16.72
C LEU C 190 -0.14 -28.70 -16.28
N ASP C 191 -1.05 -28.22 -15.43
CA ASP C 191 -1.02 -26.83 -14.98
C ASP C 191 -1.11 -26.73 -13.46
N ASP C 192 -1.39 -25.52 -12.98
CA ASP C 192 -1.41 -25.24 -11.54
C ASP C 192 -2.50 -26.02 -10.83
N VAL C 193 -3.63 -26.22 -11.50
CA VAL C 193 -4.75 -26.96 -10.92
C VAL C 193 -4.35 -28.38 -10.55
N ASP C 194 -3.79 -29.09 -11.51
CA ASP C 194 -3.34 -30.47 -11.31
C ASP C 194 -2.31 -30.55 -10.19
N LEU C 195 -1.33 -29.65 -10.22
CA LEU C 195 -0.27 -29.66 -9.23
C LEU C 195 -0.81 -29.33 -7.83
N LEU C 196 -1.76 -28.40 -7.78
CA LEU C 196 -2.38 -28.05 -6.51
C LEU C 196 -3.08 -29.26 -5.93
N ASP C 197 -3.69 -30.06 -6.80
CA ASP C 197 -4.38 -31.27 -6.38
C ASP C 197 -3.41 -32.24 -5.72
N PHE C 198 -2.22 -32.38 -6.29
CA PHE C 198 -1.21 -33.27 -5.71
C PHE C 198 -0.69 -32.74 -4.37
N PHE C 199 -0.35 -31.46 -4.34
CA PHE C 199 0.25 -30.88 -3.14
C PHE C 199 -0.78 -30.79 -2.01
N ASP C 200 -2.06 -30.87 -2.37
CA ASP C 200 -3.12 -30.93 -1.38
C ASP C 200 -2.93 -32.16 -0.50
N LYS C 201 -2.64 -33.29 -1.13
CA LYS C 201 -2.52 -34.56 -0.42
C LYS C 201 -1.13 -34.79 0.16
N ASP C 202 -0.11 -34.25 -0.50
CA ASP C 202 1.28 -34.53 -0.12
C ASP C 202 1.61 -34.08 1.31
N PRO C 203 1.77 -35.03 2.24
CA PRO C 203 2.09 -34.62 3.61
C PRO C 203 3.46 -33.95 3.77
N ASN C 204 4.29 -34.01 2.73
CA ASN C 204 5.60 -33.35 2.78
C ASN C 204 5.51 -31.86 2.53
N THR C 205 4.37 -31.41 2.01
CA THR C 205 4.15 -30.01 1.68
C THR C 205 3.15 -29.37 2.63
N GLY C 206 3.56 -28.27 3.26
CA GLY C 206 2.71 -27.54 4.17
C GLY C 206 2.37 -26.15 3.67
N VAL C 207 3.12 -25.68 2.68
CA VAL C 207 2.90 -24.35 2.11
C VAL C 207 3.12 -24.40 0.61
N ILE C 208 2.36 -23.59 -0.12
CA ILE C 208 2.43 -23.57 -1.57
C ILE C 208 2.55 -22.15 -2.10
N MSE C 209 3.63 -21.89 -2.81
CA MSE C 209 3.90 -20.60 -3.41
C MSE C 209 3.83 -20.71 -4.93
O MSE C 209 4.43 -21.62 -5.51
CB MSE C 209 5.26 -20.09 -2.95
CG MSE C 209 5.61 -18.68 -3.39
SE MSE C 209 7.16 -18.00 -2.42
CE MSE C 209 8.07 -19.69 -2.01
H MSE C 209 4.25 -22.47 -2.96
HA MSE C 209 3.22 -19.95 -3.12
HB2 MSE C 209 5.29 -20.11 -1.98
HB3 MSE C 209 5.94 -20.68 -3.31
HG2 MSE C 209 5.81 -18.68 -4.34
HG3 MSE C 209 4.86 -18.09 -3.22
HE1 MSE C 209 8.88 -19.49 -1.52
HE2 MSE C 209 7.48 -20.24 -1.48
HE3 MSE C 209 8.28 -20.13 -2.84
N ILE C 210 3.11 -19.81 -5.58
CA ILE C 210 2.94 -19.85 -7.04
C ILE C 210 3.27 -18.51 -7.69
N TYR C 211 4.21 -18.51 -8.63
CA TYR C 211 4.39 -17.37 -9.52
C TYR C 211 3.49 -17.56 -10.74
N LEU C 212 2.47 -16.74 -10.84
CA LEU C 212 1.42 -16.90 -11.85
C LEU C 212 1.35 -15.70 -12.80
N GLU C 213 1.49 -15.97 -14.10
CA GLU C 213 1.35 -14.94 -15.13
C GLU C 213 -0.10 -14.89 -15.59
N GLY C 214 -0.73 -16.07 -15.65
CA GLY C 214 -2.13 -16.16 -16.01
C GLY C 214 -2.57 -17.60 -16.14
N ILE C 215 -3.88 -17.82 -16.26
CA ILE C 215 -4.41 -19.17 -16.43
C ILE C 215 -5.09 -19.31 -17.79
N ALA C 216 -5.28 -20.54 -18.23
CA ALA C 216 -5.90 -20.79 -19.52
C ALA C 216 -7.40 -20.48 -19.51
N PRO C 217 -7.93 -19.91 -20.60
CA PRO C 217 -9.36 -19.61 -20.65
C PRO C 217 -10.24 -20.82 -20.32
N GLY C 218 -11.25 -20.62 -19.48
CA GLY C 218 -12.15 -21.69 -19.09
C GLY C 218 -11.54 -22.62 -18.06
N ARG C 219 -10.60 -22.10 -17.27
CA ARG C 219 -9.89 -22.88 -16.26
C ARG C 219 -9.99 -22.22 -14.88
N GLY C 220 -10.49 -20.99 -14.86
CA GLY C 220 -10.55 -20.20 -13.64
C GLY C 220 -11.46 -20.74 -12.57
N ARG C 221 -12.63 -21.23 -12.98
CA ARG C 221 -13.58 -21.77 -12.02
C ARG C 221 -12.99 -22.99 -11.35
N MSE C 222 -12.37 -23.86 -12.15
CA MSE C 222 -11.71 -25.06 -11.62
C MSE C 222 -10.61 -24.66 -10.65
O MSE C 222 -10.44 -25.29 -9.60
CB MSE C 222 -11.13 -25.89 -12.76
CG MSE C 222 -10.50 -27.19 -12.31
SE MSE C 222 -11.80 -28.53 -11.76
CE MSE C 222 -12.34 -29.15 -13.53
H MSE C 222 -12.32 -23.78 -13.00
HA MSE C 222 -12.37 -25.59 -11.16
HB2 MSE C 222 -11.85 -26.10 -13.38
HB3 MSE C 222 -10.45 -25.37 -13.22
HG2 MSE C 222 -9.98 -27.57 -13.03
HG3 MSE C 222 -9.92 -27.02 -11.55
HE1 MSE C 222 -13.01 -29.84 -13.44
HE2 MSE C 222 -12.71 -28.40 -14.04
HE3 MSE C 222 -11.56 -29.51 -13.99
N PHE C 223 -9.85 -23.64 -11.01
CA PHE C 223 -8.78 -23.15 -10.15
C PHE C 223 -9.30 -22.73 -8.78
N ILE C 224 -10.40 -21.99 -8.76
CA ILE C 224 -10.99 -21.55 -7.50
C ILE C 224 -11.50 -22.75 -6.69
N ASP C 225 -12.15 -23.68 -7.37
CA ASP C 225 -12.71 -24.85 -6.69
C ASP C 225 -11.61 -25.64 -5.97
N VAL C 226 -10.49 -25.84 -6.66
CA VAL C 226 -9.39 -26.61 -6.09
C VAL C 226 -8.64 -25.82 -5.02
N ALA C 227 -8.33 -24.56 -5.31
CA ALA C 227 -7.51 -23.75 -4.43
C ALA C 227 -8.21 -23.44 -3.10
N SER C 228 -9.53 -23.34 -3.12
CA SER C 228 -10.29 -23.10 -1.90
C SER C 228 -10.15 -24.31 -0.99
N ARG C 229 -10.35 -25.48 -1.55
CA ARG C 229 -10.29 -26.71 -0.78
C ARG C 229 -8.89 -26.93 -0.21
N VAL C 230 -7.86 -26.68 -1.02
CA VAL C 230 -6.50 -26.74 -0.51
C VAL C 230 -6.34 -25.75 0.64
N SER C 231 -6.86 -24.54 0.47
CA SER C 231 -6.69 -23.48 1.45
C SER C 231 -7.29 -23.84 2.82
N LEU C 232 -8.25 -24.75 2.84
CA LEU C 232 -8.82 -25.21 4.11
C LEU C 232 -7.75 -25.74 5.06
N ARG C 233 -6.66 -26.26 4.49
CA ARG C 233 -5.62 -26.90 5.30
C ARG C 233 -4.24 -26.28 5.09
N LYS C 234 -3.93 -25.89 3.86
CA LYS C 234 -2.59 -25.40 3.51
C LYS C 234 -2.62 -24.00 2.88
N PRO C 235 -1.82 -23.07 3.43
CA PRO C 235 -1.80 -21.72 2.84
C PRO C 235 -1.21 -21.69 1.43
N ILE C 236 -1.84 -20.90 0.56
CA ILE C 236 -1.38 -20.69 -0.80
C ILE C 236 -1.04 -19.21 -0.99
N ILE C 237 0.23 -18.93 -1.30
CA ILE C 237 0.66 -17.59 -1.67
C ILE C 237 0.85 -17.51 -3.17
N VAL C 238 0.32 -16.46 -3.78
CA VAL C 238 0.48 -16.23 -5.21
C VAL C 238 1.14 -14.89 -5.50
N ILE C 239 2.17 -14.92 -6.34
CA ILE C 239 2.76 -13.71 -6.89
C ILE C 239 2.17 -13.48 -8.28
N LYS C 240 1.18 -12.60 -8.37
CA LYS C 240 0.52 -12.34 -9.63
C LYS C 240 1.36 -11.41 -10.52
N ALA C 241 1.97 -11.97 -11.56
CA ALA C 241 2.62 -11.15 -12.59
C ALA C 241 1.55 -10.47 -13.43
N GLY C 242 1.69 -9.17 -13.63
CA GLY C 242 0.71 -8.39 -14.38
C GLY C 242 -0.43 -7.92 -13.50
N ARG C 243 -0.18 -6.85 -12.76
CA ARG C 243 -1.17 -6.26 -11.87
C ARG C 243 -1.69 -4.93 -12.44
N THR C 244 -0.98 -4.39 -13.41
CA THR C 244 -1.32 -3.08 -13.95
C THR C 244 -2.52 -3.13 -14.92
N GLU C 245 -3.65 -2.57 -14.49
CA GLU C 245 -4.83 -2.50 -15.34
C GLU C 245 -4.55 -1.87 -16.71
N VAL C 246 -4.96 -2.55 -17.76
CA VAL C 246 -4.89 -2.03 -19.13
C VAL C 246 -6.02 -1.03 -19.38
N GLY C 247 -5.91 -0.25 -20.45
CA GLY C 247 -6.93 0.71 -20.84
C GLY C 247 -8.37 0.21 -20.73
N ALA C 248 -9.22 1.02 -20.12
CA ALA C 248 -10.62 0.65 -19.92
C ALA C 248 -11.34 0.37 -21.25
N ARG C 249 -11.93 -0.81 -21.34
CA ARG C 249 -12.74 -1.19 -22.50
C ARG C 249 -14.02 -0.37 -22.60
N ALA C 250 -14.41 -0.03 -23.82
CA ALA C 250 -15.68 0.64 -24.08
C ALA C 250 -16.75 -0.38 -24.45
N ALA C 251 -17.38 -0.96 -23.44
CA ALA C 251 -18.34 -2.05 -23.65
C ALA C 251 -19.77 -1.55 -23.81
N ALA C 252 -20.71 -2.49 -23.94
CA ALA C 252 -22.11 -2.16 -24.15
C ALA C 252 -22.89 -2.09 -22.83
N SER C 253 -22.15 -2.02 -21.72
CA SER C 253 -22.78 -1.96 -20.40
C SER C 253 -21.84 -1.33 -19.39
N HIS C 254 -22.41 -0.84 -18.28
CA HIS C 254 -21.61 -0.29 -17.19
C HIS C 254 -20.68 -1.36 -16.63
N THR C 255 -21.18 -2.60 -16.59
CA THR C 255 -20.42 -3.72 -16.06
C THR C 255 -19.17 -3.98 -16.91
N GLY C 256 -19.35 -4.04 -18.22
CA GLY C 256 -18.24 -4.26 -19.13
C GLY C 256 -17.27 -3.09 -19.16
N SER C 257 -17.77 -1.89 -18.91
CA SER C 257 -16.94 -0.69 -18.96
C SER C 257 -16.08 -0.54 -17.71
N ILE C 258 -16.60 -0.95 -16.56
CA ILE C 258 -15.88 -0.82 -15.29
C ILE C 258 -14.97 -2.03 -15.04
N ALA C 259 -15.50 -3.22 -15.24
CA ALA C 259 -14.78 -4.45 -14.88
C ALA C 259 -13.43 -4.56 -15.59
N GLY C 260 -12.40 -4.88 -14.81
CA GLY C 260 -11.09 -5.18 -15.34
C GLY C 260 -10.58 -6.54 -14.89
N SER C 261 -9.71 -7.14 -15.70
CA SER C 261 -9.17 -8.47 -15.42
C SER C 261 -8.41 -8.52 -14.11
N VAL C 262 -7.73 -7.44 -13.77
CA VAL C 262 -6.97 -7.35 -12.53
C VAL C 262 -7.88 -7.48 -11.32
N ALA C 263 -8.95 -6.68 -11.32
CA ALA C 263 -9.88 -6.65 -10.19
C ALA C 263 -10.56 -8.00 -10.03
N ILE C 264 -10.80 -8.70 -11.14
CA ILE C 264 -11.41 -10.01 -11.09
C ILE C 264 -10.43 -11.05 -10.55
N TYR C 265 -9.16 -10.95 -10.95
CA TYR C 265 -8.14 -11.87 -10.45
C TYR C 265 -8.03 -11.75 -8.94
N GLU C 266 -8.04 -10.52 -8.43
CA GLU C 266 -7.94 -10.28 -7.00
C GLU C 266 -9.12 -10.93 -6.27
N SER C 267 -10.31 -10.83 -6.87
CA SER C 267 -11.51 -11.42 -6.30
C SER C 267 -11.47 -12.94 -6.32
N ALA C 268 -10.94 -13.49 -7.41
CA ALA C 268 -10.79 -14.94 -7.54
C ALA C 268 -9.85 -15.46 -6.47
N PHE C 269 -8.78 -14.71 -6.19
CA PHE C 269 -7.83 -15.09 -5.17
C PHE C 269 -8.47 -14.99 -3.79
N LYS C 270 -9.31 -13.98 -3.60
CA LYS C 270 -10.04 -13.83 -2.35
C LYS C 270 -10.96 -15.03 -2.09
N GLN C 271 -11.74 -15.41 -3.09
CA GLN C 271 -12.66 -16.56 -2.99
C GLN C 271 -11.93 -17.88 -2.76
N SER C 272 -10.67 -17.95 -3.18
CA SER C 272 -9.88 -19.17 -3.04
C SER C 272 -9.15 -19.20 -1.72
N GLY C 273 -9.24 -18.12 -0.95
CA GLY C 273 -8.49 -18.01 0.29
C GLY C 273 -7.00 -17.90 0.03
N ILE C 274 -6.63 -17.32 -1.11
CA ILE C 274 -5.24 -17.16 -1.50
C ILE C 274 -4.69 -15.81 -1.07
N LEU C 275 -3.45 -15.80 -0.57
CA LEU C 275 -2.76 -14.56 -0.22
C LEU C 275 -1.98 -14.05 -1.42
N MSE C 276 -2.33 -12.85 -1.88
CA MSE C 276 -1.66 -12.25 -3.03
C MSE C 276 -0.51 -11.39 -2.57
O MSE C 276 -0.68 -10.48 -1.77
CB MSE C 276 -2.64 -11.42 -3.86
CG MSE C 276 -2.38 -11.49 -5.36
SE MSE C 276 -2.51 -9.77 -6.27
CE MSE C 276 -3.96 -10.18 -7.50
H MSE C 276 -2.96 -12.36 -1.54
HA MSE C 276 -1.32 -12.96 -3.59
HB2 MSE C 276 -3.54 -11.75 -3.70
HB3 MSE C 276 -2.57 -10.50 -3.59
HG2 MSE C 276 -1.47 -11.83 -5.50
HG3 MSE C 276 -3.02 -12.09 -5.77
HE1 MSE C 276 -4.15 -9.40 -8.04
HE2 MSE C 276 -3.70 -10.92 -8.07
HE3 MSE C 276 -4.75 -10.43 -6.99
N ALA C 277 0.68 -11.69 -3.07
CA ALA C 277 1.88 -10.92 -2.77
C ALA C 277 2.20 -9.98 -3.93
N LYS C 278 2.50 -8.73 -3.62
CA LYS C 278 2.82 -7.75 -4.65
C LYS C 278 4.31 -7.75 -4.97
N SER C 279 5.09 -8.48 -4.19
CA SER C 279 6.54 -8.54 -4.39
C SER C 279 7.12 -9.89 -3.99
N VAL C 280 8.26 -10.22 -4.60
CA VAL C 280 8.99 -11.44 -4.27
C VAL C 280 9.37 -11.44 -2.80
N GLU C 281 9.82 -10.30 -2.32
CA GLU C 281 10.24 -10.15 -0.94
C GLU C 281 9.12 -10.49 0.03
N ASP C 282 7.95 -9.92 -0.22
CA ASP C 282 6.77 -10.19 0.60
C ASP C 282 6.45 -11.67 0.57
N ALA C 283 6.51 -12.25 -0.62
CA ALA C 283 6.17 -13.65 -0.79
C ALA C 283 7.07 -14.54 0.05
N PHE C 284 8.36 -14.22 0.08
CA PHE C 284 9.31 -15.07 0.80
C PHE C 284 9.18 -14.89 2.31
N ASP C 285 9.04 -13.64 2.76
CA ASP C 285 8.80 -13.36 4.17
C ASP C 285 7.56 -14.10 4.69
N TRP C 286 6.44 -13.95 3.97
CA TRP C 286 5.19 -14.60 4.37
C TRP C 286 5.32 -16.12 4.35
N THR C 287 5.96 -16.64 3.31
CA THR C 287 6.13 -18.09 3.18
C THR C 287 6.88 -18.64 4.37
N LYS C 288 7.94 -17.96 4.75
CA LYS C 288 8.77 -18.39 5.86
C LYS C 288 7.94 -18.51 7.13
N ALA C 289 7.19 -17.45 7.43
CA ALA C 289 6.38 -17.42 8.65
C ALA C 289 5.28 -18.47 8.63
N LEU C 290 4.63 -18.63 7.48
CA LEU C 290 3.57 -19.62 7.35
C LEU C 290 4.13 -21.03 7.45
N SER C 291 5.39 -21.20 7.05
CA SER C 291 6.02 -22.51 7.01
C SER C 291 6.42 -23.00 8.41
N TRP C 292 6.73 -22.07 9.30
CA TRP C 292 7.30 -22.39 10.60
C TRP C 292 6.37 -22.14 11.78
N ASN C 293 5.16 -21.67 11.53
CA ASN C 293 4.23 -21.32 12.60
C ASN C 293 2.83 -21.86 12.39
N PRO C 294 2.13 -22.19 13.48
CA PRO C 294 0.70 -22.49 13.37
C PRO C 294 -0.09 -21.20 13.18
N ILE C 295 -1.35 -21.29 12.75
CA ILE C 295 -2.17 -20.11 12.60
C ILE C 295 -2.64 -19.65 13.97
N PRO C 296 -2.75 -18.32 14.17
CA PRO C 296 -3.28 -17.84 15.45
C PRO C 296 -4.74 -18.19 15.63
N GLU C 297 -5.14 -18.50 16.86
CA GLU C 297 -6.51 -18.92 17.14
C GLU C 297 -7.40 -17.73 17.52
N GLY C 298 -6.78 -16.61 17.86
CA GLY C 298 -7.52 -15.41 18.21
C GLY C 298 -6.73 -14.15 17.91
N GLU C 299 -7.34 -12.99 18.17
CA GLU C 299 -6.73 -11.72 17.82
C GLU C 299 -5.89 -11.13 18.95
N ARG C 300 -5.73 -11.87 20.05
CA ARG C 300 -4.90 -11.40 21.16
C ARG C 300 -3.41 -11.47 20.76
N LEU C 301 -2.94 -10.42 20.10
CA LEU C 301 -1.57 -10.36 19.61
C LEU C 301 -0.74 -9.42 20.49
N ILE C 302 0.36 -9.94 21.00
CA ILE C 302 1.26 -9.13 21.83
C ILE C 302 2.50 -8.77 21.04
N VAL C 303 2.90 -7.50 21.14
CA VAL C 303 4.17 -7.04 20.61
C VAL C 303 5.06 -6.67 21.78
N LEU C 304 6.30 -7.16 21.76
CA LEU C 304 7.23 -6.98 22.86
C LEU C 304 8.52 -6.35 22.33
N THR C 305 8.82 -5.14 22.79
CA THR C 305 9.96 -4.39 22.27
C THR C 305 10.79 -3.73 23.37
N ASN C 306 12.09 -3.62 23.15
CA ASN C 306 12.94 -2.82 24.02
C ASN C 306 13.02 -1.36 23.59
N GLY C 307 12.29 -1.01 22.52
CA GLY C 307 12.32 0.33 21.97
C GLY C 307 10.97 0.81 21.44
N GLY C 308 10.55 1.98 21.90
CA GLY C 308 9.28 2.56 21.50
C GLY C 308 9.18 2.83 20.01
N GLY C 309 10.29 3.30 19.43
CA GLY C 309 10.33 3.60 18.01
C GLY C 309 9.96 2.37 17.18
N ALA C 310 10.62 1.26 17.48
CA ALA C 310 10.37 0.01 16.77
C ALA C 310 8.93 -0.42 16.96
N GLY C 311 8.40 -0.20 18.16
CA GLY C 311 7.04 -0.55 18.49
C GLY C 311 6.01 0.26 17.71
N VAL C 312 6.35 1.51 17.41
CA VAL C 312 5.46 2.36 16.62
C VAL C 312 5.47 1.90 15.17
N GLN C 313 6.65 1.58 14.66
CA GLN C 313 6.77 1.08 13.29
C GLN C 313 5.98 -0.21 13.13
N SER C 314 6.03 -1.05 14.15
CA SER C 314 5.24 -2.27 14.16
C SER C 314 3.74 -2.00 14.11
N THR C 315 3.28 -1.11 14.98
CA THR C 315 1.87 -0.78 15.08
C THR C 315 1.34 -0.21 13.77
N ASP C 316 2.11 0.70 13.16
CA ASP C 316 1.71 1.30 11.89
C ASP C 316 1.52 0.23 10.83
N THR C 317 2.49 -0.68 10.75
CA THR C 317 2.45 -1.76 9.76
C THR C 317 1.29 -2.71 10.02
N PHE C 318 1.01 -2.98 11.28
CA PHE C 318 -0.11 -3.86 11.62
C PHE C 318 -1.44 -3.23 11.23
N ALA C 319 -1.55 -1.92 11.41
CA ALA C 319 -2.80 -1.21 11.10
C ALA C 319 -3.06 -1.20 9.60
N ASP C 320 -2.00 -1.05 8.80
CA ASP C 320 -2.14 -1.10 7.35
C ASP C 320 -2.72 -2.42 6.87
N ASN C 321 -2.50 -3.48 7.65
CA ASN C 321 -3.04 -4.81 7.32
C ASN C 321 -4.30 -5.14 8.13
N GLY C 322 -4.97 -4.11 8.63
CA GLY C 322 -6.22 -4.28 9.33
C GLY C 322 -6.12 -5.00 10.66
N ILE C 323 -4.94 -4.94 11.28
CA ILE C 323 -4.72 -5.53 12.60
C ILE C 323 -4.46 -4.44 13.63
N TYR C 324 -5.25 -4.46 14.71
CA TYR C 324 -5.13 -3.46 15.77
C TYR C 324 -4.88 -4.14 17.11
N LEU C 325 -3.90 -3.63 17.85
CA LEU C 325 -3.50 -4.24 19.10
C LEU C 325 -4.42 -3.86 20.25
N SER C 326 -4.79 -4.86 21.03
CA SER C 326 -5.62 -4.64 22.21
C SER C 326 -4.74 -4.52 23.46
N LYS C 327 -5.38 -4.18 24.57
CA LYS C 327 -4.69 -4.09 25.84
C LYS C 327 -4.27 -5.50 26.28
N PRO C 328 -3.04 -5.65 26.79
CA PRO C 328 -2.57 -6.98 27.18
C PRO C 328 -3.22 -7.46 28.47
N PRO C 329 -3.40 -8.78 28.63
CA PRO C 329 -4.05 -9.31 29.84
C PRO C 329 -3.32 -8.92 31.12
N GLU C 330 -4.09 -8.66 32.17
CA GLU C 330 -3.56 -8.18 33.44
C GLU C 330 -2.57 -9.16 34.06
N SER C 331 -2.83 -10.46 33.88
CA SER C 331 -1.96 -11.50 34.40
C SER C 331 -0.56 -11.34 33.82
N LEU C 332 -0.48 -11.12 32.51
CA LEU C 332 0.81 -10.94 31.85
C LEU C 332 1.53 -9.69 32.33
N ILE C 333 0.77 -8.60 32.50
CA ILE C 333 1.36 -7.34 32.96
C ILE C 333 2.05 -7.51 34.31
N GLN C 334 1.35 -8.11 35.27
CA GLN C 334 1.92 -8.31 36.59
C GLN C 334 3.12 -9.26 36.51
N GLU C 335 2.96 -10.35 35.77
CA GLU C 335 4.02 -11.33 35.59
C GLU C 335 5.31 -10.67 35.08
N ILE C 336 5.17 -9.67 34.22
CA ILE C 336 6.31 -8.96 33.66
C ILE C 336 6.85 -7.91 34.62
N LYS C 337 5.96 -7.30 35.39
CA LYS C 337 6.34 -6.23 36.30
C LYS C 337 7.31 -6.69 37.39
N LYS C 338 7.54 -8.00 37.47
CA LYS C 338 8.42 -8.57 38.47
C LYS C 338 9.89 -8.26 38.21
N PHE C 339 10.22 -7.88 36.98
CA PHE C 339 11.62 -7.60 36.63
C PHE C 339 11.82 -6.27 35.89
N VAL C 340 10.77 -5.72 35.29
CA VAL C 340 10.93 -4.44 34.59
C VAL C 340 10.84 -3.23 35.52
N PRO C 341 11.42 -2.09 35.11
CA PRO C 341 11.25 -0.84 35.85
C PRO C 341 9.83 -0.31 35.74
N PRO C 342 9.39 0.51 36.70
CA PRO C 342 7.99 0.93 36.73
C PRO C 342 7.63 1.89 35.59
N PHE C 343 8.62 2.60 35.07
CA PHE C 343 8.38 3.55 33.99
C PHE C 343 8.30 2.86 32.63
N ALA C 344 8.30 1.53 32.63
CA ALA C 344 8.08 0.77 31.40
C ALA C 344 6.62 0.94 30.95
N SER C 345 6.33 0.61 29.69
CA SER C 345 4.98 0.71 29.15
C SER C 345 4.33 -0.65 29.00
N PHE C 346 3.01 -0.68 29.12
CA PHE C 346 2.22 -1.90 28.99
C PHE C 346 0.98 -1.67 28.13
N ALA C 347 1.04 -0.64 27.28
CA ALA C 347 -0.11 -0.32 26.43
C ALA C 347 -0.26 -1.32 25.29
N ASN C 348 0.77 -2.14 25.08
CA ASN C 348 0.92 -2.98 23.90
C ASN C 348 1.10 -2.11 22.66
N PRO C 349 2.30 -2.08 22.09
CA PRO C 349 3.52 -2.85 22.39
C PRO C 349 4.04 -2.67 23.81
N ILE C 350 4.30 -3.79 24.48
CA ILE C 350 4.85 -3.77 25.82
C ILE C 350 6.31 -3.33 25.77
N ASP C 351 6.56 -2.04 26.04
CA ASP C 351 7.92 -1.52 25.98
C ASP C 351 8.69 -1.88 27.26
N ILE C 352 9.66 -2.78 27.16
CA ILE C 352 10.49 -3.13 28.30
C ILE C 352 11.75 -2.28 28.40
N THR C 353 11.75 -1.13 27.73
CA THR C 353 12.81 -0.11 27.82
C THR C 353 14.17 -0.56 27.26
N GLY C 354 14.96 0.43 26.83
CA GLY C 354 16.21 0.21 26.13
C GLY C 354 17.31 -0.44 26.95
N MSE C 355 17.24 -0.31 28.28
CA MSE C 355 18.28 -0.88 29.14
C MSE C 355 18.02 -2.36 29.41
O MSE C 355 18.77 -3.01 30.14
CB MSE C 355 18.36 -0.12 30.46
CG MSE C 355 17.08 -0.12 31.26
SE MSE C 355 16.48 1.69 31.68
CE MSE C 355 16.37 2.41 29.88
H MSE C 355 16.62 0.09 28.69
HA MSE C 355 19.13 -0.80 28.69
HB2 MSE C 355 19.06 -0.52 31.01
HB3 MSE C 355 18.59 0.80 30.26
HG2 MSE C 355 16.38 -0.55 30.75
HG3 MSE C 355 17.22 -0.59 32.09
HE1 MSE C 355 16.08 3.34 29.92
HE2 MSE C 355 17.24 2.36 29.46
HE3 MSE C 355 15.73 1.89 29.36
N ALA C 356 16.96 -2.91 28.82
CA ALA C 356 16.66 -4.32 29.01
C ALA C 356 17.85 -5.19 28.55
N PRO C 357 18.39 -6.02 29.47
CA PRO C 357 19.44 -6.96 29.04
C PRO C 357 18.85 -8.25 28.44
N ASP C 358 19.73 -9.16 28.04
CA ASP C 358 19.33 -10.35 27.28
C ASP C 358 18.31 -11.21 28.03
N ASP C 359 18.45 -11.27 29.35
CA ASP C 359 17.66 -12.18 30.17
C ASP C 359 16.18 -11.81 30.09
N TRP C 360 15.90 -10.51 30.02
CA TRP C 360 14.53 -10.04 30.03
C TRP C 360 13.77 -10.50 28.79
N TYR C 361 14.49 -10.74 27.69
CA TYR C 361 13.83 -11.20 26.49
C TYR C 361 13.37 -12.66 26.64
N TYR C 362 14.15 -13.47 27.34
CA TYR C 362 13.74 -14.84 27.63
C TYR C 362 12.51 -14.86 28.53
N MSE C 363 12.54 -14.04 29.58
CA MSE C 363 11.45 -14.03 30.55
C MSE C 363 10.15 -13.45 29.98
O MSE C 363 9.08 -14.00 30.19
CB MSE C 363 11.88 -13.26 31.79
CG MSE C 363 13.04 -13.91 32.53
SE MSE C 363 13.63 -12.93 34.12
CE MSE C 363 14.87 -14.26 34.82
H MSE C 363 13.17 -13.49 29.75
HA MSE C 363 11.27 -14.95 30.83
HB2 MSE C 363 12.15 -12.37 31.54
HB3 MSE C 363 11.14 -13.21 32.41
HG2 MSE C 363 12.78 -14.80 32.82
HG3 MSE C 363 13.80 -13.98 31.93
HE1 MSE C 363 15.27 -13.91 35.64
HE2 MSE C 363 14.39 -15.08 35.01
HE3 MSE C 363 15.56 -14.43 34.17
N GLY C 364 10.27 -12.33 29.27
CA GLY C 364 9.11 -11.70 28.66
C GLY C 364 8.47 -12.59 27.61
N THR C 365 9.31 -13.19 26.77
CA THR C 365 8.83 -14.07 25.72
C THR C 365 8.13 -15.28 26.32
N LEU C 366 8.76 -15.89 27.31
CA LEU C 366 8.21 -17.07 27.97
C LEU C 366 6.88 -16.75 28.66
N ALA C 367 6.85 -15.63 29.40
CA ALA C 367 5.64 -15.22 30.10
C ALA C 367 4.49 -15.05 29.13
N ALA C 368 4.75 -14.36 28.02
CA ALA C 368 3.72 -14.13 27.02
C ALA C 368 3.23 -15.44 26.43
N LEU C 369 4.17 -16.29 26.01
CA LEU C 369 3.82 -17.53 25.32
C LEU C 369 3.04 -18.52 26.19
N LYS C 370 3.25 -18.46 27.49
CA LYS C 370 2.55 -19.38 28.39
C LYS C 370 1.21 -18.78 28.85
N ASN C 371 1.07 -17.47 28.75
CA ASN C 371 -0.18 -16.86 29.15
C ASN C 371 -1.34 -17.31 28.25
N PRO C 372 -2.34 -18.01 28.81
CA PRO C 372 -3.42 -18.60 27.99
C PRO C 372 -4.27 -17.58 27.23
N ASP C 373 -4.12 -16.29 27.53
CA ASP C 373 -4.88 -15.25 26.85
C ASP C 373 -4.06 -14.53 25.77
N VAL C 374 -2.91 -15.11 25.42
CA VAL C 374 -2.08 -14.58 24.35
C VAL C 374 -2.10 -15.57 23.17
N ASP C 375 -2.48 -15.08 21.99
CA ASP C 375 -2.62 -15.93 20.82
C ASP C 375 -1.39 -15.86 19.90
N ALA C 376 -0.68 -14.73 19.94
CA ALA C 376 0.48 -14.54 19.05
C ALA C 376 1.45 -13.51 19.59
N LEU C 377 2.72 -13.67 19.24
CA LEU C 377 3.79 -12.82 19.76
C LEU C 377 4.76 -12.34 18.67
N THR C 378 4.94 -11.03 18.60
CA THR C 378 6.00 -10.45 17.77
C THR C 378 7.04 -9.81 18.69
N VAL C 379 8.28 -10.25 18.57
CA VAL C 379 9.37 -9.75 19.41
C VAL C 379 10.28 -8.82 18.62
N LEU C 380 10.40 -7.58 19.08
CA LEU C 380 11.25 -6.59 18.43
C LEU C 380 12.45 -6.27 19.31
N TYR C 381 13.60 -6.09 18.67
CA TYR C 381 14.84 -5.80 19.37
C TYR C 381 15.68 -4.78 18.61
N CYS C 382 16.12 -3.75 19.33
CA CYS C 382 17.02 -2.73 18.80
C CYS C 382 18.37 -2.88 19.49
N GLN C 383 19.43 -3.09 18.71
CA GLN C 383 20.74 -3.34 19.29
C GLN C 383 21.22 -2.16 20.15
N THR C 384 21.50 -2.46 21.42
CA THR C 384 22.12 -1.51 22.33
C THR C 384 23.36 -2.12 22.97
N ALA C 385 24.22 -1.27 23.53
CA ALA C 385 25.49 -1.72 24.11
C ALA C 385 25.25 -2.59 25.34
N VAL C 386 24.08 -2.43 25.95
CA VAL C 386 23.69 -3.21 27.12
C VAL C 386 23.60 -4.69 26.79
N THR C 387 23.38 -4.99 25.51
CA THR C 387 22.99 -6.34 25.08
C THR C 387 23.90 -6.91 23.99
N THR C 388 23.77 -8.20 23.75
CA THR C 388 24.31 -8.84 22.55
C THR C 388 23.16 -9.41 21.74
N PRO C 389 23.15 -9.16 20.42
CA PRO C 389 22.09 -9.75 19.58
C PRO C 389 22.01 -11.26 19.72
N ILE C 390 23.15 -11.93 19.80
CA ILE C 390 23.14 -13.39 19.88
C ILE C 390 22.56 -13.83 21.23
N GLY C 391 22.87 -13.09 22.28
CA GLY C 391 22.34 -13.40 23.60
C GLY C 391 20.82 -13.34 23.59
N VAL C 392 20.29 -12.26 23.02
CA VAL C 392 18.85 -12.08 22.88
C VAL C 392 18.24 -13.22 22.06
N ALA C 393 18.92 -13.55 20.97
CA ALA C 393 18.46 -14.61 20.07
C ALA C 393 18.33 -15.93 20.82
N LYS C 394 19.37 -16.31 21.56
CA LYS C 394 19.35 -17.55 22.33
C LYS C 394 18.23 -17.52 23.36
N GLY C 395 18.00 -16.37 23.97
CA GLY C 395 16.92 -16.22 24.93
C GLY C 395 15.57 -16.53 24.32
N ILE C 396 15.32 -15.96 23.15
CA ILE C 396 14.06 -16.18 22.46
C ILE C 396 13.90 -17.65 22.09
N VAL C 397 14.96 -18.24 21.56
CA VAL C 397 14.94 -19.66 21.17
C VAL C 397 14.58 -20.54 22.36
N ASP C 398 15.26 -20.31 23.48
CA ASP C 398 15.04 -21.11 24.69
C ASP C 398 13.62 -20.93 25.21
N ALA C 399 13.13 -19.69 25.20
CA ALA C 399 11.79 -19.38 25.67
C ALA C 399 10.75 -20.14 24.85
N ILE C 400 10.98 -20.22 23.55
CA ILE C 400 10.07 -20.94 22.67
C ILE C 400 10.09 -22.43 23.00
N LYS C 401 11.28 -23.03 23.09
CA LYS C 401 11.40 -24.44 23.46
C LYS C 401 10.60 -24.76 24.71
N GLU C 402 10.79 -23.96 25.76
CA GLU C 402 10.10 -24.15 27.03
C GLU C 402 8.59 -24.01 26.87
N ALA C 403 8.16 -23.10 26.00
CA ALA C 403 6.74 -22.95 25.70
C ALA C 403 6.26 -24.16 24.92
N GLY C 404 4.98 -24.16 24.54
CA GLY C 404 4.38 -25.29 23.86
C GLY C 404 4.55 -25.29 22.35
N ASN C 405 5.28 -24.31 21.82
CA ASN C 405 5.47 -24.14 20.38
C ASN C 405 4.14 -24.07 19.62
N SER C 406 3.07 -23.78 20.36
CA SER C 406 1.73 -23.84 19.81
C SER C 406 1.22 -22.47 19.37
N LYS C 407 2.05 -21.45 19.53
CA LYS C 407 1.66 -20.08 19.20
C LYS C 407 2.65 -19.46 18.21
N PRO C 408 2.13 -18.79 17.16
CA PRO C 408 3.01 -18.18 16.16
C PRO C 408 3.91 -17.10 16.75
N VAL C 409 5.14 -17.04 16.27
CA VAL C 409 6.11 -16.04 16.70
C VAL C 409 6.89 -15.50 15.52
N THR C 410 7.04 -14.19 15.47
CA THR C 410 7.96 -13.56 14.52
C THR C 410 8.92 -12.66 15.30
N VAL C 411 10.08 -12.41 14.72
CA VAL C 411 11.11 -11.61 15.36
C VAL C 411 11.66 -10.54 14.42
N GLY C 412 11.78 -9.32 14.93
CA GLY C 412 12.38 -8.23 14.19
C GLY C 412 13.57 -7.70 14.97
N MSE C 413 14.74 -7.66 14.33
CA MSE C 413 15.95 -7.16 14.97
C MSE C 413 16.61 -6.12 14.09
O MSE C 413 16.70 -6.30 12.88
CB MSE C 413 16.93 -8.31 15.24
CG MSE C 413 16.41 -9.32 16.23
SE MSE C 413 17.66 -10.75 16.58
CE MSE C 413 18.33 -10.20 18.32
H MSE C 413 14.85 -7.93 13.53
HA MSE C 413 15.72 -6.76 15.81
HB2 MSE C 413 17.11 -8.77 14.41
HB3 MSE C 413 17.75 -7.94 15.60
HG2 MSE C 413 16.23 -8.86 17.07
HG3 MSE C 413 15.59 -9.71 15.88
HE1 MSE C 413 18.99 -10.84 18.62
HE2 MSE C 413 18.74 -9.32 18.24
HE3 MSE C 413 17.59 -10.16 18.94
N VAL C 414 17.04 -5.04 14.72
CA VAL C 414 17.68 -3.94 14.02
C VAL C 414 19.06 -3.72 14.61
N GLY C 415 20.07 -3.62 13.74
CA GLY C 415 21.41 -3.34 14.18
C GLY C 415 22.46 -3.67 13.12
N GLY C 416 23.69 -3.85 13.57
CA GLY C 416 24.81 -4.05 12.70
C GLY C 416 25.06 -5.52 12.37
N PRO C 417 26.30 -5.83 11.94
CA PRO C 417 26.72 -7.18 11.54
C PRO C 417 26.33 -8.27 12.55
N GLU C 418 26.41 -7.94 13.84
CA GLU C 418 26.04 -8.89 14.88
C GLU C 418 24.56 -9.25 14.82
N VAL C 419 23.72 -8.24 14.57
CA VAL C 419 22.29 -8.50 14.42
C VAL C 419 22.05 -9.35 13.19
N ALA C 420 22.80 -9.09 12.12
CA ALA C 420 22.66 -9.86 10.89
C ALA C 420 22.94 -11.33 11.17
N GLU C 421 24.00 -11.59 11.92
CA GLU C 421 24.33 -12.94 12.31
C GLU C 421 23.24 -13.55 13.20
N ALA C 422 22.72 -12.77 14.13
CA ALA C 422 21.66 -13.24 15.02
C ALA C 422 20.40 -13.64 14.27
N VAL C 423 20.05 -12.85 13.25
CA VAL C 423 18.86 -13.13 12.43
C VAL C 423 19.02 -14.44 11.67
N SER C 424 20.22 -14.65 11.13
CA SER C 424 20.54 -15.87 10.39
C SER C 424 20.48 -17.08 11.32
N PHE C 425 20.99 -16.90 12.53
CA PHE C 425 20.95 -17.93 13.56
C PHE C 425 19.50 -18.35 13.84
N LEU C 426 18.63 -17.37 14.06
CA LEU C 426 17.22 -17.65 14.31
C LEU C 426 16.51 -18.30 13.14
N ASN C 427 16.83 -17.87 11.92
CA ASN C 427 16.19 -18.41 10.74
C ASN C 427 16.64 -19.85 10.49
N LYS C 428 17.89 -20.15 10.82
CA LYS C 428 18.42 -21.50 10.67
C LYS C 428 17.84 -22.45 11.71
N GLN C 429 17.13 -21.91 12.70
CA GLN C 429 16.39 -22.72 13.66
C GLN C 429 14.88 -22.71 13.39
N ARG C 430 14.51 -22.34 12.16
CA ARG C 430 13.11 -22.27 11.77
C ARG C 430 12.32 -21.31 12.67
N ILE C 431 12.92 -20.17 12.99
CA ILE C 431 12.23 -19.09 13.68
C ILE C 431 12.24 -17.84 12.80
N ALA C 432 11.04 -17.38 12.43
CA ALA C 432 10.91 -16.32 11.44
C ALA C 432 11.46 -14.98 11.91
N ALA C 433 12.71 -14.70 11.55
CA ALA C 433 13.39 -13.48 11.99
C ALA C 433 13.69 -12.59 10.79
N TYR C 434 13.62 -11.28 11.01
CA TYR C 434 13.79 -10.29 9.95
C TYR C 434 14.60 -9.10 10.45
N PRO C 435 15.29 -8.39 9.56
CA PRO C 435 16.16 -7.27 9.97
C PRO C 435 15.43 -5.94 10.20
N THR C 436 14.09 -5.92 10.09
CA THR C 436 13.35 -4.71 10.40
C THR C 436 12.02 -5.04 11.08
N PRO C 437 11.54 -4.14 11.94
CA PRO C 437 10.27 -4.36 12.65
C PRO C 437 9.08 -4.42 11.70
N GLU C 438 9.15 -3.70 10.59
CA GLU C 438 8.06 -3.69 9.62
C GLU C 438 7.90 -5.05 8.95
N ARG C 439 9.02 -5.69 8.63
CA ARG C 439 8.96 -6.97 7.93
C ARG C 439 8.48 -8.08 8.88
N ALA C 440 8.94 -8.03 10.13
CA ALA C 440 8.48 -8.98 11.14
C ALA C 440 6.97 -8.86 11.34
N SER C 441 6.48 -7.63 11.35
CA SER C 441 5.05 -7.39 11.55
C SER C 441 4.24 -7.73 10.30
N SER C 442 4.84 -7.56 9.13
CA SER C 442 4.19 -7.96 7.89
C SER C 442 4.04 -9.48 7.84
N ALA C 443 5.07 -10.18 8.32
CA ALA C 443 5.05 -11.64 8.38
C ALA C 443 3.94 -12.13 9.30
N MSE C 444 3.84 -11.52 10.48
CA MSE C 444 2.77 -11.86 11.41
C MSE C 444 1.41 -11.58 10.79
O MSE C 444 0.46 -12.35 10.98
CB MSE C 444 2.91 -11.06 12.72
CG MSE C 444 1.82 -11.36 13.74
SE MSE C 444 1.81 -13.23 14.31
CE MSE C 444 3.42 -13.22 15.43
H MSE C 444 4.37 -10.90 10.76
HA MSE C 444 2.83 -12.80 11.63
HB2 MSE C 444 3.77 -11.27 13.12
HB3 MSE C 444 2.88 -10.12 12.51
HG2 MSE C 444 1.96 -10.81 14.51
HG3 MSE C 444 0.96 -11.17 13.34
HE1 MSE C 444 3.55 -14.11 15.80
HE2 MSE C 444 4.19 -12.98 14.89
HE3 MSE C 444 3.30 -12.58 16.15
N SER C 445 1.31 -10.48 10.05
CA SER C 445 0.06 -10.13 9.39
C SER C 445 -0.30 -11.18 8.35
N ALA C 446 0.71 -11.80 7.75
CA ALA C 446 0.45 -12.85 6.77
C ALA C 446 -0.23 -14.04 7.46
N LEU C 447 0.23 -14.36 8.66
CA LEU C 447 -0.37 -15.44 9.45
C LEU C 447 -1.85 -15.15 9.74
N TYR C 448 -2.15 -13.92 10.15
CA TYR C 448 -3.53 -13.55 10.42
C TYR C 448 -4.38 -13.48 9.14
N ALA C 449 -3.76 -13.02 8.05
CA ALA C 449 -4.45 -12.95 6.77
C ALA C 449 -4.88 -14.34 6.34
N TYR C 450 -4.00 -15.32 6.52
CA TYR C 450 -4.34 -16.68 6.16
C TYR C 450 -5.41 -17.26 7.10
N ALA C 451 -5.33 -16.92 8.39
CA ALA C 451 -6.36 -17.35 9.33
C ALA C 451 -7.73 -16.85 8.87
N ARG C 452 -7.80 -15.59 8.49
CA ARG C 452 -9.02 -15.01 7.95
C ARG C 452 -9.39 -15.64 6.59
N ALA C 453 -8.38 -15.95 5.78
CA ALA C 453 -8.62 -16.58 4.48
C ALA C 453 -9.24 -17.97 4.64
N ARG C 454 -8.70 -18.74 5.57
CA ARG C 454 -9.22 -20.06 5.85
C ARG C 454 -10.64 -19.96 6.38
N SER C 455 -10.87 -18.98 7.25
CA SER C 455 -12.20 -18.71 7.77
C SER C 455 -13.18 -18.44 6.63
N TYR C 456 -12.74 -17.62 5.68
CA TYR C 456 -13.55 -17.28 4.50
C TYR C 456 -13.96 -18.53 3.75
N VAL C 457 -12.98 -19.37 3.42
CA VAL C 457 -13.21 -20.59 2.67
C VAL C 457 -14.11 -21.55 3.45
N MSE C 458 -13.85 -21.70 4.75
CA MSE C 458 -14.64 -22.60 5.57
C MSE C 458 -16.10 -22.20 5.51
O MSE C 458 -16.97 -23.04 5.33
CB MSE C 458 -14.13 -22.60 7.01
CG MSE C 458 -12.86 -23.43 7.21
SE MSE C 458 -12.41 -23.69 9.08
CE MSE C 458 -12.12 -21.83 9.61
H MSE C 458 -13.23 -21.28 5.16
HA MSE C 458 -14.54 -23.50 5.22
HB2 MSE C 458 -13.93 -21.68 7.27
HB3 MSE C 458 -14.83 -22.96 7.58
HG2 MSE C 458 -13.00 -24.30 6.81
HG3 MSE C 458 -12.12 -22.98 6.78
HE1 MSE C 458 -11.86 -21.81 10.55
HE2 MSE C 458 -11.40 -21.47 9.07
HE3 MSE C 458 -12.93 -21.33 9.47
N LYS C 459 -16.35 -20.90 5.62
CA LYS C 459 -17.72 -20.39 5.54
C LYS C 459 -18.34 -20.63 4.16
N SER C 460 -17.63 -20.26 3.11
CA SER C 460 -18.17 -20.37 1.75
C SER C 460 -18.43 -21.82 1.34
N LEU C 461 -17.62 -22.74 1.87
CA LEU C 461 -17.80 -24.17 1.58
C LEU C 461 -18.71 -24.84 2.62
N ALA C 462 -19.06 -24.10 3.67
CA ALA C 462 -19.91 -24.64 4.73
C ALA C 462 -21.21 -25.16 4.15
N VAL C 463 -21.59 -26.36 4.57
CA VAL C 463 -22.84 -26.99 4.11
C VAL C 463 -24.02 -26.51 4.95
N SER D 2 -41.32 -22.02 -20.91
CA SER D 2 -39.95 -21.79 -20.48
C SER D 2 -39.52 -20.36 -20.75
N SER D 3 -38.82 -19.77 -19.77
CA SER D 3 -38.28 -18.42 -19.94
C SER D 3 -37.22 -18.40 -21.04
N ARG D 4 -36.72 -19.58 -21.38
CA ARG D 4 -35.70 -19.70 -22.43
C ARG D 4 -36.28 -19.32 -23.78
N ASP D 5 -37.60 -19.30 -23.91
CA ASP D 5 -38.18 -19.01 -25.22
C ASP D 5 -37.99 -17.54 -25.55
N LEU D 6 -37.82 -16.71 -24.53
CA LEU D 6 -37.57 -15.30 -24.79
C LEU D 6 -36.20 -15.14 -25.44
N LEU D 7 -35.23 -15.89 -24.92
CA LEU D 7 -33.87 -15.87 -25.45
C LEU D 7 -33.81 -16.42 -26.88
N LEU D 8 -34.50 -17.54 -27.10
CA LEU D 8 -34.51 -18.17 -28.41
C LEU D 8 -35.15 -17.27 -29.46
N LYS D 9 -36.33 -16.73 -29.14
CA LYS D 9 -37.06 -15.85 -30.05
C LYS D 9 -36.22 -14.61 -30.39
N ALA D 10 -35.54 -14.07 -29.39
CA ALA D 10 -34.68 -12.92 -29.61
C ALA D 10 -33.55 -13.27 -30.58
N LYS D 11 -32.92 -14.42 -30.37
CA LYS D 11 -31.79 -14.84 -31.21
C LYS D 11 -32.20 -15.03 -32.67
N GLU D 12 -33.36 -15.65 -32.90
CA GLU D 12 -33.79 -15.93 -34.27
C GLU D 12 -34.17 -14.64 -35.01
N ASN D 13 -34.54 -13.61 -34.26
CA ASN D 13 -34.84 -12.31 -34.85
C ASN D 13 -33.58 -11.46 -34.98
N GLY D 14 -32.43 -12.12 -34.97
CA GLY D 14 -31.15 -11.45 -35.07
C GLY D 14 -30.96 -10.38 -34.00
N ARG D 15 -31.72 -10.51 -32.93
CA ARG D 15 -31.65 -9.49 -31.89
C ARG D 15 -30.51 -9.83 -30.95
N LYS D 16 -29.66 -8.83 -30.71
CA LYS D 16 -28.48 -8.98 -29.88
C LYS D 16 -28.71 -8.48 -28.44
N SER D 17 -29.97 -8.24 -28.09
CA SER D 17 -30.32 -7.71 -26.78
C SER D 17 -31.81 -7.95 -26.52
N LEU D 18 -32.22 -7.96 -25.26
CA LEU D 18 -33.62 -8.15 -24.91
C LEU D 18 -34.30 -6.82 -24.61
N LEU D 19 -35.57 -6.73 -24.98
CA LEU D 19 -36.37 -5.55 -24.68
C LEU D 19 -36.65 -5.51 -23.19
N GLU D 20 -36.72 -4.29 -22.64
CA GLU D 20 -36.83 -4.06 -21.21
C GLU D 20 -37.86 -4.98 -20.52
N HIS D 21 -39.04 -5.12 -21.11
CA HIS D 21 -40.08 -5.94 -20.49
C HIS D 21 -39.73 -7.43 -20.56
N GLU D 22 -39.11 -7.85 -21.66
CA GLU D 22 -38.65 -9.24 -21.80
C GLU D 22 -37.58 -9.55 -20.74
N ALA D 23 -36.64 -8.62 -20.58
CA ALA D 23 -35.57 -8.78 -19.61
C ALA D 23 -36.14 -8.92 -18.21
N LYS D 24 -37.17 -8.12 -17.92
CA LYS D 24 -37.78 -8.15 -16.61
C LYS D 24 -38.54 -9.45 -16.35
N TYR D 25 -39.24 -9.96 -17.37
CA TYR D 25 -39.91 -11.24 -17.23
C TYR D 25 -38.89 -12.35 -16.98
N PHE D 26 -37.81 -12.35 -17.75
CA PHE D 26 -36.78 -13.38 -17.64
C PHE D 26 -36.07 -13.34 -16.29
N ILE D 27 -35.84 -12.14 -15.79
CA ILE D 27 -35.18 -11.98 -14.50
C ILE D 27 -36.12 -12.44 -13.38
N SER D 28 -37.40 -12.09 -13.52
CA SER D 28 -38.39 -12.42 -12.52
C SER D 28 -38.60 -13.92 -12.39
N SER D 29 -38.44 -14.63 -13.51
CA SER D 29 -38.63 -16.09 -13.50
C SER D 29 -37.51 -16.80 -12.74
N TYR D 30 -36.49 -16.04 -12.33
CA TYR D 30 -35.40 -16.59 -11.53
C TYR D 30 -35.51 -16.18 -10.06
N GLY D 31 -36.57 -15.46 -9.72
CA GLY D 31 -36.84 -15.12 -8.34
C GLY D 31 -36.25 -13.79 -7.89
N ILE D 32 -35.91 -12.93 -8.84
CA ILE D 32 -35.43 -11.60 -8.53
C ILE D 32 -36.57 -10.58 -8.63
N PRO D 33 -36.90 -9.88 -7.53
CA PRO D 33 -38.02 -8.94 -7.61
C PRO D 33 -37.82 -7.84 -8.65
N VAL D 34 -38.91 -7.53 -9.37
CA VAL D 34 -38.89 -6.52 -10.41
C VAL D 34 -40.17 -5.69 -10.36
N THR D 35 -40.08 -4.42 -10.73
CA THR D 35 -41.28 -3.60 -10.85
C THR D 35 -42.19 -4.22 -11.91
N ASN D 36 -43.38 -4.68 -11.48
CA ASN D 36 -44.32 -5.32 -12.39
C ASN D 36 -44.67 -4.46 -13.62
N ILE D 37 -44.67 -5.13 -14.77
CA ILE D 37 -44.87 -4.49 -16.08
C ILE D 37 -46.03 -5.13 -16.83
N ARG D 38 -46.63 -4.36 -17.73
CA ARG D 38 -47.62 -4.88 -18.66
C ARG D 38 -47.39 -4.28 -20.05
N LEU D 39 -47.76 -5.04 -21.07
CA LEU D 39 -47.66 -4.59 -22.46
C LEU D 39 -49.04 -4.32 -23.05
N GLU D 44 -55.10 4.21 -24.58
CA GLU D 44 -56.16 3.60 -23.79
C GLU D 44 -55.69 2.30 -23.15
N GLU D 45 -54.98 1.50 -23.94
CA GLU D 45 -54.41 0.25 -23.43
C GLU D 45 -53.50 0.53 -22.24
N ALA D 46 -52.76 1.64 -22.33
CA ALA D 46 -51.84 2.04 -21.27
C ALA D 46 -52.57 2.28 -19.95
N VAL D 47 -53.60 3.12 -19.98
CA VAL D 47 -54.40 3.44 -18.80
C VAL D 47 -54.95 2.19 -18.12
N ASN D 48 -55.46 1.25 -18.93
CA ASN D 48 -56.04 0.03 -18.40
C ASN D 48 -55.02 -0.73 -17.54
N PHE D 49 -53.83 -0.93 -18.09
CA PHE D 49 -52.76 -1.57 -17.33
C PHE D 49 -52.29 -0.70 -16.18
N SER D 50 -52.41 0.62 -16.32
CA SER D 50 -52.02 1.55 -15.26
C SER D 50 -52.86 1.28 -14.01
N ARG D 51 -54.15 1.04 -14.21
CA ARG D 51 -55.04 0.74 -13.09
C ARG D 51 -54.81 -0.69 -12.60
N GLU D 52 -54.37 -1.56 -13.50
CA GLU D 52 -54.07 -2.95 -13.15
C GLU D 52 -52.79 -3.07 -12.31
N ILE D 53 -51.91 -2.08 -12.44
CA ILE D 53 -50.63 -2.07 -11.73
C ILE D 53 -50.71 -1.25 -10.45
N GLY D 54 -51.48 -0.17 -10.48
CA GLY D 54 -51.60 0.72 -9.33
C GLY D 54 -50.70 1.93 -9.47
N PHE D 55 -51.16 3.06 -8.94
CA PHE D 55 -50.46 4.33 -9.06
C PHE D 55 -49.49 4.56 -7.89
N PRO D 56 -48.46 5.40 -8.10
CA PRO D 56 -48.14 6.07 -9.37
C PRO D 56 -47.40 5.17 -10.36
N VAL D 57 -47.48 5.51 -11.64
CA VAL D 57 -46.88 4.69 -12.69
C VAL D 57 -45.90 5.49 -13.55
N VAL D 58 -45.14 4.77 -14.37
CA VAL D 58 -44.17 5.39 -15.27
C VAL D 58 -44.33 4.83 -16.67
N LEU D 59 -44.27 5.69 -17.67
CA LEU D 59 -44.41 5.28 -19.06
C LEU D 59 -43.16 5.59 -19.85
N LYS D 60 -42.68 4.60 -20.59
CA LYS D 60 -41.51 4.77 -21.46
C LYS D 60 -41.84 4.27 -22.85
N ILE D 61 -41.49 5.04 -23.87
CA ILE D 61 -41.73 4.58 -25.23
C ILE D 61 -40.86 3.36 -25.48
N VAL D 62 -41.38 2.45 -26.29
CA VAL D 62 -40.65 1.26 -26.71
C VAL D 62 -40.49 1.30 -28.22
N SER D 63 -39.38 1.87 -28.67
CA SER D 63 -39.10 2.07 -30.09
C SER D 63 -37.89 1.25 -30.50
N PRO D 64 -37.72 0.99 -31.80
CA PRO D 64 -36.56 0.18 -32.20
C PRO D 64 -35.25 0.84 -31.80
N GLN D 65 -35.19 2.16 -31.94
CA GLN D 65 -34.02 2.93 -31.54
C GLN D 65 -34.27 3.67 -30.23
N VAL D 66 -33.85 3.10 -29.10
CA VAL D 66 -33.99 3.80 -27.83
C VAL D 66 -32.59 4.09 -27.28
N VAL D 67 -31.98 5.15 -27.80
CA VAL D 67 -30.61 5.50 -27.44
C VAL D 67 -30.54 6.18 -26.06
N HIS D 68 -31.23 7.30 -25.90
CA HIS D 68 -31.25 8.02 -24.62
C HIS D 68 -32.61 8.68 -24.47
N LYS D 69 -33.53 8.00 -23.80
CA LYS D 69 -34.92 8.44 -23.75
C LYS D 69 -35.09 9.81 -23.10
N SER D 70 -34.56 9.97 -21.89
CA SER D 70 -34.68 11.22 -21.14
C SER D 70 -34.34 12.42 -22.01
N ASP D 71 -33.35 12.25 -22.88
CA ASP D 71 -32.92 13.31 -23.78
C ASP D 71 -33.97 13.59 -24.86
N VAL D 72 -34.75 12.57 -25.21
CA VAL D 72 -35.76 12.71 -26.27
C VAL D 72 -37.16 12.99 -25.70
N GLY D 73 -37.30 12.95 -24.37
CA GLY D 73 -38.57 13.21 -23.74
C GLY D 73 -39.61 12.16 -24.08
N GLY D 74 -39.18 10.90 -24.17
CA GLY D 74 -40.06 9.79 -24.50
C GLY D 74 -40.49 9.00 -23.28
N VAL D 75 -40.31 9.59 -22.10
CA VAL D 75 -40.64 8.95 -20.83
C VAL D 75 -41.30 9.94 -19.89
N LYS D 76 -42.38 9.51 -19.26
CA LYS D 76 -43.12 10.34 -18.31
C LYS D 76 -43.16 9.67 -16.94
N VAL D 77 -42.72 10.43 -15.93
CA VAL D 77 -42.52 9.89 -14.59
C VAL D 77 -43.61 10.34 -13.62
N ASN D 78 -43.89 9.49 -12.65
CA ASN D 78 -44.84 9.78 -11.57
C ASN D 78 -46.21 10.21 -12.08
N LEU D 79 -46.93 9.27 -12.69
CA LEU D 79 -48.29 9.52 -13.15
C LEU D 79 -49.27 8.93 -12.15
N ARG D 80 -50.13 9.79 -11.60
CA ARG D 80 -50.95 9.43 -10.43
C ARG D 80 -52.43 9.29 -10.76
N SER D 81 -52.86 9.86 -11.88
CA SER D 81 -54.27 9.86 -12.27
C SER D 81 -54.44 9.47 -13.74
N GLU D 82 -55.61 8.92 -14.07
CA GLU D 82 -55.93 8.55 -15.44
C GLU D 82 -55.66 9.68 -16.42
N GLU D 83 -56.15 10.86 -16.09
CA GLU D 83 -56.01 12.01 -16.97
C GLU D 83 -54.54 12.34 -17.15
N GLU D 84 -53.80 12.38 -16.04
CA GLU D 84 -52.38 12.69 -16.07
C GLU D 84 -51.60 11.65 -16.88
N VAL D 85 -52.06 10.40 -16.84
CA VAL D 85 -51.42 9.32 -17.61
C VAL D 85 -51.66 9.50 -19.09
N ARG D 86 -52.90 9.85 -19.43
CA ARG D 86 -53.32 10.01 -20.81
C ARG D 86 -52.56 11.12 -21.50
N LYS D 87 -52.15 12.15 -20.75
CA LYS D 87 -51.37 13.23 -21.34
C LYS D 87 -50.14 12.66 -22.01
N ALA D 88 -49.37 11.89 -21.26
CA ALA D 88 -48.08 11.36 -21.73
C ALA D 88 -48.23 10.37 -22.87
N TYR D 89 -49.22 9.48 -22.78
CA TYR D 89 -49.41 8.43 -23.78
C TYR D 89 -49.47 9.04 -25.19
N ARG D 90 -50.18 10.14 -25.34
CA ARG D 90 -50.23 10.86 -26.61
C ARG D 90 -49.03 11.82 -26.77
N GLU D 91 -48.68 12.50 -25.68
CA GLU D 91 -47.68 13.58 -25.70
C GLU D 91 -46.25 13.16 -26.03
N ILE D 92 -45.84 12.00 -25.55
CA ILE D 92 -44.50 11.49 -25.78
C ILE D 92 -44.28 11.19 -27.26
N ILE D 93 -45.33 10.72 -27.90
CA ILE D 93 -45.29 10.26 -29.29
C ILE D 93 -44.66 11.28 -30.25
N GLU D 94 -45.14 12.52 -30.21
CA GLU D 94 -44.65 13.55 -31.12
C GLU D 94 -43.15 13.75 -30.96
N ASN D 95 -42.65 13.63 -29.73
CA ASN D 95 -41.23 13.73 -29.45
C ASN D 95 -40.43 12.59 -30.09
N ILE D 108 -46.98 1.32 -25.44
CA ILE D 108 -48.05 0.78 -24.61
C ILE D 108 -47.48 0.03 -23.39
N LEU D 109 -46.23 0.36 -23.03
CA LEU D 109 -45.55 -0.32 -21.93
C LEU D 109 -45.66 0.50 -20.65
N VAL D 110 -46.34 -0.06 -19.65
CA VAL D 110 -46.56 0.58 -18.35
C VAL D 110 -45.70 -0.03 -17.26
N GLN D 111 -45.14 0.82 -16.40
CA GLN D 111 -44.25 0.35 -15.34
C GLN D 111 -44.55 0.98 -13.99
N GLU D 112 -44.48 0.16 -12.94
CA GLU D 112 -44.68 0.60 -11.56
C GLU D 112 -43.68 1.70 -11.18
N PHE D 113 -44.11 2.64 -10.34
CA PHE D 113 -43.21 3.69 -9.86
C PHE D 113 -42.47 3.22 -8.62
N ALA D 114 -41.15 3.40 -8.63
CA ALA D 114 -40.30 2.99 -7.52
C ALA D 114 -39.98 4.20 -6.63
N PRO D 115 -40.50 4.22 -5.39
CA PRO D 115 -40.18 5.36 -4.52
C PRO D 115 -38.69 5.49 -4.27
N PRO D 116 -38.21 6.68 -3.88
CA PRO D 116 -36.78 6.90 -3.69
C PRO D 116 -36.16 5.96 -2.67
N GLY D 117 -34.90 5.61 -2.89
CA GLY D 117 -34.18 4.73 -1.98
C GLY D 117 -32.74 4.53 -2.41
N VAL D 118 -32.03 3.66 -1.72
CA VAL D 118 -30.62 3.41 -2.04
C VAL D 118 -30.51 2.74 -3.40
N GLU D 119 -29.93 3.45 -4.36
CA GLU D 119 -29.72 2.91 -5.70
C GLU D 119 -28.47 2.03 -5.78
N LEU D 120 -28.67 0.78 -6.19
CA LEU D 120 -27.58 -0.19 -6.32
C LEU D 120 -27.47 -0.71 -7.74
N ILE D 121 -26.32 -1.30 -8.08
CA ILE D 121 -26.13 -1.96 -9.36
C ILE D 121 -25.71 -3.40 -9.14
N ILE D 122 -26.28 -4.29 -9.95
CA ILE D 122 -25.90 -5.70 -9.98
C ILE D 122 -25.60 -6.09 -11.41
N GLY D 123 -24.35 -6.45 -11.68
CA GLY D 123 -23.91 -6.79 -13.02
C GLY D 123 -23.54 -8.24 -13.18
N LEU D 124 -23.44 -8.68 -14.43
CA LEU D 124 -23.03 -10.03 -14.77
C LEU D 124 -22.24 -10.01 -16.07
N LEU D 125 -20.98 -10.41 -16.02
CA LEU D 125 -20.08 -10.35 -17.17
C LEU D 125 -19.32 -11.65 -17.41
N ARG D 126 -18.96 -11.89 -18.67
CA ARG D 126 -18.17 -13.07 -19.05
C ARG D 126 -16.68 -12.78 -19.10
N ASP D 127 -15.93 -13.33 -18.15
CA ASP D 127 -14.47 -13.22 -18.16
C ASP D 127 -13.89 -14.39 -18.97
N PRO D 128 -12.79 -14.14 -19.70
CA PRO D 128 -12.19 -15.25 -20.46
C PRO D 128 -11.68 -16.39 -19.58
N GLN D 129 -11.15 -16.06 -18.41
CA GLN D 129 -10.58 -17.06 -17.52
C GLN D 129 -11.61 -17.76 -16.65
N PHE D 130 -12.37 -16.96 -15.90
CA PHE D 130 -13.25 -17.48 -14.86
C PHE D 130 -14.70 -17.62 -15.30
N GLY D 131 -15.06 -16.99 -16.42
CA GLY D 131 -16.41 -17.11 -16.92
C GLY D 131 -17.36 -16.22 -16.14
N PRO D 132 -18.62 -16.66 -15.95
CA PRO D 132 -19.66 -15.85 -15.30
C PRO D 132 -19.21 -15.18 -14.01
N THR D 133 -19.23 -13.86 -14.00
CA THR D 133 -18.78 -13.06 -12.86
C THR D 133 -19.85 -12.04 -12.49
N VAL D 134 -20.07 -11.89 -11.19
CA VAL D 134 -21.09 -10.98 -10.68
C VAL D 134 -20.44 -9.70 -10.16
N MSE D 135 -21.06 -8.57 -10.47
CA MSE D 135 -20.60 -7.28 -9.95
C MSE D 135 -21.66 -6.66 -9.05
O MSE D 135 -22.86 -6.82 -9.29
CB MSE D 135 -20.27 -6.31 -11.08
CG MSE D 135 -19.69 -4.98 -10.58
SE MSE D 135 -19.30 -3.71 -11.99
CE MSE D 135 -21.03 -2.82 -12.11
H MSE D 135 -21.74 -8.51 -10.98
HA MSE D 135 -19.80 -7.42 -9.42
HB2 MSE D 135 -19.61 -6.73 -11.66
HB3 MSE D 135 -21.07 -6.12 -11.58
HG2 MSE D 135 -20.33 -4.58 -9.98
HG3 MSE D 135 -18.87 -5.17 -10.10
HE1 MSE D 135 -20.98 -2.13 -12.79
HE2 MSE D 135 -21.70 -3.48 -12.34
HE3 MSE D 135 -21.24 -2.43 -11.25
N PHE D 136 -21.21 -5.97 -8.02
CA PHE D 136 -22.10 -5.25 -7.11
C PHE D 136 -21.51 -3.91 -6.72
N GLY D 137 -22.38 -2.98 -6.33
CA GLY D 137 -21.95 -1.69 -5.83
C GLY D 137 -23.05 -0.66 -5.95
N LEU D 138 -22.80 0.54 -5.44
CA LEU D 138 -23.79 1.60 -5.54
C LEU D 138 -24.00 1.98 -7.01
N GLY D 139 -25.26 2.03 -7.40
CA GLY D 139 -25.63 2.34 -8.77
C GLY D 139 -25.96 3.81 -8.95
N GLY D 140 -27.02 4.08 -9.71
CA GLY D 140 -27.41 5.44 -10.02
C GLY D 140 -26.69 5.97 -11.24
N VAL D 141 -26.43 7.27 -11.27
CA VAL D 141 -25.77 7.90 -12.40
C VAL D 141 -24.24 7.95 -12.22
N PHE D 142 -23.79 7.89 -10.97
CA PHE D 142 -22.37 8.05 -10.65
C PHE D 142 -21.72 6.69 -10.39
N VAL D 143 -22.17 5.67 -11.11
CA VAL D 143 -21.67 4.32 -10.90
C VAL D 143 -20.19 4.21 -11.22
N GLU D 144 -19.86 4.52 -12.46
CA GLU D 144 -18.52 4.29 -12.99
C GLU D 144 -17.52 5.31 -12.48
N LEU D 145 -18.02 6.46 -12.04
CA LEU D 145 -17.18 7.54 -11.50
C LEU D 145 -16.44 7.14 -10.25
N PHE D 146 -17.18 6.65 -9.26
CA PHE D 146 -16.57 6.26 -8.00
C PHE D 146 -15.98 4.88 -8.19
N ARG D 147 -16.60 4.11 -9.08
CA ARG D 147 -16.15 2.75 -9.36
C ARG D 147 -16.07 1.91 -8.08
N ASP D 148 -16.88 2.29 -7.08
CA ASP D 148 -16.89 1.56 -5.82
C ASP D 148 -17.66 0.26 -5.98
N VAL D 149 -16.98 -0.77 -6.44
CA VAL D 149 -17.63 -2.03 -6.78
C VAL D 149 -16.83 -3.21 -6.28
N SER D 150 -17.45 -4.39 -6.34
CA SER D 150 -16.78 -5.63 -5.96
C SER D 150 -17.17 -6.70 -6.96
N PHE D 151 -16.32 -7.71 -7.10
CA PHE D 151 -16.54 -8.79 -8.06
C PHE D 151 -16.47 -10.15 -7.38
N ARG D 152 -17.24 -11.10 -7.89
CA ARG D 152 -17.16 -12.48 -7.43
C ARG D 152 -17.49 -13.41 -8.59
N VAL D 153 -16.73 -14.50 -8.71
CA VAL D 153 -16.96 -15.48 -9.75
C VAL D 153 -18.09 -16.40 -9.36
N ALA D 154 -19.04 -16.60 -10.28
CA ALA D 154 -20.19 -17.45 -10.02
C ALA D 154 -19.82 -18.92 -10.18
N PRO D 155 -20.57 -19.82 -9.52
CA PRO D 155 -21.70 -19.54 -8.61
C PRO D 155 -21.25 -18.94 -7.28
N LEU D 156 -22.10 -18.11 -6.69
CA LEU D 156 -21.80 -17.43 -5.45
C LEU D 156 -22.34 -18.16 -4.24
N SER D 157 -21.49 -18.39 -3.25
CA SER D 157 -21.95 -18.87 -1.95
C SER D 157 -22.52 -17.69 -1.19
N GLU D 158 -23.22 -17.97 -0.11
CA GLU D 158 -23.78 -16.92 0.73
C GLU D 158 -22.65 -16.07 1.31
N GLN D 159 -21.51 -16.71 1.55
CA GLN D 159 -20.32 -16.02 2.04
C GLN D 159 -19.82 -15.02 0.98
N ASP D 160 -19.68 -15.50 -0.25
CA ASP D 160 -19.25 -14.65 -1.37
C ASP D 160 -20.14 -13.41 -1.47
N ALA D 161 -21.46 -13.63 -1.48
CA ALA D 161 -22.41 -12.54 -1.63
C ALA D 161 -22.37 -11.59 -0.45
N GLU D 162 -22.20 -12.16 0.75
CA GLU D 162 -22.18 -11.37 1.97
C GLU D 162 -20.92 -10.49 2.05
N SER D 163 -19.80 -11.03 1.57
CA SER D 163 -18.52 -10.35 1.68
C SER D 163 -18.36 -9.24 0.65
N MSE D 164 -18.84 -9.49 -0.57
CA MSE D 164 -18.68 -8.53 -1.66
C MSE D 164 -19.52 -7.29 -1.41
O MSE D 164 -19.30 -6.25 -2.04
CB MSE D 164 -19.05 -9.16 -3.00
CG MSE D 164 -20.54 -9.17 -3.31
SE MSE D 164 -20.94 -10.20 -4.93
CE MSE D 164 -20.13 -9.04 -6.27
H MSE D 164 -19.26 -10.21 -0.79
HA MSE D 164 -17.74 -8.28 -1.71
HB2 MSE D 164 -18.60 -8.68 -3.71
HB3 MSE D 164 -18.74 -10.09 -3.01
HG2 MSE D 164 -21.02 -9.57 -2.57
HG3 MSE D 164 -20.84 -8.26 -3.45
HE1 MSE D 164 -20.25 -9.43 -7.15
HE2 MSE D 164 -20.55 -8.16 -6.24
HE3 MSE D 164 -19.18 -8.95 -6.08
N ILE D 165 -20.47 -7.38 -0.49
CA ILE D 165 -21.30 -6.24 -0.11
C ILE D 165 -20.59 -5.40 0.94
N LYS D 166 -19.97 -6.06 1.92
CA LYS D 166 -19.27 -5.37 2.99
C LYS D 166 -18.00 -4.70 2.49
N GLU D 167 -17.56 -5.10 1.28
CA GLU D 167 -16.29 -4.63 0.75
C GLU D 167 -16.35 -3.22 0.15
N VAL D 168 -17.49 -2.85 -0.43
CA VAL D 168 -17.61 -1.55 -1.09
C VAL D 168 -17.67 -0.40 -0.08
N LYS D 169 -17.03 0.70 -0.44
CA LYS D 169 -16.93 1.88 0.44
C LYS D 169 -18.30 2.37 0.85
N ALA D 170 -19.23 2.34 -0.10
CA ALA D 170 -20.57 2.87 0.13
C ALA D 170 -21.44 1.97 0.98
N TYR D 171 -20.94 0.78 1.32
CA TYR D 171 -21.67 -0.16 2.18
C TYR D 171 -22.34 0.50 3.39
N LYS D 172 -21.80 1.62 3.85
CA LYS D 172 -22.29 2.28 5.04
C LYS D 172 -23.74 2.77 4.86
N LEU D 173 -24.11 3.05 3.61
CA LEU D 173 -25.46 3.50 3.28
C LEU D 173 -26.51 2.44 3.64
N LEU D 174 -26.08 1.19 3.74
CA LEU D 174 -27.02 0.08 3.90
C LEU D 174 -27.26 -0.26 5.37
N THR D 175 -26.50 0.36 6.26
CA THR D 175 -26.57 0.07 7.70
C THR D 175 -27.08 1.24 8.50
N GLY D 176 -27.70 2.21 7.82
CA GLY D 176 -28.27 3.37 8.48
C GLY D 176 -27.26 4.49 8.58
N PHE D 177 -27.44 5.49 7.72
CA PHE D 177 -26.54 6.63 7.61
C PHE D 177 -27.31 7.94 7.70
N ARG D 178 -26.85 8.85 8.54
CA ARG D 178 -27.56 10.12 8.78
C ARG D 178 -28.95 9.82 9.33
N GLY D 179 -29.04 8.85 10.22
CA GLY D 179 -30.32 8.45 10.79
C GLY D 179 -31.22 7.72 9.81
N MSE D 180 -30.77 7.56 8.57
CA MSE D 180 -31.53 6.83 7.57
C MSE D 180 -31.76 5.41 8.03
O MSE D 180 -30.97 4.87 8.81
CB MSE D 180 -30.81 6.85 6.22
CG MSE D 180 -31.46 6.01 5.14
SE MSE D 180 -30.83 6.50 3.37
CE MSE D 180 -28.90 6.46 3.69
H MSE D 180 -30.02 7.87 8.29
HA MSE D 180 -32.40 7.27 7.46
HB2 MSE D 180 -30.78 7.76 5.90
HB3 MSE D 180 -29.91 6.51 6.35
HG2 MSE D 180 -31.26 5.08 5.29
HG3 MSE D 180 -32.42 6.14 5.17
HE1 MSE D 180 -28.43 6.70 2.87
HE2 MSE D 180 -28.69 7.11 4.38
HE3 MSE D 180 -28.64 5.57 3.98
N GLU D 181 -32.84 4.79 7.56
CA GLU D 181 -33.19 3.45 7.99
C GLU D 181 -32.36 2.41 7.24
N PRO D 182 -31.79 1.42 7.96
CA PRO D 182 -31.01 0.39 7.28
C PRO D 182 -31.83 -0.42 6.29
N VAL D 183 -31.21 -0.85 5.19
CA VAL D 183 -31.91 -1.58 4.14
C VAL D 183 -31.86 -3.09 4.32
N ASP D 184 -32.63 -3.83 3.51
CA ASP D 184 -32.65 -5.28 3.59
C ASP D 184 -31.42 -5.88 2.91
N ILE D 185 -30.42 -6.28 3.71
CA ILE D 185 -29.19 -6.84 3.14
C ILE D 185 -29.39 -8.26 2.60
N GLU D 186 -30.26 -9.03 3.26
CA GLU D 186 -30.50 -10.40 2.87
C GLU D 186 -31.10 -10.49 1.47
N ALA D 187 -32.00 -9.56 1.15
CA ALA D 187 -32.61 -9.50 -0.17
C ALA D 187 -31.54 -9.29 -1.24
N ILE D 188 -30.60 -8.40 -0.95
CA ILE D 188 -29.51 -8.11 -1.88
C ILE D 188 -28.67 -9.37 -2.12
N LYS D 189 -28.34 -10.06 -1.04
CA LYS D 189 -27.54 -11.28 -1.13
C LYS D 189 -28.23 -12.31 -2.02
N ASP D 190 -29.53 -12.50 -1.80
CA ASP D 190 -30.30 -13.47 -2.57
C ASP D 190 -30.31 -13.09 -4.06
N ALA D 191 -30.45 -11.80 -4.33
CA ALA D 191 -30.45 -11.32 -5.70
C ALA D 191 -29.11 -11.60 -6.37
N LEU D 192 -28.01 -11.41 -5.63
CA LEU D 192 -26.68 -11.64 -6.16
C LEU D 192 -26.45 -13.10 -6.51
N ILE D 193 -26.85 -13.99 -5.60
CA ILE D 193 -26.70 -15.42 -5.81
C ILE D 193 -27.50 -15.86 -7.03
N ARG D 194 -28.73 -15.37 -7.15
CA ARG D 194 -29.58 -15.72 -8.27
C ARG D 194 -29.02 -15.18 -9.59
N ALA D 195 -28.45 -13.97 -9.53
CA ALA D 195 -27.82 -13.37 -10.70
C ALA D 195 -26.70 -14.27 -11.22
N GLY D 196 -25.89 -14.78 -10.29
CA GLY D 196 -24.82 -15.69 -10.63
C GLY D 196 -25.35 -16.94 -11.33
N ARG D 197 -26.46 -17.47 -10.82
CA ARG D 197 -27.07 -18.67 -11.40
C ARG D 197 -27.51 -18.41 -12.85
N ILE D 198 -28.05 -17.22 -13.11
CA ILE D 198 -28.43 -16.85 -14.48
C ILE D 198 -27.22 -16.94 -15.39
N GLY D 199 -26.09 -16.43 -14.92
CA GLY D 199 -24.87 -16.44 -15.69
C GLY D 199 -24.39 -17.84 -16.02
N VAL D 200 -24.35 -18.71 -15.02
CA VAL D 200 -23.86 -20.07 -15.20
C VAL D 200 -24.74 -20.89 -16.15
N GLU D 201 -26.06 -20.74 -16.02
CA GLU D 201 -27.00 -21.61 -16.73
C GLU D 201 -27.30 -21.16 -18.16
N ASN D 202 -27.04 -19.88 -18.47
CA ASN D 202 -27.40 -19.32 -19.78
C ASN D 202 -26.20 -18.83 -20.60
N GLU D 203 -25.70 -19.68 -21.49
CA GLU D 203 -24.49 -19.36 -22.27
C GLU D 203 -24.70 -18.24 -23.27
N GLU D 204 -25.94 -18.00 -23.68
CA GLU D 204 -26.24 -17.00 -24.70
C GLU D 204 -26.24 -15.60 -24.13
N ILE D 205 -26.20 -15.49 -22.80
CA ILE D 205 -26.12 -14.18 -22.15
C ILE D 205 -24.65 -13.77 -22.08
N ALA D 206 -24.32 -12.62 -22.67
CA ALA D 206 -22.96 -12.11 -22.66
C ALA D 206 -22.77 -11.16 -21.48
N GLU D 207 -23.64 -10.17 -21.39
CA GLU D 207 -23.60 -9.19 -20.31
C GLU D 207 -25.00 -8.95 -19.77
N MSE D 208 -25.08 -8.54 -18.50
CA MSE D 208 -26.35 -8.17 -17.91
C MSE D 208 -26.16 -7.02 -16.93
O MSE D 208 -25.17 -6.97 -16.21
CB MSE D 208 -26.99 -9.36 -17.19
CG MSE D 208 -28.31 -9.03 -16.51
SE MSE D 208 -29.21 -10.61 -15.81
CE MSE D 208 -28.71 -10.44 -13.93
H MSE D 208 -24.41 -8.48 -17.97
HA MSE D 208 -26.95 -7.89 -18.61
HB2 MSE D 208 -27.16 -10.05 -17.84
HB3 MSE D 208 -26.38 -9.68 -16.52
HG2 MSE D 208 -28.13 -8.43 -15.76
HG3 MSE D 208 -28.90 -8.60 -17.14
HE1 MSE D 208 -29.09 -11.19 -13.44
HE2 MSE D 208 -27.74 -10.48 -13.85
HE3 MSE D 208 -29.04 -9.61 -13.58
N ASP D 209 -27.11 -6.09 -16.94
CA ASP D 209 -27.04 -4.90 -16.13
C ASP D 209 -28.37 -4.66 -15.43
N LEU D 210 -28.39 -4.86 -14.12
CA LEU D 210 -29.53 -4.47 -13.30
C LEU D 210 -29.24 -3.12 -12.68
N ASN D 211 -29.72 -2.06 -13.31
CA ASN D 211 -29.37 -0.71 -12.89
C ASN D 211 -30.47 0.29 -13.26
N PRO D 212 -31.10 0.93 -12.27
CA PRO D 212 -30.87 0.81 -10.81
C PRO D 212 -31.66 -0.31 -10.16
N VAL D 213 -31.18 -0.75 -9.01
CA VAL D 213 -31.88 -1.70 -8.15
C VAL D 213 -32.14 -1.03 -6.82
N ILE D 214 -33.37 -0.58 -6.60
CA ILE D 214 -33.66 0.17 -5.38
C ILE D 214 -33.75 -0.78 -4.19
N ALA D 215 -32.96 -0.52 -3.17
CA ALA D 215 -33.02 -1.28 -1.92
C ALA D 215 -33.80 -0.51 -0.86
N TYR D 216 -34.84 -1.14 -0.34
CA TYR D 216 -35.68 -0.53 0.69
C TYR D 216 -35.47 -1.25 2.03
N PRO D 217 -35.98 -0.67 3.13
CA PRO D 217 -35.91 -1.34 4.44
C PRO D 217 -36.37 -2.80 4.40
N LYS D 218 -37.29 -3.11 3.50
CA LYS D 218 -37.72 -4.49 3.31
C LYS D 218 -37.77 -4.83 1.82
N GLY D 219 -36.90 -5.74 1.41
CA GLY D 219 -36.86 -6.19 0.03
C GLY D 219 -36.23 -5.17 -0.91
N ILE D 220 -36.11 -5.55 -2.17
CA ILE D 220 -35.53 -4.70 -3.20
C ILE D 220 -36.38 -4.77 -4.45
N LYS D 221 -36.11 -3.90 -5.42
CA LYS D 221 -36.86 -3.92 -6.68
C LYS D 221 -36.00 -3.48 -7.86
N VAL D 222 -35.98 -4.30 -8.91
CA VAL D 222 -35.23 -3.94 -10.10
C VAL D 222 -36.02 -2.95 -10.94
N VAL D 223 -35.54 -1.71 -11.01
CA VAL D 223 -36.23 -0.67 -11.77
C VAL D 223 -36.01 -0.80 -13.27
N ASP D 224 -34.78 -1.05 -13.67
CA ASP D 224 -34.44 -1.16 -15.09
C ASP D 224 -33.40 -2.25 -15.32
N ALA D 225 -33.60 -3.05 -16.36
CA ALA D 225 -32.72 -4.18 -16.67
C ALA D 225 -32.25 -4.15 -18.11
N ARG D 226 -31.06 -4.70 -18.33
CA ARG D 226 -30.42 -4.72 -19.64
C ARG D 226 -29.70 -6.04 -19.84
N ILE D 227 -30.14 -6.82 -20.83
CA ILE D 227 -29.53 -8.12 -21.10
C ILE D 227 -28.98 -8.18 -22.52
N ILE D 228 -27.66 -8.27 -22.62
CA ILE D 228 -26.97 -8.33 -23.91
C ILE D 228 -26.75 -9.78 -24.29
N LEU D 229 -27.24 -10.16 -25.47
CA LEU D 229 -27.07 -11.52 -25.96
C LEU D 229 -25.80 -11.65 -26.80
N ARG D 230 -25.45 -12.90 -27.11
CA ARG D 230 -24.35 -13.17 -28.04
C ARG D 230 -24.72 -14.40 -28.87
N1A COA E . 29.87 17.17 37.50
C2A COA E . 30.70 16.18 37.18
N3A COA E . 30.58 14.87 37.40
C4A COA E . 29.44 14.60 38.04
C5A COA E . 28.48 15.51 38.44
C6A COA E . 28.72 16.86 38.15
N6A COA E . 27.88 17.85 38.47
N7A COA E . 27.42 14.86 39.08
C8A COA E . 27.77 13.60 39.05
N9A COA E . 28.99 13.36 38.44
C1B COA E . 29.65 12.08 38.25
C2B COA E . 29.24 10.98 39.23
O2B COA E . 30.14 10.94 40.33
C3B COA E . 29.37 9.74 38.35
O3B COA E . 30.77 9.36 38.27
P3B COA E . 31.56 8.48 39.37
O7A COA E . 31.83 7.09 38.89
O8A COA E . 32.84 9.26 39.64
O9A COA E . 30.70 8.49 40.65
C4B COA E . 28.93 10.24 36.98
O4B COA E . 29.36 11.62 36.94
C5B COA E . 27.45 10.18 36.70
O5B COA E . 26.73 9.88 37.91
P1A COA E . 25.96 8.48 38.07
O1A COA E . 25.09 8.39 39.27
O2A COA E . 26.98 7.35 38.07
O3A COA E . 25.06 8.31 36.76
P2A COA E . 24.82 7.10 35.76
O4A COA E . 26.00 6.90 34.89
O5A COA E . 24.52 5.83 36.57
O6A COA E . 23.50 7.53 35.00
CBP COA E . 22.65 8.79 33.11
CCP COA E . 23.59 8.79 34.32
CDP COA E . 22.59 10.21 32.54
CEP COA E . 23.20 7.84 32.05
CAP COA E . 21.23 8.34 33.54
OAP COA E . 20.67 9.19 34.52
C9P COA E . 20.31 8.26 32.32
O9P COA E . 19.74 9.27 31.91
N8P COA E . 20.19 7.06 31.75
C7P COA E . 19.42 6.85 30.54
C6P COA E . 20.27 7.04 29.31
C5P COA E . 19.44 7.16 28.06
O5P COA E . 18.62 6.29 27.75
N4P COA E . 19.65 8.25 27.32
C3P COA E . 18.99 8.47 26.04
C2P COA E . 19.59 7.60 24.95
S1P COA E . 18.25 7.36 23.76
H2A COA E . 31.61 16.50 36.66
H61A COA E . 27.01 17.67 38.95
H62A COA E . 28.10 18.81 38.23
H8A COA E . 27.17 12.80 39.47
H1B COA E . 30.72 12.28 38.28
H2B COA E . 28.22 11.09 39.60
HO2A COA E . 29.69 11.38 41.09
H3B COA E . 28.79 8.89 38.71
H4B COA E . 29.50 9.78 36.17
H51A COA E . 27.20 9.36 36.02
H52A COA E . 27.09 11.08 36.20
H121 COA E . 24.63 8.91 34.03
H122 COA E . 23.34 9.58 35.03
H131 COA E . 21.94 10.28 31.67
H132 COA E . 23.57 10.58 32.22
H133 COA E . 22.23 10.92 33.27
H141 COA E . 24.20 8.12 31.71
H142 COA E . 23.30 6.82 32.44
H143 COA E . 22.58 7.79 31.17
H10 COA E . 21.28 7.41 34.09
HO1 COA E . 20.10 8.66 35.11
HN8 COA E . 20.64 6.25 32.17
H71 COA E . 18.58 7.54 30.52
H72 COA E . 18.98 5.86 30.55
H61 COA E . 20.98 6.22 29.18
H62 COA E . 20.90 7.93 29.42
HN4 COA E . 20.30 8.95 27.63
H31 COA E . 19.05 9.52 25.77
H32 COA E . 17.92 8.26 26.14
H21 COA E . 19.93 6.63 25.32
H22 COA E . 20.45 8.06 24.47
HS1 COA E . 18.64 6.16 23.29
PG ACP F . 11.15 -15.74 -18.42
O1G ACP F . 11.55 -17.21 -18.19
O2G ACP F . 10.92 -15.02 -17.13
O3G ACP F . 12.26 -15.09 -19.28
PB ACP F . 9.88 -16.53 -21.08
O1B ACP F . 10.12 -18.03 -21.17
O2B ACP F . 11.07 -15.80 -21.76
C3B ACP F . 9.69 -15.77 -19.46
PA ACP F . 8.04 -14.74 -22.47
O1A ACP F . 6.53 -14.87 -22.71
O2A ACP F . 8.28 -13.64 -21.51
O3A ACP F . 8.57 -16.12 -21.88
O5' ACP F . 8.74 -14.49 -23.91
C5' ACP F . 8.64 -15.44 -24.99
C4' ACP F . 9.34 -14.86 -26.20
O4' ACP F . 8.53 -13.80 -26.77
C3' ACP F . 10.71 -14.23 -25.92
O3' ACP F . 11.61 -14.50 -26.99
C2' ACP F . 10.38 -12.74 -25.78
O2' ACP F . 11.49 -11.92 -26.13
C1' ACP F . 9.25 -12.59 -26.81
N9 ACP F . 8.34 -11.50 -26.54
H3B1 ACP F . 9.32 -14.75 -19.61
H3B2 ACP F . 8.83 -16.22 -18.93
H5'1 ACP F . 7.59 -15.61 -25.23
H5'2 ACP F . 9.09 -16.37 -24.66
H4' ACP F . 9.40 -15.61 -26.99
H3' ACP F . 11.16 -14.62 -25.01
H2' ACP F . 10.03 -12.52 -24.79
HO2' ACP F . 12.00 -11.82 -25.28
H1' ACP F . 9.64 -12.48 -27.82
MG MG G . 13.28 -15.43 -21.90
PG ACP H . -26.17 20.63 8.05
O1G ACP H . -27.43 21.00 8.86
O2G ACP H . -25.77 21.86 7.20
O3G ACP H . -25.05 20.16 8.93
PB ACP H . -27.94 19.85 5.67
O1B ACP H . -28.55 18.77 4.80
O2B ACP H . -27.28 20.90 4.75
C3B ACP H . -26.69 19.36 6.88
PA ACP H . -29.72 22.05 6.42
O1A ACP H . -30.61 22.26 7.64
O2A ACP H . -28.66 23.10 6.40
O3A ACP H . -29.03 20.62 6.55
O5' ACP H . -30.67 22.07 5.10
C5' ACP H . -31.60 21.00 4.86
C4' ACP H . -31.65 20.68 3.39
O4' ACP H . -32.30 21.75 2.66
C3' ACP H . -30.30 20.52 2.70
O3' ACP H . -29.79 19.20 2.88
C2' ACP H . -30.65 20.80 1.24
O2' ACP H . -31.15 19.64 0.60
C1' ACP H . -31.75 21.86 1.36
N9 ACP H . -31.26 23.23 1.19
C8 ACP H . -30.76 24.06 2.15
N7 ACP H . -30.42 25.25 1.71
C5 ACP H . -30.73 25.19 0.36
C6 ACP H . -30.60 26.14 -0.68
N6 ACP H . -30.12 27.37 -0.50
N1 ACP H . -30.98 25.76 -1.92
C2 ACP H . -31.47 24.53 -2.10
N3 ACP H . -31.64 23.56 -1.19
C4 ACP H . -31.24 23.95 0.02
H3B1 ACP H . -27.08 18.51 7.44
H3B2 ACP H . -25.83 18.93 6.38
H5'1 ACP H . -31.30 20.13 5.41
H5'2 ACP H . -32.56 21.35 5.23
H4' ACP H . -32.28 19.81 3.22
H3' ACP H . -29.56 21.22 3.08
H2' ACP H . -29.77 21.19 0.71
HO2' ACP H . -30.58 19.52 -0.20
H1' ACP H . -32.55 21.69 0.66
H8 ACP H . -30.65 23.78 3.19
HN61 ACP H . -29.82 27.72 0.40
HN62 ACP H . -30.05 28.02 -1.28
H2 ACP H . -31.75 24.32 -3.13
MG MG I . -26.53 22.88 5.54
PG ACP J . 12.97 5.07 22.23
O1G ACP J . 12.76 4.11 23.42
O2G ACP J . 14.47 5.46 22.20
O3G ACP J . 12.52 4.49 20.93
PB ACP J . 11.82 6.89 24.39
O1B ACP J . 11.63 5.50 25.08
O2B ACP J . 12.86 7.66 25.19
C3B ACP J . 12.10 6.58 22.65
PA ACP J . 9.02 7.21 25.06
O1A ACP J . 8.47 6.01 24.38
O2A ACP J . 8.06 8.38 24.91
O3A ACP J . 10.42 7.61 24.42
O5' ACP J . 9.33 6.97 26.65
C5' ACP J . 8.69 7.72 27.70
C4' ACP J . 8.45 6.79 28.87
O4' ACP J . 7.03 6.54 28.99
C3' ACP J . 9.10 5.41 28.76
O3' ACP J . 9.38 4.90 30.06
C2' ACP J . 8.01 4.61 28.03
O2' ACP J . 8.12 3.20 28.23
C1' ACP J . 6.75 5.18 28.69
N9 ACP J . 5.56 5.14 27.85
H3B1 ACP J . 12.64 7.43 22.24
H3B2 ACP J . 11.16 6.65 22.09
H5'1 ACP J . 7.74 8.11 27.36
H5'2 ACP J . 9.35 8.54 27.97
H4' ACP J . 8.72 7.28 29.80
H3' ACP J . 10.03 5.43 28.20
H2' ACP J . 8.02 4.85 26.97
HO2' ACP J . 8.05 3.07 29.20
H1' ACP J . 6.52 4.67 29.63
MG MG K . 12.19 3.28 25.40
MG MG L . 12.33 -50.36 -12.00
N1A COA M . 17.30 -39.13 -28.66
C2A COA M . 18.36 -38.93 -27.87
N3A COA M . 19.29 -37.98 -27.95
C4A COA M . 19.06 -37.17 -28.99
C5A COA M . 18.02 -37.25 -29.90
C6A COA M . 17.10 -38.31 -29.71
N6A COA M . 16.07 -38.54 -30.52
N7A COA M . 18.11 -36.25 -30.84
C8A COA M . 19.19 -35.60 -30.51
N9A COA M . 19.82 -36.09 -29.40
C1B COA M . 21.06 -35.62 -28.78
C2B COA M . 21.99 -34.84 -29.70
O2B COA M . 22.86 -35.72 -30.42
C3B COA M . 22.82 -34.08 -28.67
O3B COA M . 23.84 -34.97 -28.18
P3B COA M . 25.41 -34.85 -28.54
O7A COA M . 26.02 -33.69 -27.83
O8A COA M . 26.05 -36.19 -28.16
O9A COA M . 25.46 -34.69 -30.06
C4B COA M . 21.82 -33.81 -27.53
O4B COA M . 20.72 -34.72 -27.74
C5B COA M . 21.31 -32.39 -27.46
O5B COA M . 20.83 -32.02 -28.77
P1A COA M . 21.28 -30.64 -29.46
O1A COA M . 20.90 -30.58 -30.89
O2A COA M . 22.79 -30.49 -29.31
O3A COA M . 20.61 -29.44 -28.67
P2A COA M . 21.13 -28.51 -27.49
O4A COA M . 22.16 -27.57 -27.98
O5A COA M . 21.73 -29.39 -26.38
O6A COA M . 19.88 -27.78 -26.85
CBP COA M . 17.59 -27.65 -26.05
CCP COA M . 18.68 -28.55 -26.63
CDP COA M . 16.30 -28.46 -25.92
CEP COA M . 18.02 -27.18 -24.66
CAP COA M . 17.35 -26.44 -27.00
OAP COA M . 16.67 -26.85 -28.17
C9P COA M . 16.57 -25.32 -26.32
O9P COA M . 15.37 -25.20 -26.53
N8P COA M . 17.28 -24.52 -25.51
C7P COA M . 16.66 -23.56 -24.60
C6P COA M . 15.50 -24.17 -23.86
C5P COA M . 15.01 -23.32 -22.72
O5P COA M . 15.38 -22.16 -22.57
N4P COA M . 14.13 -23.90 -21.91
C3P COA M . 13.35 -23.19 -20.92
C2P COA M . 14.20 -22.73 -19.76
S1P COA M . 13.04 -21.74 -18.77
H2A COA M . 18.46 -39.63 -27.04
H61A COA M . 15.89 -37.97 -31.34
H62A COA M . 15.44 -39.31 -30.34
H8A COA M . 19.56 -34.73 -31.05
H1B COA M . 21.54 -36.47 -28.31
H2B COA M . 21.49 -34.18 -30.39
HO2A COA M . 22.67 -35.60 -31.38
H3B COA M . 23.28 -33.18 -29.06
H4B COA M . 22.22 -34.12 -26.57
H51A COA M . 22.11 -31.69 -27.24
H52A COA M . 20.56 -32.26 -26.68
H121 COA M . 18.95 -29.35 -25.95
H122 COA M . 18.39 -28.99 -27.58
H131 COA M . 15.95 -28.85 -26.88
H132 COA M . 15.48 -27.88 -25.51
H133 COA M . 16.44 -29.31 -25.25
H141 COA M . 18.19 -28.01 -23.98
H142 COA M . 17.28 -26.55 -24.20
H143 COA M . 18.95 -26.60 -24.70
H10 COA M . 18.29 -26.10 -27.41
HO1 COA M . 16.89 -26.22 -28.90
HN8 COA M . 18.29 -24.57 -25.52
H71 COA M . 17.42 -23.20 -23.90
H72 COA M . 16.35 -22.68 -25.16
H61 COA M . 15.76 -25.15 -23.47
H62 COA M . 14.67 -24.37 -24.54
HN4 COA M . 13.97 -24.90 -21.98
H31 COA M . 12.54 -23.81 -20.57
H32 COA M . 12.87 -22.32 -21.38
H21 COA M . 14.59 -23.55 -19.16
H22 COA M . 15.06 -22.11 -20.05
HS1 COA M . 13.08 -22.46 -17.66
PG ACP N . -30.05 4.02 -19.24
O1G ACP N . -31.52 3.55 -19.42
O2G ACP N . -29.38 3.34 -18.11
O3G ACP N . -29.33 3.82 -20.58
PB ACP N . -31.04 6.39 -17.54
O1B ACP N . -31.29 5.13 -16.64
O2B ACP N . -30.42 7.46 -16.67
C3B ACP N . -30.14 5.81 -18.99
PA ACP N . -33.94 6.32 -17.90
O1A ACP N . -33.93 4.94 -17.36
O2A ACP N . -34.63 6.31 -19.26
O3A ACP N . -32.45 6.82 -18.12
O5' ACP N . -34.76 7.36 -16.94
C5' ACP N . -34.24 8.65 -16.54
C4' ACP N . -34.16 8.72 -15.04
O4' ACP N . -35.49 8.65 -14.48
C3' ACP N . -33.40 7.58 -14.36
O3' ACP N . -32.00 7.85 -14.35
C2' ACP N . -33.99 7.61 -12.95
O2' ACP N . -33.35 8.56 -12.12
C1' ACP N . -35.45 8.02 -13.22
N9 ACP N . -36.39 6.91 -13.24
C8 ACP N . -36.67 6.07 -14.29
N7 ACP N . -37.57 5.15 -14.01
C5 ACP N . -37.91 5.40 -12.69
C6 ACP N . -38.81 4.78 -11.81
N6 ACP N . -39.56 3.72 -12.15
N1 ACP N . -38.92 5.27 -10.56
C2 ACP N . -38.16 6.32 -10.23
N3 ACP N . -37.28 7.00 -10.97
C4 ACP N . -37.20 6.48 -12.20
H3B1 ACP N . -30.60 6.26 -19.87
H3B2 ACP N . -29.14 6.25 -19.02
H5'1 ACP N . -34.89 9.43 -16.90
H5'2 ACP N . -33.26 8.76 -17.01
H4' ACP N . -33.78 9.69 -14.73
H3' ACP N . -33.56 6.62 -14.85
H2' ACP N . -33.94 6.60 -12.50
HO2' ACP N . -33.25 8.11 -11.24
H1' ACP N . -35.80 8.74 -12.48
H8 ACP N . -36.19 6.15 -15.26
HN61 ACP N . -39.54 3.30 -13.07
HN62 ACP N . -40.20 3.31 -11.47
H2 ACP N . -38.31 6.66 -9.20
MG MG O . -32.41 3.08 -16.41
#